data_9F2T
#
_entry.id   9F2T
#
_cell.length_a   83.678
_cell.length_b   84.954
_cell.length_c   86.702
_cell.angle_alpha   89.966
_cell.angle_beta   61.596
_cell.angle_gamma   66.264
#
_symmetry.space_group_name_H-M   'P 1'
#
loop_
_entity.id
_entity.type
_entity.pdbx_description
1 polymer 'Ferric-mycobactin receptor, FemA'
2 non-polymer 1,2-ETHANEDIOL
3 non-polymer 'ACETATE ION'
4 non-polymer (HYDROXYETHYLOXY)TRI(ETHYLOXY)OCTANE
5 water water
#
_entity_poly.entity_id   1
_entity_poly.type   'polypeptide(L)'
_entity_poly.pdbx_seq_one_letter_code
;GAMTPALLAAEAPAASSARSYDIAPGPLGRTLSAFASDNGVSLAFDPALTEGRRSAALRGRYAPVEALHRLLLGSGLELQ
QRSDGSYTLVPAATDGALELQSSLITAQAAGAETLPAEYAGGQVARGARLGMLGNADVMDAPFSITSYTARTIEQQQARS
VADLLQANDPSVRVVGGRGDLVDSYTIRGFSVQNADVAFNGLYGLLPFWRVPIEFAERVEVLKGPNALLGGISPGGSVGG
TINLVPKRADDQPLTRVSVDWTQRGQLGTHLDIGRRFGENNAFGVRFNGVYRNGDTAVDHQSREFPMLSLGLDFRGERLR
LSSDLLYQKESLEGVVRPLLTGPGTTHIPHAPDSKTRFGLRDSYLDQEDYSMVNRGEYDLADNLTAFASIGGRQSNYETI
AANSILVGNQGDIVNSLARQRGDRRTYSAEVGLRGNFDTGPLRHDWTLSANRLHERLGMVYAFTGMQSGNLYQTSPHTPL
PDFSSLDGSIPKTNETDLGGVALADRLSFLEDRVQVTLGVRRQQIESRNYDQTSGARTSHDKRHVWTPMASVLVKPLQDL
SLYANYIQGLSQGEAAPMTAANAGQVLAPYKAEQYEIGAKYDLGGFTTTLALFEIRKPNAYTDASNVFRADGEQRNRGVE
LSLYGEPLDGVRVMAGATYIKPEQNKTGDPASEGKDAPGVARRQANLGVSWDTPFVDGLTLDSRWIYTGSAYVDSANALA
VPHWNRVDLGAAYAFQVAGKPLVARANLENALGKDYWTAANGYLSISSPRTLSLSLTADF
;
_entity_poly.pdbx_strand_id   B,A
#
loop_
_chem_comp.id
_chem_comp.type
_chem_comp.name
_chem_comp.formula
ACT non-polymer 'ACETATE ION' 'C2 H3 O2 -1'
C8E non-polymer (HYDROXYETHYLOXY)TRI(ETHYLOXY)OCTANE 'C16 H34 O5'
EDO non-polymer 1,2-ETHANEDIOL 'C2 H6 O2'
#
# COMPACT_ATOMS: atom_id res chain seq x y z
N GLY A 111 -15.36 10.81 11.22
CA GLY A 111 -14.98 9.63 10.45
C GLY A 111 -14.78 8.40 11.31
N ALA A 112 -15.07 7.23 10.75
CA ALA A 112 -14.94 6.00 11.53
C ALA A 112 -13.50 5.73 11.96
N GLU A 113 -12.52 6.17 11.16
CA GLU A 113 -11.10 5.94 11.47
C GLU A 113 -10.43 7.17 12.03
N THR A 114 -11.18 8.22 12.34
CA THR A 114 -10.60 9.42 12.91
C THR A 114 -10.04 9.12 14.29
N LEU A 115 -8.80 9.53 14.51
CA LEU A 115 -8.18 9.36 15.81
C LEU A 115 -8.95 10.13 16.89
N PRO A 116 -9.45 9.46 17.93
CA PRO A 116 -10.18 10.18 18.96
C PRO A 116 -9.24 11.11 19.71
N ALA A 117 -9.79 12.22 20.20
CA ALA A 117 -8.94 13.18 20.87
C ALA A 117 -8.53 12.68 22.24
N GLU A 118 -7.44 13.26 22.73
CA GLU A 118 -7.01 13.04 24.10
C GLU A 118 -8.00 13.69 25.08
N TYR A 119 -8.32 12.95 26.14
CA TYR A 119 -9.07 13.49 27.26
C TYR A 119 -8.19 14.45 28.07
N ALA A 120 -8.82 15.20 28.96
CA ALA A 120 -8.09 16.05 29.90
C ALA A 120 -7.02 15.24 30.60
N GLY A 121 -5.83 15.81 30.67
CA GLY A 121 -4.68 15.14 31.23
C GLY A 121 -3.77 14.49 30.22
N GLY A 122 -4.30 14.15 29.04
CA GLY A 122 -3.49 13.58 27.98
C GLY A 122 -3.02 12.17 28.24
N GLN A 123 -3.48 11.56 29.33
CA GLN A 123 -3.05 10.21 29.64
C GLN A 123 -3.92 9.17 28.93
N VAL A 124 -5.21 9.44 28.82
CA VAL A 124 -6.14 8.59 28.11
C VAL A 124 -6.85 9.44 27.04
N ALA A 125 -7.50 8.76 26.09
CA ALA A 125 -8.30 9.38 25.04
C ALA A 125 -9.77 9.23 25.34
N ARG A 126 -10.59 10.05 24.69
CA ARG A 126 -12.04 10.06 24.90
C ARG A 126 -12.79 9.19 23.91
N GLY A 127 -12.09 8.35 23.16
CA GLY A 127 -12.73 7.44 22.22
C GLY A 127 -11.85 6.24 21.94
N ALA A 128 -12.49 5.19 21.43
CA ALA A 128 -11.77 3.96 21.12
C ALA A 128 -12.58 3.18 20.08
N ARG A 129 -11.94 2.20 19.47
CA ARG A 129 -12.56 1.47 18.38
C ARG A 129 -13.62 0.51 18.90
N LEU A 130 -14.74 0.41 18.17
CA LEU A 130 -15.75 -0.58 18.52
C LEU A 130 -15.83 -1.59 17.38
N GLY A 131 -14.67 -2.12 16.99
CA GLY A 131 -14.58 -3.10 15.91
C GLY A 131 -15.10 -2.59 14.58
N MET A 132 -15.96 -3.40 13.96
CA MET A 132 -16.55 -3.06 12.66
C MET A 132 -17.27 -1.71 12.67
N LEU A 133 -17.72 -1.26 13.85
CA LEU A 133 -18.39 0.02 13.98
C LEU A 133 -17.46 1.23 13.87
N GLY A 134 -16.16 1.05 13.94
CA GLY A 134 -15.27 2.21 13.97
C GLY A 134 -15.22 2.84 15.35
N ASN A 135 -14.52 3.97 15.42
CA ASN A 135 -14.28 4.63 16.70
C ASN A 135 -15.56 5.25 17.24
N ALA A 136 -15.76 5.15 18.55
CA ALA A 136 -16.87 5.83 19.21
C ALA A 136 -16.33 6.60 20.41
N ASP A 137 -16.90 7.77 20.67
CA ASP A 137 -16.61 8.48 21.91
C ASP A 137 -16.97 7.60 23.09
N VAL A 138 -16.19 7.69 24.17
CA VAL A 138 -16.50 6.96 25.40
C VAL A 138 -17.96 7.19 25.80
N MET A 139 -18.43 8.43 25.69
CA MET A 139 -19.79 8.74 26.10
C MET A 139 -20.87 8.22 25.14
N ASP A 140 -20.49 7.72 23.96
CA ASP A 140 -21.44 7.12 23.02
C ASP A 140 -21.25 5.62 22.90
N ALA A 141 -20.45 5.03 23.78
CA ALA A 141 -20.10 3.62 23.62
C ALA A 141 -20.77 2.84 24.74
N PRO A 142 -21.69 1.94 24.40
CA PRO A 142 -22.36 1.14 25.43
C PRO A 142 -21.51 -0.06 25.85
N PHE A 143 -20.21 0.21 26.05
CA PHE A 143 -19.24 -0.76 26.51
C PHE A 143 -18.23 -0.02 27.36
N SER A 144 -17.46 -0.76 28.14
CA SER A 144 -16.40 -0.15 28.94
C SER A 144 -15.14 -0.15 28.09
N ILE A 145 -14.78 1.01 27.55
CA ILE A 145 -13.58 1.16 26.73
C ILE A 145 -12.62 2.12 27.41
N THR A 146 -11.32 1.86 27.28
CA THR A 146 -10.27 2.75 27.77
C THR A 146 -9.18 2.81 26.73
N SER A 147 -8.74 4.01 26.38
CA SER A 147 -7.66 4.21 25.42
C SER A 147 -6.51 4.94 26.11
N TYR A 148 -5.37 4.28 26.26
CA TYR A 148 -4.16 4.89 26.79
C TYR A 148 -3.35 5.49 25.65
N THR A 149 -2.75 6.65 25.90
CA THR A 149 -2.13 7.44 24.84
C THR A 149 -0.62 7.18 24.77
N ALA A 150 -0.04 7.50 23.60
CA ALA A 150 1.42 7.51 23.47
C ALA A 150 2.08 8.32 24.57
N ARG A 151 1.43 9.40 25.02
CA ARG A 151 2.00 10.25 26.06
C ARG A 151 2.24 9.45 27.34
N THR A 152 1.26 8.64 27.72
CA THR A 152 1.43 7.75 28.87
C THR A 152 2.52 6.74 28.62
N ILE A 153 2.55 6.17 27.42
CA ILE A 153 3.54 5.15 27.10
C ILE A 153 4.95 5.70 27.31
N GLU A 154 5.21 6.89 26.78
CA GLU A 154 6.52 7.51 26.92
C GLU A 154 6.83 7.91 28.36
N GLN A 155 5.81 8.34 29.12
CA GLN A 155 6.05 8.84 30.47
C GLN A 155 6.37 7.71 31.44
N GLN A 156 5.78 6.54 31.24
CA GLN A 156 6.07 5.36 32.05
C GLN A 156 7.19 4.50 31.47
N GLN A 157 7.75 4.87 30.31
CA GLN A 157 8.74 4.04 29.63
C GLN A 157 8.24 2.61 29.43
N ALA A 158 6.93 2.44 29.23
CA ALA A 158 6.38 1.12 28.90
C ALA A 158 6.90 0.64 27.55
N ARG A 159 7.37 -0.61 27.50
CA ARG A 159 7.93 -1.17 26.27
C ARG A 159 6.99 -2.14 25.57
N SER A 160 6.07 -2.76 26.33
CA SER A 160 5.13 -3.75 25.82
C SER A 160 3.73 -3.40 26.30
N VAL A 161 2.73 -4.02 25.64
CA VAL A 161 1.34 -3.93 26.09
C VAL A 161 1.21 -4.31 27.55
N ALA A 162 1.90 -5.39 27.95
CA ALA A 162 1.87 -5.82 29.34
C ALA A 162 2.38 -4.71 30.28
N ASP A 163 3.53 -4.12 29.95
CA ASP A 163 4.07 -3.03 30.78
C ASP A 163 3.02 -1.95 31.04
N LEU A 164 2.32 -1.54 29.98
CA LEU A 164 1.36 -0.45 30.12
C LEU A 164 0.15 -0.89 30.91
N LEU A 165 -0.44 -2.03 30.56
CA LEU A 165 -1.76 -2.39 31.02
C LEU A 165 -1.76 -2.78 32.49
N GLN A 166 -0.80 -3.58 32.90
CA GLN A 166 -0.77 -3.98 34.29
C GLN A 166 -0.50 -2.78 35.21
N ALA A 167 0.25 -1.78 34.72
CA ALA A 167 0.57 -0.65 35.59
C ALA A 167 -0.63 0.28 35.78
N ASN A 168 -1.52 0.40 34.78
CA ASN A 168 -2.57 1.42 34.84
C ASN A 168 -3.99 0.89 34.96
N ASP A 169 -4.27 -0.36 34.53
CA ASP A 169 -5.66 -0.73 34.33
C ASP A 169 -6.15 -1.69 35.41
N PRO A 170 -7.23 -1.34 36.12
CA PRO A 170 -7.78 -2.24 37.15
C PRO A 170 -8.32 -3.56 36.61
N SER A 171 -8.72 -3.62 35.35
CA SER A 171 -9.27 -4.85 34.78
C SER A 171 -8.23 -5.80 34.20
N VAL A 172 -6.96 -5.41 34.10
CA VAL A 172 -5.98 -6.19 33.35
C VAL A 172 -4.85 -6.62 34.27
N ARG A 173 -4.59 -7.93 34.34
CA ARG A 173 -3.41 -8.47 35.00
C ARG A 173 -2.69 -9.43 34.06
N VAL A 174 -1.37 -9.51 34.22
CA VAL A 174 -0.48 -10.16 33.26
C VAL A 174 0.01 -11.49 33.82
N VAL A 175 -0.19 -12.57 33.06
CA VAL A 175 0.43 -13.86 33.33
C VAL A 175 1.65 -13.97 32.44
N GLY A 176 2.71 -14.58 32.96
CA GLY A 176 3.99 -14.60 32.27
C GLY A 176 4.87 -13.45 32.77
N GLY A 177 5.06 -12.45 31.94
CA GLY A 177 5.86 -11.30 32.30
C GLY A 177 7.13 -11.20 31.46
N ARG A 178 7.83 -10.09 31.67
CA ARG A 178 8.83 -9.70 30.71
C ARG A 178 10.05 -10.61 30.73
N GLY A 179 10.29 -11.36 31.81
CA GLY A 179 11.36 -12.35 31.80
C GLY A 179 11.03 -13.59 31.00
N ASP A 180 9.75 -13.80 30.71
CA ASP A 180 9.21 -14.94 29.97
C ASP A 180 9.13 -14.61 28.49
N LEU A 181 8.84 -15.63 27.69
CA LEU A 181 8.74 -15.40 26.24
C LEU A 181 7.35 -14.94 25.82
N VAL A 182 6.36 -15.07 26.69
CA VAL A 182 4.97 -14.76 26.37
C VAL A 182 4.35 -13.95 27.49
N ASP A 183 3.53 -12.96 27.13
CA ASP A 183 2.57 -12.32 28.01
C ASP A 183 1.17 -12.77 27.60
N SER A 184 0.33 -13.10 28.58
CA SER A 184 -1.12 -13.18 28.38
C SER A 184 -1.81 -12.28 29.41
N TYR A 185 -3.08 -11.96 29.17
CA TYR A 185 -3.79 -10.95 29.97
C TYR A 185 -5.08 -11.53 30.52
N THR A 186 -5.25 -11.45 31.83
CA THR A 186 -6.55 -11.76 32.42
C THR A 186 -7.42 -10.51 32.42
N ILE A 187 -8.58 -10.59 31.75
CA ILE A 187 -9.60 -9.53 31.74
C ILE A 187 -10.95 -10.15 32.09
N ARG A 188 -11.67 -9.49 33.01
CA ARG A 188 -13.00 -9.90 33.50
C ARG A 188 -13.04 -11.38 33.85
N GLY A 189 -11.96 -11.86 34.46
CA GLY A 189 -11.90 -13.25 34.85
C GLY A 189 -11.76 -14.23 33.71
N PHE A 190 -11.30 -13.80 32.53
CA PHE A 190 -11.00 -14.71 31.42
C PHE A 190 -9.64 -14.40 30.82
N SER A 191 -8.96 -15.45 30.32
CA SER A 191 -7.61 -15.33 29.79
C SER A 191 -7.63 -14.76 28.38
N VAL A 192 -6.86 -13.70 28.14
CA VAL A 192 -6.74 -13.12 26.80
C VAL A 192 -5.32 -13.35 26.28
N GLN A 193 -5.22 -14.01 25.12
CA GLN A 193 -3.93 -14.30 24.50
C GLN A 193 -3.33 -13.05 23.86
N ASN A 194 -2.01 -12.91 23.96
CA ASN A 194 -1.36 -11.82 23.23
C ASN A 194 -1.56 -11.96 21.71
N ALA A 195 -1.78 -13.18 21.20
CA ALA A 195 -2.10 -13.34 19.79
C ALA A 195 -3.47 -12.77 19.42
N ASP A 196 -4.30 -12.46 20.41
CA ASP A 196 -5.63 -11.94 20.13
C ASP A 196 -5.68 -10.41 20.22
N VAL A 197 -4.52 -9.75 20.23
CA VAL A 197 -4.43 -8.29 20.24
C VAL A 197 -4.66 -7.76 18.83
N ALA A 198 -5.66 -6.90 18.68
CA ALA A 198 -6.08 -6.39 17.38
C ALA A 198 -5.21 -5.21 16.95
N PHE A 199 -5.20 -4.95 15.65
CA PHE A 199 -4.39 -3.89 15.04
C PHE A 199 -5.35 -3.07 14.20
N ASN A 200 -5.69 -1.88 14.67
CA ASN A 200 -6.79 -1.11 14.08
C ASN A 200 -8.04 -1.97 13.87
N GLY A 201 -8.27 -2.91 14.79
CA GLY A 201 -9.43 -3.79 14.74
C GLY A 201 -9.22 -5.12 14.05
N LEU A 202 -8.06 -5.35 13.44
CA LEU A 202 -7.75 -6.57 12.70
C LEU A 202 -6.92 -7.54 13.54
N TYR A 203 -7.30 -8.81 13.50
CA TYR A 203 -6.54 -9.83 14.21
C TYR A 203 -5.42 -10.41 13.33
N GLY A 204 -4.41 -10.96 14.00
CA GLY A 204 -3.41 -11.78 13.36
C GLY A 204 -2.25 -11.05 12.77
N LEU A 205 -2.07 -9.77 13.09
CA LEU A 205 -1.07 -8.95 12.42
C LEU A 205 -0.02 -8.38 13.35
N LEU A 206 -0.02 -8.75 14.63
CA LEU A 206 0.93 -8.19 15.58
C LEU A 206 1.83 -9.28 16.12
N PRO A 207 2.96 -8.92 16.73
CA PRO A 207 3.88 -9.95 17.20
C PRO A 207 3.18 -10.93 18.12
N PHE A 208 3.39 -12.21 17.87
CA PHE A 208 2.50 -13.24 18.39
C PHE A 208 2.56 -13.34 19.90
N TRP A 209 3.76 -13.35 20.47
CA TRP A 209 3.94 -13.65 21.88
C TRP A 209 3.91 -12.42 22.78
N ARG A 210 4.35 -11.26 22.30
CA ARG A 210 4.40 -10.06 23.15
C ARG A 210 4.45 -8.87 22.23
N VAL A 211 3.46 -7.98 22.34
CA VAL A 211 3.33 -6.85 21.41
C VAL A 211 4.17 -5.69 21.95
N PRO A 212 5.14 -5.19 21.18
CA PRO A 212 5.84 -3.97 21.59
C PRO A 212 5.01 -2.76 21.21
N ILE A 213 5.20 -1.65 21.95
CA ILE A 213 4.32 -0.49 21.77
C ILE A 213 5.07 0.82 21.56
N GLU A 214 6.39 0.75 21.38
CA GLU A 214 7.10 2.01 21.17
C GLU A 214 6.71 2.71 19.87
N PHE A 215 5.96 2.04 18.98
CA PHE A 215 5.40 2.64 17.77
C PHE A 215 3.90 2.96 17.89
N ALA A 216 3.32 2.82 19.09
CA ALA A 216 1.88 2.86 19.26
C ALA A 216 1.41 4.25 19.61
N GLU A 217 0.46 4.78 18.83
CA GLU A 217 -0.23 6.00 19.26
C GLU A 217 -1.25 5.71 20.35
N ARG A 218 -1.94 4.56 20.30
CA ARG A 218 -2.91 4.19 21.31
C ARG A 218 -2.86 2.69 21.56
N VAL A 219 -3.11 2.34 22.82
CA VAL A 219 -3.45 0.99 23.24
C VAL A 219 -4.83 1.08 23.89
N GLU A 220 -5.81 0.36 23.32
CA GLU A 220 -7.19 0.40 23.75
C GLU A 220 -7.59 -0.93 24.35
N VAL A 221 -8.49 -0.87 25.34
CA VAL A 221 -9.09 -2.05 25.99
C VAL A 221 -10.61 -1.96 25.88
N LEU A 222 -11.23 -2.93 25.20
CA LEU A 222 -12.67 -3.12 25.26
C LEU A 222 -12.93 -4.32 26.16
N LYS A 223 -13.58 -4.10 27.31
CA LYS A 223 -13.76 -5.17 28.27
C LYS A 223 -14.93 -6.08 27.86
N GLY A 224 -14.77 -7.38 28.11
CA GLY A 224 -15.80 -8.34 27.80
C GLY A 224 -15.72 -8.82 26.37
N PRO A 225 -16.54 -9.82 26.04
CA PRO A 225 -16.53 -10.37 24.68
C PRO A 225 -17.13 -9.38 23.68
N ASN A 226 -16.81 -9.63 22.41
CA ASN A 226 -17.14 -8.67 21.36
C ASN A 226 -17.16 -9.35 19.98
N ALA A 227 -17.69 -10.57 19.93
CA ALA A 227 -17.62 -11.34 18.68
C ALA A 227 -18.44 -10.69 17.55
N LEU A 228 -19.57 -10.04 17.86
CA LEU A 228 -20.30 -9.35 16.79
C LEU A 228 -19.45 -8.25 16.18
N LEU A 229 -18.70 -7.52 17.00
CA LEU A 229 -17.98 -6.34 16.52
C LEU A 229 -16.76 -6.73 15.68
N GLY A 230 -16.01 -7.76 16.07
CA GLY A 230 -14.80 -8.11 15.32
C GLY A 230 -14.60 -9.56 14.89
N GLY A 231 -15.59 -10.43 15.07
CA GLY A 231 -15.44 -11.85 14.76
C GLY A 231 -14.80 -12.61 15.91
N ILE A 232 -14.56 -13.90 15.67
CA ILE A 232 -13.76 -14.69 16.59
C ILE A 232 -12.31 -14.22 16.59
N SER A 233 -11.71 -14.18 17.74
CA SER A 233 -10.28 -13.91 17.66
C SER A 233 -9.54 -15.23 17.52
N PRO A 234 -8.34 -15.24 16.93
CA PRO A 234 -7.67 -16.52 16.65
C PRO A 234 -7.45 -17.40 17.88
N GLY A 235 -6.96 -16.85 18.98
CA GLY A 235 -6.77 -17.67 20.15
C GLY A 235 -8.05 -18.01 20.90
N GLY A 236 -9.20 -17.54 20.42
CA GLY A 236 -10.46 -17.80 21.08
C GLY A 236 -10.73 -16.99 22.33
N SER A 237 -9.94 -15.93 22.61
CA SER A 237 -10.14 -15.15 23.83
C SER A 237 -11.51 -14.50 23.87
N VAL A 238 -12.02 -14.29 25.07
CA VAL A 238 -13.35 -13.71 25.27
C VAL A 238 -13.36 -12.66 26.37
N GLY A 239 -12.26 -12.57 27.13
CA GLY A 239 -12.25 -11.63 28.24
C GLY A 239 -12.33 -10.17 27.80
N GLY A 240 -11.85 -9.87 26.61
CA GLY A 240 -11.75 -8.50 26.14
C GLY A 240 -10.80 -8.40 24.98
N THR A 241 -10.92 -7.31 24.22
CA THR A 241 -10.13 -7.14 23.01
C THR A 241 -9.27 -5.90 23.16
N ILE A 242 -7.95 -6.12 23.16
CA ILE A 242 -6.96 -5.05 23.21
C ILE A 242 -6.65 -4.64 21.79
N ASN A 243 -6.60 -3.33 21.54
CA ASN A 243 -6.46 -2.81 20.18
C ASN A 243 -5.34 -1.77 20.13
N LEU A 244 -4.40 -1.97 19.23
CA LEU A 244 -3.32 -1.02 19.04
C LEU A 244 -3.66 -0.13 17.84
N VAL A 245 -3.39 1.17 17.98
CA VAL A 245 -3.50 2.15 16.92
C VAL A 245 -2.08 2.65 16.63
N PRO A 246 -1.59 2.57 15.41
CA PRO A 246 -0.20 2.92 15.12
C PRO A 246 0.01 4.43 14.95
N LYS A 247 1.25 4.84 15.16
CA LYS A 247 1.64 6.23 14.96
C LYS A 247 1.46 6.66 13.50
N ARG A 248 1.10 7.93 13.33
CA ARG A 248 0.96 8.54 12.01
C ARG A 248 1.76 9.84 12.01
N ALA A 249 2.06 10.34 10.81
CA ALA A 249 2.85 11.53 10.69
C ALA A 249 1.99 12.77 10.88
N ASP A 250 2.41 13.63 11.81
CA ASP A 250 1.75 14.92 11.97
C ASP A 250 2.29 15.90 10.94
N ASP A 251 1.50 16.95 10.67
CA ASP A 251 1.94 17.93 9.69
C ASP A 251 3.26 18.57 10.12
N GLN A 252 3.40 18.84 11.40
CA GLN A 252 4.64 19.42 11.90
C GLN A 252 5.73 18.35 11.92
N PRO A 253 6.87 18.59 11.28
CA PRO A 253 7.92 17.56 11.21
C PRO A 253 8.42 17.17 12.60
N LEU A 254 8.72 15.90 12.77
CA LEU A 254 9.22 15.37 14.02
C LEU A 254 10.55 14.66 13.79
N THR A 255 11.57 15.07 14.55
CA THR A 255 12.86 14.36 14.58
C THR A 255 13.17 14.15 16.06
N ARG A 256 12.78 12.99 16.57
CA ARG A 256 12.89 12.67 17.98
C ARG A 256 13.87 11.52 18.15
N VAL A 257 14.87 11.72 19.01
CA VAL A 257 15.80 10.67 19.38
C VAL A 257 15.81 10.54 20.89
N SER A 258 15.74 9.31 21.38
CA SER A 258 15.89 9.09 22.80
C SER A 258 16.89 7.96 23.04
N VAL A 259 17.65 8.08 24.12
CA VAL A 259 18.51 7.01 24.60
C VAL A 259 18.02 6.62 25.99
N ASP A 260 18.26 5.37 26.34
CA ASP A 260 17.69 4.85 27.58
C ASP A 260 18.57 3.74 28.13
N TRP A 261 18.49 3.54 29.45
CA TRP A 261 19.16 2.51 30.20
C TRP A 261 18.16 1.87 31.14
N THR A 262 18.27 0.55 31.32
CA THR A 262 17.40 -0.24 32.18
C THR A 262 18.24 -1.27 32.89
N GLN A 263 18.05 -1.42 34.21
CA GLN A 263 18.74 -2.49 34.92
C GLN A 263 18.65 -3.80 34.15
N ARG A 264 19.75 -4.54 34.11
CA ARG A 264 21.02 -4.15 34.72
C ARG A 264 22.02 -3.57 33.71
N GLY A 265 21.91 -3.97 32.44
CA GLY A 265 22.75 -3.37 31.41
C GLY A 265 22.10 -3.22 30.05
N GLN A 266 20.79 -3.00 30.00
CA GLN A 266 20.14 -2.82 28.71
C GLN A 266 20.30 -1.38 28.25
N LEU A 267 20.99 -1.21 27.13
CA LEU A 267 21.20 0.10 26.51
C LEU A 267 20.28 0.24 25.30
N GLY A 268 19.60 1.37 25.18
CA GLY A 268 18.62 1.54 24.14
C GLY A 268 18.72 2.85 23.39
N THR A 269 18.23 2.81 22.16
CA THR A 269 18.08 3.99 21.33
C THR A 269 16.72 3.90 20.65
N HIS A 270 16.02 5.03 20.54
CA HIS A 270 14.74 5.05 19.87
C HIS A 270 14.66 6.30 19.01
N LEU A 271 14.41 6.13 17.71
CA LEU A 271 14.21 7.23 16.77
C LEU A 271 12.74 7.27 16.40
N ASP A 272 12.14 8.47 16.46
CA ASP A 272 10.76 8.66 16.03
C ASP A 272 10.77 9.85 15.08
N ILE A 273 10.60 9.57 13.79
CA ILE A 273 10.78 10.54 12.70
C ILE A 273 9.47 10.57 11.93
N GLY A 274 8.88 11.75 11.82
CA GLY A 274 7.67 11.89 11.03
C GLY A 274 7.75 13.02 10.02
N ARG A 275 7.33 12.77 8.78
CA ARG A 275 7.31 13.80 7.74
C ARG A 275 6.06 13.64 6.91
N ARG A 276 5.49 14.76 6.49
CA ARG A 276 4.40 14.79 5.52
C ARG A 276 4.89 15.47 4.24
N PHE A 277 4.46 14.96 3.08
CA PHE A 277 4.81 15.56 1.79
C PHE A 277 3.62 15.53 0.83
N GLY A 278 3.83 16.14 -0.35
CA GLY A 278 2.79 16.34 -1.34
C GLY A 278 1.97 17.59 -1.07
N GLU A 279 1.25 18.04 -2.10
CA GLU A 279 0.39 19.21 -1.94
C GLU A 279 -0.57 18.99 -0.78
N ASN A 280 -0.67 19.99 0.11
CA ASN A 280 -1.57 20.01 1.26
C ASN A 280 -1.25 18.91 2.28
N ASN A 281 -0.03 18.37 2.24
CA ASN A 281 0.40 17.31 3.16
C ASN A 281 -0.44 16.05 3.00
N ALA A 282 -0.82 15.75 1.76
CA ALA A 282 -1.66 14.59 1.49
C ALA A 282 -1.02 13.30 1.99
N PHE A 283 0.31 13.21 1.98
CA PHE A 283 1.03 11.99 2.31
C PHE A 283 1.73 12.12 3.66
N GLY A 284 1.80 11.01 4.38
CA GLY A 284 2.46 10.96 5.67
C GLY A 284 3.34 9.75 5.87
N VAL A 285 4.52 9.96 6.46
CA VAL A 285 5.48 8.90 6.72
C VAL A 285 5.96 9.01 8.17
N ARG A 286 5.76 7.95 8.94
CA ARG A 286 6.27 7.92 10.30
C ARG A 286 7.07 6.64 10.52
N PHE A 287 8.34 6.82 10.89
CA PHE A 287 9.27 5.73 11.15
C PHE A 287 9.63 5.67 12.63
N ASN A 288 9.55 4.49 13.21
CA ASN A 288 10.10 4.24 14.54
C ASN A 288 11.14 3.14 14.43
N GLY A 289 12.31 3.38 14.98
CA GLY A 289 13.31 2.36 15.08
C GLY A 289 13.89 2.28 16.48
N VAL A 290 13.92 1.08 17.03
CA VAL A 290 14.43 0.83 18.38
C VAL A 290 15.52 -0.23 18.31
N TYR A 291 16.60 0.00 19.03
CA TYR A 291 17.54 -1.07 19.31
C TYR A 291 17.84 -1.05 20.80
N ARG A 292 17.55 -2.16 21.47
CA ARG A 292 17.75 -2.29 22.91
C ARG A 292 18.42 -3.62 23.19
N ASN A 293 19.53 -3.60 23.94
CA ASN A 293 20.35 -4.78 24.10
C ASN A 293 21.09 -4.74 25.44
N GLY A 294 21.02 -5.81 26.22
CA GLY A 294 21.82 -5.90 27.42
C GLY A 294 21.25 -6.88 28.43
N ASP A 295 21.94 -6.97 29.57
CA ASP A 295 21.49 -7.83 30.65
C ASP A 295 20.23 -7.25 31.28
N THR A 296 19.25 -8.11 31.53
CA THR A 296 18.04 -7.68 32.22
C THR A 296 18.30 -7.69 33.73
N ALA A 297 17.23 -7.47 34.49
CA ALA A 297 17.31 -7.40 35.94
C ALA A 297 17.27 -8.78 36.56
N VAL A 298 17.02 -9.81 35.77
CA VAL A 298 16.92 -11.18 36.26
C VAL A 298 18.28 -11.86 36.09
N ASP A 299 18.63 -12.72 37.06
CA ASP A 299 19.92 -13.39 37.04
C ASP A 299 20.17 -14.09 35.71
N HIS A 300 21.35 -13.86 35.15
CA HIS A 300 21.83 -14.60 33.98
C HIS A 300 20.83 -14.50 32.83
N GLN A 301 20.37 -13.30 32.58
CA GLN A 301 19.47 -13.06 31.46
C GLN A 301 19.92 -11.81 30.73
N SER A 302 19.97 -11.92 29.40
CA SER A 302 20.26 -10.81 28.51
C SER A 302 19.22 -10.80 27.41
N ARG A 303 19.03 -9.65 26.80
CA ARG A 303 17.94 -9.49 25.85
C ARG A 303 18.37 -8.53 24.76
N GLU A 304 18.18 -8.94 23.51
CA GLU A 304 18.39 -8.10 22.34
C GLU A 304 17.05 -7.85 21.66
N PHE A 305 16.81 -6.60 21.26
CA PHE A 305 15.51 -6.19 20.72
C PHE A 305 15.69 -5.13 19.64
N PRO A 306 15.69 -5.52 18.38
CA PRO A 306 15.55 -4.51 17.31
C PRO A 306 14.10 -4.39 16.89
N MET A 307 13.67 -3.18 16.52
CA MET A 307 12.34 -3.00 15.98
C MET A 307 12.34 -1.89 14.95
N LEU A 308 11.57 -2.08 13.89
CA LEU A 308 11.42 -1.12 12.81
C LEU A 308 9.95 -1.03 12.45
N SER A 309 9.46 0.18 12.27
CA SER A 309 8.04 0.33 11.95
C SER A 309 7.88 1.53 11.02
N LEU A 310 6.94 1.42 10.09
CA LEU A 310 6.62 2.53 9.20
C LEU A 310 5.12 2.72 9.23
N GLY A 311 4.68 3.94 9.53
CA GLY A 311 3.28 4.32 9.40
C GLY A 311 3.12 5.26 8.23
N LEU A 312 2.54 4.76 7.14
CA LEU A 312 2.31 5.53 5.94
C LEU A 312 0.83 5.82 5.78
N ASP A 313 0.50 7.02 5.31
CA ASP A 313 -0.90 7.34 5.11
C ASP A 313 -1.04 8.33 3.97
N PHE A 314 -2.17 8.25 3.28
CA PHE A 314 -2.56 9.25 2.30
C PHE A 314 -3.88 9.87 2.74
N ARG A 315 -3.93 11.20 2.75
CA ARG A 315 -5.09 11.98 3.16
C ARG A 315 -5.67 12.64 1.92
N GLY A 316 -6.76 12.11 1.39
CA GLY A 316 -7.43 12.68 0.24
C GLY A 316 -8.83 13.21 0.54
N GLU A 317 -9.44 13.79 -0.50
CA GLU A 317 -10.77 14.36 -0.33
C GLU A 317 -11.81 13.27 -0.04
N ARG A 318 -11.90 12.28 -0.91
CA ARG A 318 -12.85 11.20 -0.75
C ARG A 318 -12.16 9.88 -0.46
N LEU A 319 -10.85 9.90 -0.23
CA LEU A 319 -10.05 8.68 -0.20
C LEU A 319 -8.98 8.80 0.86
N ARG A 320 -8.90 7.78 1.73
CA ARG A 320 -7.91 7.70 2.79
C ARG A 320 -7.25 6.34 2.70
N LEU A 321 -5.92 6.33 2.72
CA LEU A 321 -5.15 5.11 2.62
C LEU A 321 -4.13 5.05 3.73
N SER A 322 -3.82 3.83 4.16
CA SER A 322 -2.72 3.68 5.08
C SER A 322 -2.06 2.33 4.88
N SER A 323 -0.78 2.26 5.24
CA SER A 323 0.00 1.02 5.23
C SER A 323 0.90 1.03 6.46
N ASP A 324 0.92 -0.07 7.20
CA ASP A 324 1.79 -0.22 8.36
C ASP A 324 2.74 -1.38 8.13
N LEU A 325 4.03 -1.12 8.27
CA LEU A 325 5.03 -2.16 8.24
C LEU A 325 5.69 -2.26 9.60
N LEU A 326 5.86 -3.48 10.07
CA LEU A 326 6.46 -3.71 11.37
C LEU A 326 7.46 -4.83 11.23
N TYR A 327 8.63 -4.65 11.83
CA TYR A 327 9.59 -5.73 12.04
C TYR A 327 10.05 -5.66 13.48
N GLN A 328 10.09 -6.80 14.15
CA GLN A 328 10.45 -6.85 15.54
C GLN A 328 11.12 -8.20 15.76
N LYS A 329 12.11 -8.24 16.67
CA LYS A 329 12.72 -9.48 17.09
C LYS A 329 13.10 -9.35 18.55
N GLU A 330 12.72 -10.36 19.34
CA GLU A 330 13.15 -10.48 20.73
C GLU A 330 13.99 -11.72 20.87
N SER A 331 15.26 -11.54 21.25
CA SER A 331 16.13 -12.66 21.60
C SER A 331 16.46 -12.61 23.09
N LEU A 332 16.11 -13.67 23.79
CA LEU A 332 16.46 -13.84 25.18
C LEU A 332 17.53 -14.91 25.29
N GLU A 333 18.54 -14.64 26.13
CA GLU A 333 19.39 -15.67 26.73
C GLU A 333 18.89 -15.83 28.16
N GLY A 334 18.22 -16.95 28.44
CA GLY A 334 17.55 -17.15 29.70
C GLY A 334 16.08 -16.83 29.57
N VAL A 335 15.22 -17.81 29.83
CA VAL A 335 13.78 -17.64 29.67
C VAL A 335 13.11 -18.05 30.97
N VAL A 336 12.53 -17.08 31.67
CA VAL A 336 11.71 -17.38 32.83
C VAL A 336 10.44 -18.08 32.38
N ARG A 337 10.01 -19.07 33.13
CA ARG A 337 8.86 -19.85 32.72
C ARG A 337 7.96 -20.11 33.91
N PRO A 338 6.68 -20.46 33.67
CA PRO A 338 5.76 -20.83 34.75
C PRO A 338 6.30 -21.85 35.75
N LEU A 339 5.65 -21.88 36.92
CA LEU A 339 5.80 -22.94 37.91
C LEU A 339 4.48 -23.69 37.98
N LEU A 340 4.52 -24.98 37.63
CA LEU A 340 3.30 -25.78 37.62
C LEU A 340 3.13 -26.47 38.97
N THR A 341 1.86 -26.67 39.35
CA THR A 341 1.57 -27.45 40.54
C THR A 341 1.80 -28.93 40.27
N GLY A 342 2.09 -29.67 41.34
CA GLY A 342 2.38 -31.07 41.23
C GLY A 342 1.27 -31.96 41.76
N PRO A 343 1.44 -33.28 41.60
CA PRO A 343 0.44 -34.21 42.15
C PRO A 343 0.17 -33.99 43.63
N GLY A 344 1.21 -33.95 44.44
CA GLY A 344 1.05 -33.81 45.89
C GLY A 344 1.40 -32.44 46.41
N THR A 345 1.02 -31.40 45.69
CA THR A 345 1.18 -30.03 46.18
C THR A 345 0.08 -29.71 47.18
N THR A 346 0.46 -29.43 48.43
CA THR A 346 -0.51 -29.09 49.46
C THR A 346 -0.50 -27.61 49.83
N HIS A 347 0.59 -26.91 49.54
CA HIS A 347 0.74 -25.49 49.83
C HIS A 347 1.58 -24.88 48.71
N ILE A 348 1.32 -23.62 48.41
CA ILE A 348 2.14 -22.85 47.48
C ILE A 348 3.30 -22.24 48.27
N PRO A 349 4.55 -22.64 48.00
CA PRO A 349 5.67 -22.04 48.70
C PRO A 349 5.76 -20.54 48.44
N HIS A 350 6.44 -19.84 49.33
CA HIS A 350 6.58 -18.39 49.18
C HIS A 350 7.46 -18.06 47.98
N ALA A 351 7.10 -16.99 47.28
CA ALA A 351 7.81 -16.64 46.05
C ALA A 351 9.28 -16.39 46.34
N PRO A 352 10.19 -16.87 45.50
CA PRO A 352 11.60 -16.50 45.66
C PRO A 352 11.79 -15.02 45.33
N ASP A 353 12.97 -14.53 45.73
CA ASP A 353 13.50 -13.29 45.19
C ASP A 353 13.30 -13.26 43.68
N SER A 354 12.71 -12.19 43.17
CA SER A 354 12.40 -12.11 41.75
C SER A 354 13.66 -12.08 40.88
N LYS A 355 14.81 -11.73 41.44
CA LYS A 355 16.03 -11.78 40.62
C LYS A 355 16.45 -13.21 40.34
N THR A 356 16.06 -14.16 41.18
CA THR A 356 16.42 -15.56 40.98
C THR A 356 15.79 -16.09 39.69
N ARG A 357 16.48 -17.02 39.05
CA ARG A 357 15.99 -17.64 37.82
C ARG A 357 16.11 -19.15 38.00
N PHE A 358 15.00 -19.79 38.38
CA PHE A 358 15.00 -21.20 38.75
C PHE A 358 14.62 -22.13 37.60
N GLY A 359 14.40 -21.60 36.41
CA GLY A 359 14.15 -22.42 35.24
C GLY A 359 15.43 -22.98 34.65
N LEU A 360 15.40 -23.22 33.34
CA LEU A 360 16.54 -23.81 32.64
C LEU A 360 17.59 -22.73 32.42
N ARG A 361 18.81 -22.98 32.93
CA ARG A 361 19.84 -21.95 32.88
C ARG A 361 20.13 -21.53 31.45
N ASP A 362 20.37 -22.49 30.57
CA ASP A 362 20.73 -22.17 29.18
C ASP A 362 19.51 -22.23 28.26
N SER A 363 18.36 -21.80 28.74
CA SER A 363 17.25 -21.60 27.82
C SER A 363 17.59 -20.43 26.89
N TYR A 364 16.97 -20.42 25.73
CA TYR A 364 17.04 -19.26 24.87
C TYR A 364 15.69 -19.09 24.17
N LEU A 365 15.46 -17.87 23.68
CA LEU A 365 14.35 -17.55 22.80
C LEU A 365 14.86 -16.71 21.65
N ASP A 366 14.43 -17.07 20.44
CA ASP A 366 14.57 -16.19 19.27
C ASP A 366 13.20 -16.08 18.64
N GLN A 367 12.58 -14.90 18.74
CA GLN A 367 11.21 -14.69 18.29
C GLN A 367 11.17 -13.51 17.33
N GLU A 368 10.78 -13.77 16.09
CA GLU A 368 10.77 -12.76 15.05
C GLU A 368 9.37 -12.62 14.48
N ASP A 369 8.94 -11.39 14.24
CA ASP A 369 7.68 -11.14 13.57
C ASP A 369 7.86 -9.96 12.64
N TYR A 370 7.30 -10.05 11.45
CA TYR A 370 7.19 -8.86 10.61
C TYR A 370 5.87 -8.90 9.89
N SER A 371 5.29 -7.72 9.68
CA SER A 371 3.97 -7.68 9.08
C SER A 371 3.80 -6.41 8.25
N MET A 372 2.82 -6.47 7.38
CA MET A 372 2.40 -5.34 6.56
C MET A 372 0.89 -5.40 6.42
N VAL A 373 0.23 -4.26 6.49
CA VAL A 373 -1.22 -4.22 6.37
C VAL A 373 -1.60 -2.92 5.68
N ASN A 374 -2.39 -3.03 4.63
CA ASN A 374 -2.81 -1.88 3.83
C ASN A 374 -4.30 -1.66 4.07
N ARG A 375 -4.68 -0.44 4.38
CA ARG A 375 -6.07 -0.11 4.67
C ARG A 375 -6.47 1.09 3.84
N GLY A 376 -7.78 1.20 3.60
CA GLY A 376 -8.28 2.30 2.81
C GLY A 376 -9.75 2.54 3.03
N GLU A 377 -10.17 3.76 2.74
CA GLU A 377 -11.58 4.13 2.71
C GLU A 377 -11.83 4.97 1.46
N TYR A 378 -13.04 4.83 0.89
CA TYR A 378 -13.46 5.65 -0.25
C TYR A 378 -14.91 6.09 -0.04
N ASP A 379 -15.15 7.39 -0.05
CA ASP A 379 -16.50 7.92 0.15
C ASP A 379 -17.25 7.86 -1.17
N LEU A 380 -18.12 6.85 -1.33
CA LEU A 380 -18.91 6.71 -2.55
C LEU A 380 -19.92 7.82 -2.70
N ALA A 381 -20.47 8.28 -1.58
CA ALA A 381 -21.34 9.44 -1.48
C ALA A 381 -21.20 9.92 -0.05
N ASP A 382 -21.72 11.10 0.27
CA ASP A 382 -21.55 11.51 1.65
C ASP A 382 -22.65 10.96 2.56
N ASN A 383 -23.24 9.82 2.19
CA ASN A 383 -23.93 8.93 3.12
C ASN A 383 -23.53 7.47 2.90
N LEU A 384 -22.35 7.22 2.31
CA LEU A 384 -21.91 5.87 2.01
C LEU A 384 -20.38 5.86 1.87
N THR A 385 -19.73 4.96 2.59
CA THR A 385 -18.28 4.82 2.49
C THR A 385 -17.92 3.35 2.38
N ALA A 386 -17.01 3.04 1.47
CA ALA A 386 -16.44 1.70 1.32
C ALA A 386 -15.09 1.64 2.02
N PHE A 387 -14.81 0.49 2.63
CA PHE A 387 -13.54 0.28 3.32
C PHE A 387 -13.00 -1.10 3.02
N ALA A 388 -11.67 -1.21 2.99
CA ALA A 388 -11.03 -2.52 2.83
C ALA A 388 -9.66 -2.52 3.51
N SER A 389 -9.30 -3.67 4.07
CA SER A 389 -7.96 -3.88 4.61
C SER A 389 -7.45 -5.25 4.14
N ILE A 390 -6.14 -5.34 3.95
CA ILE A 390 -5.49 -6.62 3.68
C ILE A 390 -4.10 -6.59 4.27
N GLY A 391 -3.75 -7.62 5.04
CA GLY A 391 -2.46 -7.68 5.69
C GLY A 391 -1.97 -9.09 5.86
N GLY A 392 -0.65 -9.22 6.01
CA GLY A 392 -0.06 -10.50 6.31
C GLY A 392 1.02 -10.37 7.38
N ARG A 393 1.30 -11.48 8.05
CA ARG A 393 2.30 -11.52 9.10
C ARG A 393 3.09 -12.81 9.01
N GLN A 394 4.41 -12.70 9.12
CA GLN A 394 5.30 -13.84 9.32
C GLN A 394 5.81 -13.81 10.76
N SER A 395 5.79 -14.97 11.40
CA SER A 395 6.19 -15.07 12.80
C SER A 395 7.06 -16.32 12.91
N ASN A 396 8.33 -16.13 13.28
CA ASN A 396 9.30 -17.21 13.42
C ASN A 396 9.67 -17.40 14.89
N TYR A 397 9.58 -18.63 15.36
CA TYR A 397 9.68 -18.93 16.78
C TYR A 397 10.75 -20.00 16.99
N GLU A 398 11.72 -19.73 17.86
CA GLU A 398 12.68 -20.75 18.27
C GLU A 398 12.89 -20.68 19.75
N THR A 399 12.89 -21.83 20.42
CA THR A 399 13.14 -21.85 21.85
C THR A 399 13.57 -23.23 22.30
N ILE A 400 14.46 -23.23 23.28
CA ILE A 400 14.61 -24.31 24.24
C ILE A 400 14.44 -23.68 25.62
N ALA A 401 13.51 -24.23 26.42
CA ALA A 401 13.28 -23.74 27.78
C ALA A 401 12.59 -24.85 28.56
N ALA A 402 12.29 -24.56 29.82
CA ALA A 402 11.68 -25.55 30.70
C ALA A 402 10.63 -24.86 31.57
N ASN A 403 9.50 -25.54 31.78
CA ASN A 403 8.61 -25.17 32.87
C ASN A 403 9.13 -25.84 34.13
N SER A 404 8.98 -25.14 35.26
CA SER A 404 9.29 -25.73 36.55
C SER A 404 8.03 -26.37 37.12
N ILE A 405 8.21 -27.52 37.78
CA ILE A 405 7.12 -28.23 38.42
C ILE A 405 7.46 -28.41 39.89
N LEU A 406 6.52 -28.07 40.77
CA LEU A 406 6.71 -28.31 42.19
C LEU A 406 6.83 -29.82 42.47
N VAL A 407 7.87 -30.20 43.19
CA VAL A 407 7.99 -31.56 43.70
C VAL A 407 8.17 -31.44 45.21
N GLY A 408 7.21 -31.94 45.97
CA GLY A 408 7.23 -31.72 47.39
C GLY A 408 6.65 -30.36 47.73
N ASN A 409 6.97 -29.89 48.93
CA ASN A 409 6.33 -28.70 49.47
C ASN A 409 7.28 -27.64 50.00
N GLN A 410 8.59 -27.88 49.98
CA GLN A 410 9.54 -26.93 50.56
C GLN A 410 10.42 -26.25 49.52
N GLY A 411 10.02 -26.24 48.25
CA GLY A 411 10.71 -25.49 47.22
C GLY A 411 11.50 -26.31 46.22
N ASP A 412 11.55 -27.63 46.36
CA ASP A 412 12.20 -28.43 45.32
C ASP A 412 11.33 -28.43 44.06
N ILE A 413 11.98 -28.39 42.91
CA ILE A 413 11.29 -28.47 41.64
C ILE A 413 12.00 -29.48 40.77
N VAL A 414 11.30 -29.91 39.73
CA VAL A 414 11.91 -30.57 38.58
C VAL A 414 11.61 -29.71 37.36
N ASN A 415 12.65 -29.37 36.61
CA ASN A 415 12.47 -28.61 35.39
C ASN A 415 12.31 -29.59 34.24
N SER A 416 11.28 -29.41 33.43
CA SER A 416 10.96 -30.30 32.30
C SER A 416 11.28 -29.57 31.00
N LEU A 417 12.31 -30.04 30.29
CA LEU A 417 12.85 -29.27 29.17
C LEU A 417 12.07 -29.52 27.89
N ALA A 418 12.15 -28.55 26.98
CA ALA A 418 11.45 -28.62 25.70
C ALA A 418 12.17 -27.78 24.65
N ARG A 419 12.23 -28.28 23.43
CA ARG A 419 12.51 -27.45 22.28
C ARG A 419 11.22 -27.25 21.50
N GLN A 420 11.02 -26.03 20.98
CA GLN A 420 9.87 -25.74 20.14
C GLN A 420 10.32 -24.88 18.97
N ARG A 421 9.73 -25.10 17.81
CA ARG A 421 10.01 -24.28 16.65
C ARG A 421 8.69 -23.96 15.97
N GLY A 422 8.56 -22.74 15.48
CA GLY A 422 7.34 -22.36 14.81
C GLY A 422 7.59 -21.52 13.58
N ASP A 423 6.81 -21.79 12.54
CA ASP A 423 6.80 -21.01 11.30
C ASP A 423 5.32 -20.75 11.05
N ARG A 424 4.89 -19.50 11.25
CA ARG A 424 3.48 -19.13 11.22
C ARG A 424 3.28 -18.03 10.19
N ARG A 425 2.33 -18.24 9.29
CA ARG A 425 2.08 -17.33 8.19
C ARG A 425 0.61 -16.99 8.22
N THR A 426 0.31 -15.70 8.38
CA THR A 426 -1.06 -15.25 8.60
C THR A 426 -1.44 -14.19 7.58
N TYR A 427 -2.62 -14.32 7.00
CA TYR A 427 -3.24 -13.28 6.19
C TYR A 427 -4.57 -12.87 6.82
N SER A 428 -4.88 -11.59 6.75
CA SER A 428 -6.02 -11.04 7.46
C SER A 428 -6.58 -9.91 6.63
N ALA A 429 -7.89 -9.96 6.35
CA ALA A 429 -8.50 -8.98 5.47
C ALA A 429 -9.89 -8.59 5.97
N GLU A 430 -10.37 -7.46 5.47
CA GLU A 430 -11.74 -7.03 5.70
C GLU A 430 -12.15 -6.12 4.55
N VAL A 431 -13.45 -6.04 4.34
CA VAL A 431 -14.04 -5.16 3.33
C VAL A 431 -15.46 -4.84 3.76
N GLY A 432 -15.93 -3.65 3.43
CA GLY A 432 -17.32 -3.37 3.72
C GLY A 432 -17.78 -1.99 3.29
N LEU A 433 -18.99 -1.68 3.73
CA LEU A 433 -19.67 -0.42 3.49
C LEU A 433 -20.20 0.12 4.81
N ARG A 434 -20.14 1.43 4.97
CA ARG A 434 -20.76 2.16 6.08
C ARG A 434 -21.68 3.22 5.51
N GLY A 435 -22.92 3.29 6.01
CA GLY A 435 -23.85 4.27 5.51
C GLY A 435 -24.78 4.87 6.56
N ASN A 436 -25.79 5.61 6.10
CA ASN A 436 -26.75 6.23 6.99
C ASN A 436 -27.94 6.72 6.20
N PHE A 437 -29.14 6.58 6.77
CA PHE A 437 -30.35 7.15 6.20
C PHE A 437 -31.28 7.50 7.36
N ASP A 438 -32.54 7.80 7.02
CA ASP A 438 -33.51 8.29 7.99
C ASP A 438 -34.86 7.64 7.76
N THR A 439 -35.41 7.03 8.79
CA THR A 439 -36.80 6.58 8.77
C THR A 439 -37.60 7.46 9.71
N GLY A 440 -37.66 8.76 9.41
CA GLY A 440 -38.43 9.69 10.18
C GLY A 440 -37.61 10.34 11.28
N PRO A 441 -38.04 10.15 12.53
CA PRO A 441 -37.23 10.63 13.66
C PRO A 441 -36.06 9.70 14.01
N LEU A 442 -35.92 8.57 13.32
CA LEU A 442 -34.80 7.66 13.55
C LEU A 442 -33.71 7.92 12.51
N ARG A 443 -32.49 8.15 12.99
CA ARG A 443 -31.31 8.08 12.15
C ARG A 443 -30.72 6.68 12.25
N HIS A 444 -30.42 6.09 11.09
CA HIS A 444 -29.73 4.82 10.98
C HIS A 444 -28.28 5.06 10.60
N ASP A 445 -27.35 4.49 11.36
CA ASP A 445 -25.94 4.42 10.95
C ASP A 445 -25.56 2.95 10.90
N TRP A 446 -25.48 2.40 9.69
CA TRP A 446 -25.35 0.97 9.48
C TRP A 446 -23.97 0.64 8.96
N THR A 447 -23.51 -0.58 9.25
CA THR A 447 -22.24 -1.08 8.75
C THR A 447 -22.47 -2.50 8.27
N LEU A 448 -22.06 -2.80 7.05
CA LEU A 448 -22.00 -4.17 6.55
C LEU A 448 -20.54 -4.51 6.31
N SER A 449 -20.10 -5.63 6.86
CA SER A 449 -18.67 -5.90 6.92
C SER A 449 -18.39 -7.38 6.78
N ALA A 450 -17.33 -7.72 6.03
CA ALA A 450 -16.87 -9.09 5.97
C ALA A 450 -15.36 -9.15 6.24
N ASN A 451 -14.94 -10.22 6.93
CA ASN A 451 -13.54 -10.40 7.28
C ASN A 451 -13.11 -11.81 6.91
N ARG A 452 -11.80 -11.98 6.77
CA ARG A 452 -11.23 -13.26 6.38
C ARG A 452 -9.83 -13.38 6.97
N LEU A 453 -9.60 -14.42 7.76
CA LEU A 453 -8.28 -14.71 8.31
C LEU A 453 -7.85 -16.11 7.88
N HIS A 454 -6.63 -16.22 7.38
CA HIS A 454 -6.11 -17.54 7.05
C HIS A 454 -4.68 -17.66 7.55
N GLU A 455 -4.37 -18.79 8.18
CA GLU A 455 -3.09 -19.01 8.84
C GLU A 455 -2.54 -20.38 8.48
N ARG A 456 -1.28 -20.42 8.08
CA ARG A 456 -0.53 -21.65 7.95
C ARG A 456 0.50 -21.70 9.08
N LEU A 457 0.48 -22.77 9.86
CA LEU A 457 1.37 -22.94 11.00
C LEU A 457 2.20 -24.21 10.83
N GLY A 458 3.51 -24.06 10.95
CA GLY A 458 4.37 -25.18 11.20
C GLY A 458 4.83 -25.10 12.64
N MET A 459 4.53 -26.10 13.44
CA MET A 459 4.80 -26.05 14.87
C MET A 459 5.31 -27.42 15.32
N VAL A 460 6.60 -27.51 15.66
CA VAL A 460 7.21 -28.75 16.13
C VAL A 460 7.73 -28.55 17.55
N TYR A 461 7.74 -29.63 18.31
CA TYR A 461 8.11 -29.58 19.71
C TYR A 461 8.56 -30.97 20.15
N ALA A 462 9.49 -31.01 21.11
CA ALA A 462 9.93 -32.25 21.74
C ALA A 462 10.20 -32.01 23.22
N PHE A 463 9.62 -32.86 24.08
CA PHE A 463 9.80 -32.80 25.54
C PHE A 463 10.78 -33.89 25.94
N THR A 464 11.96 -33.48 26.41
CA THR A 464 12.97 -34.43 26.89
C THR A 464 13.84 -33.75 27.94
N GLY A 465 14.00 -34.41 29.09
CA GLY A 465 14.83 -33.87 30.15
C GLY A 465 14.04 -33.48 31.37
N MET A 466 14.43 -33.99 32.54
CA MET A 466 13.77 -33.70 33.81
C MET A 466 14.86 -33.44 34.82
N GLN A 467 15.12 -32.16 35.11
CA GLN A 467 16.30 -31.76 35.87
C GLN A 467 15.87 -31.19 37.23
N SER A 468 16.49 -31.69 38.29
CA SER A 468 16.15 -31.25 39.63
C SER A 468 16.57 -29.80 39.84
N GLY A 469 15.79 -29.07 40.62
CA GLY A 469 16.11 -27.69 40.96
C GLY A 469 15.48 -27.22 42.26
N ASN A 470 15.53 -25.91 42.49
CA ASN A 470 14.98 -25.34 43.71
C ASN A 470 14.53 -23.91 43.46
N LEU A 471 13.31 -23.59 43.89
CA LEU A 471 12.76 -22.25 43.73
C LEU A 471 13.74 -21.16 44.13
N TYR A 472 14.49 -21.38 45.21
CA TYR A 472 15.28 -20.31 45.82
C TYR A 472 16.74 -20.33 45.39
N GLN A 473 17.07 -21.03 44.29
CA GLN A 473 18.43 -21.07 43.77
C GLN A 473 18.38 -20.78 42.28
N THR A 474 19.15 -19.81 41.83
CA THR A 474 19.29 -19.62 40.40
C THR A 474 19.90 -20.89 39.83
N SER A 475 19.27 -21.45 38.81
CA SER A 475 19.67 -22.78 38.33
C SER A 475 21.09 -22.76 37.78
N PRO A 476 21.85 -23.83 37.98
CA PRO A 476 23.18 -23.92 37.37
C PRO A 476 23.04 -24.37 35.92
N HIS A 477 24.13 -24.18 35.17
CA HIS A 477 24.26 -24.82 33.86
C HIS A 477 23.95 -26.30 33.96
N THR A 478 23.04 -26.78 33.12
CA THR A 478 22.56 -28.15 33.10
C THR A 478 22.55 -28.68 31.68
N PRO A 479 22.54 -30.01 31.51
CA PRO A 479 22.57 -30.57 30.15
C PRO A 479 21.40 -30.12 29.29
N LEU A 480 21.70 -29.82 28.03
CA LEU A 480 20.67 -29.64 27.01
C LEU A 480 20.54 -30.94 26.24
N PRO A 481 19.41 -31.65 26.31
CA PRO A 481 19.27 -32.88 25.52
C PRO A 481 19.44 -32.60 24.04
N ASP A 482 19.65 -33.67 23.28
CA ASP A 482 19.78 -33.54 21.84
C ASP A 482 18.40 -33.38 21.22
N PHE A 483 18.16 -32.23 20.60
CA PHE A 483 16.91 -31.95 19.90
C PHE A 483 17.13 -31.85 18.41
N SER A 484 18.08 -32.64 17.88
CA SER A 484 18.49 -32.52 16.49
C SER A 484 17.40 -32.96 15.52
N SER A 485 16.50 -33.84 15.95
CA SER A 485 15.45 -34.33 15.07
C SER A 485 14.58 -33.19 14.56
N LEU A 486 14.28 -32.20 15.42
CA LEU A 486 13.46 -31.08 14.99
C LEU A 486 14.19 -30.14 14.04
N ASP A 487 15.45 -30.41 13.74
CA ASP A 487 16.20 -29.53 12.86
C ASP A 487 15.71 -29.64 11.43
N GLY A 488 16.02 -28.61 10.65
CA GLY A 488 15.68 -28.60 9.24
C GLY A 488 14.37 -27.90 8.99
N SER A 489 13.66 -28.34 7.96
CA SER A 489 12.41 -27.69 7.62
C SER A 489 11.35 -28.01 8.66
N ILE A 490 10.52 -27.01 8.97
CA ILE A 490 9.40 -27.19 9.90
C ILE A 490 8.20 -27.63 9.08
N PRO A 491 7.66 -28.83 9.30
CA PRO A 491 6.51 -29.27 8.50
C PRO A 491 5.24 -28.56 8.94
N LYS A 492 4.26 -28.57 8.05
CA LYS A 492 2.96 -27.97 8.36
C LYS A 492 2.21 -28.84 9.36
N THR A 493 1.69 -28.20 10.42
CA THR A 493 0.90 -28.92 11.40
C THR A 493 -0.49 -28.34 11.59
N ASN A 494 -0.75 -27.12 11.16
CA ASN A 494 -2.09 -26.56 11.30
C ASN A 494 -2.37 -25.62 10.15
N GLU A 495 -3.63 -25.60 9.74
CA GLU A 495 -4.19 -24.57 8.88
C GLU A 495 -5.47 -24.10 9.53
N THR A 496 -5.72 -22.80 9.48
CA THR A 496 -6.89 -22.22 10.10
C THR A 496 -7.50 -21.23 9.11
N ASP A 497 -8.81 -21.23 9.03
CA ASP A 497 -9.51 -20.22 8.24
C ASP A 497 -10.73 -19.75 9.01
N LEU A 498 -10.78 -18.44 9.24
CA LEU A 498 -11.86 -17.77 9.96
C LEU A 498 -12.36 -16.65 9.07
N GLY A 499 -13.67 -16.51 8.99
CA GLY A 499 -14.25 -15.53 8.09
C GLY A 499 -15.72 -15.38 8.39
N GLY A 500 -16.22 -14.15 8.33
CA GLY A 500 -17.60 -13.92 8.69
C GLY A 500 -18.15 -12.72 7.93
N VAL A 501 -19.46 -12.56 8.04
CA VAL A 501 -20.20 -11.45 7.45
C VAL A 501 -21.08 -10.88 8.55
N ALA A 502 -21.05 -9.55 8.70
CA ALA A 502 -21.75 -8.93 9.80
C ALA A 502 -22.44 -7.68 9.27
N LEU A 503 -23.63 -7.45 9.81
CA LEU A 503 -24.43 -6.26 9.57
C LEU A 503 -24.81 -5.67 10.93
N ALA A 504 -24.63 -4.36 11.09
CA ALA A 504 -24.98 -3.74 12.36
C ALA A 504 -25.67 -2.42 12.08
N ASP A 505 -26.66 -2.07 12.91
CA ASP A 505 -27.40 -0.84 12.73
C ASP A 505 -27.46 -0.08 14.04
N ARG A 506 -26.98 1.16 14.03
CA ARG A 506 -27.09 2.04 15.18
C ARG A 506 -28.23 3.02 14.95
N LEU A 507 -29.31 2.83 15.68
CA LEU A 507 -30.47 3.71 15.58
C LEU A 507 -30.35 4.84 16.60
N SER A 508 -30.35 6.06 16.10
CA SER A 508 -30.27 7.27 16.91
C SER A 508 -31.64 7.94 16.90
N PHE A 509 -32.12 8.36 18.06
CA PHE A 509 -33.30 9.23 18.06
C PHE A 509 -33.26 10.19 19.24
N LEU A 510 -34.21 11.12 19.21
CA LEU A 510 -34.29 12.22 20.16
C LEU A 510 -32.94 12.94 20.21
N GLU A 511 -32.54 13.42 19.04
CA GLU A 511 -31.28 14.14 18.82
C GLU A 511 -30.10 13.50 19.56
N ASP A 512 -29.94 12.19 19.35
CA ASP A 512 -28.81 11.40 19.83
C ASP A 512 -28.82 11.13 21.33
N ARG A 513 -29.91 11.46 22.04
CA ARG A 513 -29.92 11.19 23.46
C ARG A 513 -30.30 9.75 23.76
N VAL A 514 -30.91 9.03 22.80
CA VAL A 514 -31.20 7.60 22.92
C VAL A 514 -30.57 6.87 21.74
N GLN A 515 -29.78 5.82 22.03
CA GLN A 515 -29.05 5.10 21.00
C GLN A 515 -29.24 3.61 21.17
N VAL A 516 -29.74 2.96 20.13
CA VAL A 516 -29.98 1.51 20.11
C VAL A 516 -29.15 0.89 19.00
N THR A 517 -28.26 -0.03 19.35
CA THR A 517 -27.42 -0.71 18.36
C THR A 517 -27.77 -2.18 18.31
N LEU A 518 -27.98 -2.69 17.09
CA LEU A 518 -28.26 -4.10 16.86
C LEU A 518 -27.37 -4.63 15.76
N GLY A 519 -26.99 -5.90 15.88
CA GLY A 519 -26.18 -6.50 14.84
C GLY A 519 -26.24 -8.01 14.92
N VAL A 520 -25.93 -8.64 13.80
CA VAL A 520 -25.78 -10.08 13.75
C VAL A 520 -24.61 -10.41 12.85
N ARG A 521 -23.87 -11.45 13.21
CA ARG A 521 -22.73 -11.90 12.44
C ARG A 521 -22.87 -13.39 12.19
N ARG A 522 -22.57 -13.81 10.98
CA ARG A 522 -22.38 -15.22 10.68
C ARG A 522 -20.89 -15.50 10.67
N GLN A 523 -20.42 -16.36 11.58
CA GLN A 523 -19.01 -16.64 11.76
C GLN A 523 -18.68 -18.03 11.23
N GLN A 524 -17.63 -18.14 10.41
CA GLN A 524 -17.15 -19.40 9.87
C GLN A 524 -15.80 -19.77 10.48
N ILE A 525 -15.73 -20.97 11.04
CA ILE A 525 -14.54 -21.47 11.73
C ILE A 525 -14.10 -22.74 11.02
N GLU A 526 -12.81 -22.85 10.72
CA GLU A 526 -12.31 -24.03 10.01
C GLU A 526 -10.82 -24.22 10.28
N SER A 527 -10.44 -25.40 10.76
CA SER A 527 -9.02 -25.69 10.93
C SER A 527 -8.71 -27.13 10.57
N ARG A 528 -7.50 -27.35 10.09
CA ARG A 528 -6.95 -28.67 9.85
C ARG A 528 -5.66 -28.81 10.65
N ASN A 529 -5.45 -29.99 11.20
CA ASN A 529 -4.24 -30.32 11.93
C ASN A 529 -3.56 -31.53 11.30
N TYR A 530 -2.23 -31.53 11.32
CA TYR A 530 -1.41 -32.60 10.78
C TYR A 530 -0.39 -33.01 11.82
N ASP A 531 -0.16 -34.31 11.95
CA ASP A 531 0.77 -34.78 12.98
C ASP A 531 2.19 -34.38 12.62
N GLN A 532 2.97 -33.99 13.63
CA GLN A 532 4.28 -33.40 13.37
C GLN A 532 5.29 -34.45 12.93
N THR A 533 5.16 -35.68 13.42
CA THR A 533 6.13 -36.71 13.06
C THR A 533 5.70 -37.47 11.80
N SER A 534 4.45 -37.94 11.77
CA SER A 534 3.93 -38.74 10.66
C SER A 534 3.37 -37.92 9.51
N GLY A 535 2.88 -36.70 9.77
CA GLY A 535 2.23 -35.91 8.74
C GLY A 535 0.77 -36.26 8.50
N ALA A 536 0.23 -37.23 9.23
CA ALA A 536 -1.14 -37.65 9.03
C ALA A 536 -2.14 -36.55 9.40
N ARG A 537 -3.25 -36.51 8.66
CA ARG A 537 -4.35 -35.61 8.94
C ARG A 537 -5.08 -36.10 10.18
N THR A 538 -5.00 -35.33 11.27
CA THR A 538 -5.65 -35.75 12.50
C THR A 538 -7.01 -35.11 12.76
N SER A 539 -7.24 -33.87 12.32
CA SER A 539 -8.53 -33.25 12.56
C SER A 539 -8.85 -32.23 11.48
N HIS A 540 -10.16 -32.06 11.24
CA HIS A 540 -10.71 -31.06 10.33
C HIS A 540 -12.01 -30.57 10.95
N ASP A 541 -11.91 -29.54 11.78
CA ASP A 541 -13.06 -28.91 12.40
C ASP A 541 -13.64 -27.89 11.43
N LYS A 542 -14.95 -27.89 11.26
CA LYS A 542 -15.58 -26.89 10.39
C LYS A 542 -16.94 -26.58 10.95
N ARG A 543 -17.20 -25.30 11.22
CA ARG A 543 -18.37 -24.88 11.97
C ARG A 543 -18.80 -23.51 11.47
N HIS A 544 -20.05 -23.17 11.75
CA HIS A 544 -20.54 -21.81 11.61
C HIS A 544 -21.51 -21.53 12.73
N VAL A 545 -21.47 -20.32 13.26
CA VAL A 545 -22.42 -19.90 14.29
C VAL A 545 -22.84 -18.48 13.98
N TRP A 546 -24.10 -18.18 14.27
CA TRP A 546 -24.58 -16.81 14.28
C TRP A 546 -24.36 -16.21 15.66
N THR A 547 -24.01 -14.93 15.69
CA THR A 547 -23.74 -14.30 16.97
C THR A 547 -24.17 -12.84 16.91
N PRO A 548 -25.08 -12.40 17.80
CA PRO A 548 -25.64 -11.05 17.68
C PRO A 548 -25.17 -10.10 18.78
N MET A 549 -25.66 -8.86 18.75
CA MET A 549 -25.51 -7.93 19.85
C MET A 549 -26.72 -7.03 19.86
N ALA A 550 -26.94 -6.42 21.02
CA ALA A 550 -27.95 -5.38 21.20
C ALA A 550 -27.45 -4.48 22.31
N SER A 551 -27.45 -3.18 22.06
CA SER A 551 -27.15 -2.24 23.11
C SER A 551 -28.22 -1.17 23.13
N VAL A 552 -28.31 -0.50 24.28
CA VAL A 552 -29.13 0.69 24.47
C VAL A 552 -28.33 1.67 25.31
N LEU A 553 -28.25 2.92 24.85
CA LEU A 553 -27.55 3.96 25.57
C LEU A 553 -28.47 5.18 25.64
N VAL A 554 -28.66 5.70 26.84
CA VAL A 554 -29.51 6.87 27.08
C VAL A 554 -28.67 7.94 27.76
N LYS A 555 -28.84 9.19 27.33
CA LYS A 555 -28.14 10.35 27.86
C LYS A 555 -29.10 11.27 28.61
N PRO A 556 -29.49 10.93 29.84
CA PRO A 556 -30.36 11.86 30.59
C PRO A 556 -29.77 13.25 30.72
N LEU A 557 -28.46 13.36 30.96
CA LEU A 557 -27.79 14.64 30.89
C LEU A 557 -26.73 14.58 29.80
N GLN A 558 -26.39 15.74 29.24
CA GLN A 558 -25.48 15.72 28.10
C GLN A 558 -24.17 15.02 28.44
N ASP A 559 -23.77 15.05 29.71
CA ASP A 559 -22.55 14.37 30.13
C ASP A 559 -22.82 13.28 31.16
N LEU A 560 -23.96 12.61 31.05
CA LEU A 560 -24.21 11.37 31.78
C LEU A 560 -24.82 10.40 30.79
N SER A 561 -24.19 9.23 30.65
CA SER A 561 -24.66 8.17 29.78
C SER A 561 -24.98 6.96 30.62
N LEU A 562 -26.14 6.34 30.38
CA LEU A 562 -26.47 5.06 30.97
C LEU A 562 -26.59 4.06 29.84
N TYR A 563 -26.16 2.82 30.08
CA TYR A 563 -26.12 1.92 28.94
C TYR A 563 -26.31 0.48 29.40
N ALA A 564 -26.66 -0.35 28.43
CA ALA A 564 -26.71 -1.78 28.63
C ALA A 564 -26.33 -2.42 27.30
N ASN A 565 -25.66 -3.57 27.37
CA ASN A 565 -25.40 -4.33 26.16
C ASN A 565 -25.63 -5.81 26.44
N TYR A 566 -25.89 -6.54 25.35
CA TYR A 566 -25.76 -7.97 25.31
C TYR A 566 -24.86 -8.30 24.11
N ILE A 567 -23.87 -9.17 24.32
CA ILE A 567 -22.97 -9.55 23.25
C ILE A 567 -22.33 -10.87 23.64
N GLN A 568 -21.75 -11.56 22.65
CA GLN A 568 -21.25 -12.91 22.81
C GLN A 568 -19.76 -13.00 22.49
N GLY A 569 -19.15 -14.06 23.01
CA GLY A 569 -17.78 -14.41 22.66
C GLY A 569 -17.79 -15.81 22.09
N LEU A 570 -16.84 -16.07 21.20
CA LEU A 570 -16.69 -17.37 20.54
C LEU A 570 -15.28 -17.88 20.77
N SER A 571 -15.19 -19.17 21.14
CA SER A 571 -13.94 -19.90 21.21
C SER A 571 -14.09 -21.18 20.38
N GLN A 572 -13.02 -21.61 19.73
CA GLN A 572 -13.05 -22.91 19.07
C GLN A 572 -13.15 -24.02 20.12
N GLY A 573 -13.88 -25.06 19.82
CA GLY A 573 -13.97 -26.18 20.72
C GLY A 573 -12.64 -26.91 20.83
N GLU A 574 -12.49 -27.63 21.94
CA GLU A 574 -11.27 -28.38 22.23
C GLU A 574 -11.31 -29.77 21.61
N ALA A 575 -10.13 -30.36 21.46
CA ALA A 575 -10.02 -31.76 21.09
C ALA A 575 -9.96 -32.59 22.35
N ALA A 576 -10.80 -33.62 22.42
CA ALA A 576 -10.75 -34.55 23.54
C ALA A 576 -9.34 -35.12 23.66
N PRO A 577 -8.75 -35.12 24.86
CA PRO A 577 -7.36 -35.54 25.01
C PRO A 577 -7.17 -36.99 24.61
N MET A 578 -5.92 -37.35 24.29
CA MET A 578 -5.57 -38.69 23.81
C MET A 578 -5.95 -39.76 24.81
N THR A 579 -6.31 -39.33 26.02
CA THR A 579 -6.59 -40.22 27.14
C THR A 579 -8.08 -40.57 27.28
N ALA A 580 -8.97 -39.89 26.55
CA ALA A 580 -10.40 -39.99 26.78
C ALA A 580 -11.08 -40.95 25.82
N ALA A 581 -12.34 -41.26 26.14
CA ALA A 581 -13.15 -42.16 25.33
C ALA A 581 -13.78 -41.46 24.13
N ASN A 582 -13.10 -40.42 23.63
CA ASN A 582 -13.49 -39.75 22.41
C ASN A 582 -12.29 -38.95 21.92
N ALA A 583 -11.10 -39.49 22.20
CA ALA A 583 -9.79 -38.90 21.92
C ALA A 583 -9.73 -38.29 20.53
N GLY A 584 -9.22 -37.05 20.46
CA GLY A 584 -9.09 -36.36 19.20
C GLY A 584 -10.36 -35.77 18.63
N GLN A 585 -11.53 -36.12 19.15
CA GLN A 585 -12.76 -35.49 18.69
C GLN A 585 -12.75 -34.01 19.05
N VAL A 586 -13.11 -33.17 18.07
CA VAL A 586 -13.09 -31.73 18.25
C VAL A 586 -14.51 -31.28 18.55
N LEU A 587 -14.70 -30.60 19.68
CA LEU A 587 -16.01 -30.20 20.17
C LEU A 587 -16.51 -28.96 19.44
N ALA A 588 -17.82 -28.73 19.52
CA ALA A 588 -18.44 -27.56 18.92
C ALA A 588 -17.96 -26.30 19.66
N PRO A 589 -18.02 -25.14 19.00
CA PRO A 589 -17.42 -23.93 19.58
C PRO A 589 -18.17 -23.45 20.83
N TYR A 590 -17.41 -22.84 21.73
CA TYR A 590 -17.94 -22.35 23.01
C TYR A 590 -18.51 -20.96 22.82
N LYS A 591 -19.78 -20.79 23.19
CA LYS A 591 -20.50 -19.53 23.05
C LYS A 591 -20.59 -18.86 24.42
N ALA A 592 -19.80 -17.80 24.61
CA ALA A 592 -19.90 -17.00 25.83
C ALA A 592 -20.97 -15.91 25.65
N GLU A 593 -21.67 -15.60 26.74
CA GLU A 593 -22.71 -14.57 26.71
C GLU A 593 -22.45 -13.50 27.76
N GLN A 594 -22.39 -12.25 27.32
CA GLN A 594 -22.23 -11.11 28.22
C GLN A 594 -23.53 -10.32 28.32
N TYR A 595 -23.90 -9.96 29.55
CA TYR A 595 -24.84 -8.86 29.81
C TYR A 595 -24.08 -7.82 30.61
N GLU A 596 -24.23 -6.55 30.24
CA GLU A 596 -23.58 -5.48 31.00
C GLU A 596 -24.50 -4.27 31.11
N ILE A 597 -24.43 -3.57 32.23
CA ILE A 597 -25.04 -2.24 32.39
C ILE A 597 -24.06 -1.32 33.09
N GLY A 598 -24.22 -0.02 32.87
CA GLY A 598 -23.36 0.90 33.58
C GLY A 598 -23.68 2.33 33.24
N ALA A 599 -22.84 3.22 33.75
CA ALA A 599 -23.07 4.65 33.75
C ALA A 599 -21.75 5.38 33.65
N LYS A 600 -21.69 6.43 32.84
CA LYS A 600 -20.47 7.22 32.71
C LYS A 600 -20.82 8.68 32.95
N TYR A 601 -20.03 9.35 33.79
CA TYR A 601 -20.30 10.74 34.17
C TYR A 601 -19.05 11.58 33.96
N ASP A 602 -19.13 12.54 33.04
CA ASP A 602 -17.99 13.37 32.64
C ASP A 602 -18.18 14.79 33.14
N LEU A 603 -17.39 15.18 34.16
CA LEU A 603 -17.45 16.49 34.78
C LEU A 603 -16.51 17.50 34.15
N GLY A 604 -16.21 17.37 32.86
CA GLY A 604 -15.26 18.27 32.23
C GLY A 604 -13.84 17.80 32.36
N GLY A 605 -13.25 17.93 33.56
CA GLY A 605 -11.86 17.58 33.77
C GLY A 605 -11.63 16.13 34.16
N PHE A 606 -12.66 15.41 34.59
CA PHE A 606 -12.48 14.00 34.90
C PHE A 606 -13.80 13.26 34.75
N THR A 607 -13.69 11.94 34.71
CA THR A 607 -14.78 11.06 34.35
C THR A 607 -14.85 9.93 35.37
N THR A 608 -16.06 9.56 35.75
CA THR A 608 -16.28 8.41 36.60
C THR A 608 -17.15 7.41 35.86
N THR A 609 -16.79 6.13 35.92
CA THR A 609 -17.62 5.10 35.34
C THR A 609 -17.91 4.02 36.36
N LEU A 610 -19.00 3.30 36.10
CA LEU A 610 -19.41 2.13 36.84
C LEU A 610 -19.93 1.13 35.84
N ALA A 611 -19.86 -0.15 36.20
CA ALA A 611 -20.36 -1.17 35.30
C ALA A 611 -20.58 -2.43 36.12
N LEU A 612 -21.64 -3.14 35.77
CA LEU A 612 -21.95 -4.44 36.33
C LEU A 612 -22.06 -5.37 35.15
N PHE A 613 -21.40 -6.52 35.22
CA PHE A 613 -21.47 -7.47 34.11
C PHE A 613 -21.64 -8.90 34.61
N GLU A 614 -22.21 -9.73 33.74
CA GLU A 614 -22.15 -11.17 33.88
C GLU A 614 -21.64 -11.76 32.57
N ILE A 615 -20.69 -12.68 32.65
CA ILE A 615 -20.21 -13.40 31.48
C ILE A 615 -20.29 -14.90 31.75
N ARG A 616 -21.08 -15.62 30.95
CA ARG A 616 -21.21 -17.06 31.07
C ARG A 616 -20.61 -17.76 29.86
N LYS A 617 -19.83 -18.81 30.10
CA LYS A 617 -19.11 -19.48 29.04
C LYS A 617 -19.02 -20.97 29.34
N PRO A 618 -19.29 -21.82 28.35
CA PRO A 618 -19.15 -23.26 28.55
C PRO A 618 -17.70 -23.66 28.86
N ASN A 619 -17.56 -24.79 29.52
CA ASN A 619 -16.30 -25.32 30.04
C ASN A 619 -16.22 -26.80 29.71
N ALA A 620 -15.05 -27.26 29.24
CA ALA A 620 -14.87 -28.66 28.85
C ALA A 620 -14.02 -29.41 29.87
N TYR A 621 -14.46 -30.63 30.19
CA TYR A 621 -13.75 -31.56 31.05
C TYR A 621 -14.19 -32.97 30.69
N THR A 622 -13.47 -33.95 31.22
CA THR A 622 -13.80 -35.35 31.04
C THR A 622 -14.64 -35.82 32.23
N ASP A 623 -15.81 -36.41 31.95
CA ASP A 623 -16.69 -36.87 33.02
C ASP A 623 -16.21 -38.17 33.66
N ALA A 624 -17.12 -38.82 34.40
CA ALA A 624 -16.81 -40.09 35.05
C ALA A 624 -16.77 -41.25 34.06
N SER A 625 -17.61 -41.18 33.02
CA SER A 625 -17.60 -42.13 31.91
C SER A 625 -16.44 -41.89 30.94
N ASN A 626 -15.46 -41.07 31.33
CA ASN A 626 -14.29 -40.77 30.52
C ASN A 626 -14.63 -40.17 29.16
N VAL A 627 -15.77 -39.48 29.06
CA VAL A 627 -16.13 -38.73 27.87
C VAL A 627 -15.79 -37.27 28.08
N PHE A 628 -15.12 -36.67 27.08
CA PHE A 628 -14.81 -35.25 27.08
C PHE A 628 -16.01 -34.49 26.54
N ARG A 629 -16.58 -33.60 27.35
CA ARG A 629 -17.72 -32.82 26.94
C ARG A 629 -17.57 -31.39 27.43
N ALA A 630 -18.27 -30.48 26.75
CA ALA A 630 -18.37 -29.09 27.17
C ALA A 630 -19.59 -28.90 28.06
N ASP A 631 -19.59 -29.61 29.19
CA ASP A 631 -20.70 -29.60 30.13
C ASP A 631 -20.49 -28.66 31.30
N GLY A 632 -19.33 -28.05 31.41
CA GLY A 632 -19.13 -27.08 32.47
C GLY A 632 -19.60 -25.70 32.06
N GLU A 633 -19.73 -24.83 33.05
CA GLU A 633 -19.95 -23.43 32.76
C GLU A 633 -19.18 -22.60 33.77
N GLN A 634 -18.67 -21.48 33.28
CA GLN A 634 -18.11 -20.43 34.12
C GLN A 634 -19.09 -19.27 34.15
N ARG A 635 -19.33 -18.72 35.33
CA ARG A 635 -20.22 -17.58 35.47
C ARG A 635 -19.47 -16.52 36.25
N ASN A 636 -19.08 -15.45 35.55
CA ASN A 636 -18.28 -14.37 36.12
C ASN A 636 -19.18 -13.16 36.20
N ARG A 637 -19.48 -12.71 37.41
CA ARG A 637 -20.24 -11.49 37.59
C ARG A 637 -19.36 -10.50 38.32
N GLY A 638 -19.38 -9.26 37.89
CA GLY A 638 -18.41 -8.31 38.39
C GLY A 638 -18.95 -6.91 38.36
N VAL A 639 -18.33 -6.07 39.17
CA VAL A 639 -18.58 -4.63 39.20
C VAL A 639 -17.24 -3.93 39.02
N GLU A 640 -17.23 -2.86 38.23
CA GLU A 640 -16.00 -2.14 37.91
C GLU A 640 -16.23 -0.66 38.16
N LEU A 641 -15.32 -0.03 38.87
CA LEU A 641 -15.37 1.41 39.10
C LEU A 641 -14.10 2.06 38.57
N SER A 642 -14.23 3.23 37.94
CA SER A 642 -13.09 3.93 37.38
C SER A 642 -13.24 5.44 37.54
N LEU A 643 -12.12 6.11 37.78
CA LEU A 643 -12.03 7.56 37.74
C LEU A 643 -10.72 7.89 37.04
N TYR A 644 -10.77 8.79 36.06
CA TYR A 644 -9.55 9.22 35.40
C TYR A 644 -9.70 10.68 34.98
N GLY A 645 -8.56 11.31 34.73
CA GLY A 645 -8.54 12.65 34.16
C GLY A 645 -7.65 13.58 34.95
N GLU A 646 -7.99 14.87 34.98
CA GLU A 646 -7.19 15.90 35.65
C GLU A 646 -8.07 16.67 36.63
N PRO A 647 -8.39 16.07 37.78
CA PRO A 647 -9.37 16.71 38.68
C PRO A 647 -8.90 18.02 39.29
N LEU A 648 -7.59 18.27 39.34
CA LEU A 648 -7.01 19.54 39.72
C LEU A 648 -5.97 19.90 38.67
N ASP A 649 -5.68 21.20 38.55
CA ASP A 649 -4.65 21.62 37.60
C ASP A 649 -3.31 21.01 37.98
N GLY A 650 -2.69 20.31 37.01
CA GLY A 650 -1.41 19.67 37.21
C GLY A 650 -1.43 18.39 38.01
N VAL A 651 -2.60 17.85 38.32
CA VAL A 651 -2.71 16.61 39.09
C VAL A 651 -3.57 15.64 38.26
N ARG A 652 -2.93 14.71 37.59
CA ARG A 652 -3.63 13.71 36.79
C ARG A 652 -3.73 12.42 37.59
N VAL A 653 -4.88 11.77 37.49
CA VAL A 653 -5.22 10.63 38.33
C VAL A 653 -5.89 9.59 37.45
N MET A 654 -5.51 8.34 37.64
CA MET A 654 -6.20 7.21 37.02
C MET A 654 -6.40 6.19 38.12
N ALA A 655 -7.63 6.05 38.59
CA ALA A 655 -7.95 5.12 39.65
C ALA A 655 -9.02 4.16 39.18
N GLY A 656 -9.03 2.97 39.74
CA GLY A 656 -10.10 2.06 39.43
C GLY A 656 -10.04 0.86 40.34
N ALA A 657 -11.16 0.15 40.41
CA ALA A 657 -11.21 -1.05 41.22
C ALA A 657 -12.24 -1.97 40.61
N THR A 658 -11.98 -3.26 40.72
CA THR A 658 -12.88 -4.28 40.21
C THR A 658 -13.14 -5.29 41.31
N TYR A 659 -14.37 -5.80 41.33
CA TYR A 659 -14.71 -6.96 42.13
C TYR A 659 -15.40 -7.95 41.23
N ILE A 660 -15.01 -9.19 41.31
CA ILE A 660 -15.65 -10.23 40.51
C ILE A 660 -15.85 -11.48 41.35
N LYS A 661 -16.99 -12.15 41.12
CA LYS A 661 -17.25 -13.48 41.64
C LYS A 661 -17.09 -14.44 40.47
N PRO A 662 -15.98 -15.17 40.37
CA PRO A 662 -15.75 -16.04 39.21
C PRO A 662 -16.12 -17.48 39.50
N GLU A 663 -17.36 -17.85 39.21
CA GLU A 663 -17.91 -19.08 39.73
C GLU A 663 -17.69 -20.23 38.75
N GLN A 664 -17.22 -21.37 39.26
CA GLN A 664 -17.29 -22.61 38.47
C GLN A 664 -18.62 -23.29 38.74
N ASN A 665 -19.69 -22.62 38.28
CA ASN A 665 -21.05 -23.00 38.67
C ASN A 665 -21.52 -24.31 38.05
N LYS A 666 -20.72 -24.94 37.21
CA LYS A 666 -21.05 -26.27 36.69
C LYS A 666 -19.73 -26.98 36.42
N THR A 667 -19.44 -28.00 37.23
CA THR A 667 -18.30 -28.90 37.06
C THR A 667 -18.81 -30.32 37.27
N GLY A 668 -17.95 -31.29 37.08
CA GLY A 668 -18.38 -32.64 37.38
C GLY A 668 -18.10 -33.13 38.78
N ASP A 669 -17.40 -32.33 39.58
CA ASP A 669 -16.82 -32.76 40.84
C ASP A 669 -17.35 -31.88 41.96
N PRO A 670 -17.83 -32.47 43.07
CA PRO A 670 -18.23 -31.65 44.23
C PRO A 670 -17.10 -30.80 44.79
N ALA A 671 -15.84 -31.23 44.63
CA ALA A 671 -14.74 -30.49 45.22
C ALA A 671 -14.54 -29.12 44.56
N SER A 672 -14.92 -28.99 43.29
CA SER A 672 -14.78 -27.75 42.56
C SER A 672 -16.10 -27.07 42.28
N GLU A 673 -17.22 -27.75 42.54
CA GLU A 673 -18.52 -27.19 42.21
C GLU A 673 -18.75 -25.91 42.98
N GLY A 674 -19.13 -24.84 42.26
CA GLY A 674 -19.39 -23.56 42.89
C GLY A 674 -18.17 -22.83 43.41
N LYS A 675 -16.96 -23.36 43.19
CA LYS A 675 -15.74 -22.73 43.65
C LYS A 675 -15.32 -21.63 42.68
N ASP A 676 -14.23 -20.95 43.01
CA ASP A 676 -13.73 -19.87 42.19
C ASP A 676 -12.87 -20.42 41.06
N ALA A 677 -12.99 -19.79 39.89
CA ALA A 677 -12.10 -20.11 38.78
C ALA A 677 -10.66 -19.81 39.19
N PRO A 678 -9.72 -20.71 38.94
CA PRO A 678 -8.33 -20.41 39.28
C PRO A 678 -7.79 -19.22 38.51
N GLY A 679 -6.77 -18.57 39.09
CA GLY A 679 -6.17 -17.42 38.46
C GLY A 679 -7.06 -16.22 38.27
N VAL A 680 -8.11 -16.07 39.07
CA VAL A 680 -9.02 -14.92 38.98
C VAL A 680 -9.24 -14.38 40.38
N ALA A 681 -8.47 -13.35 40.77
CA ALA A 681 -8.72 -12.74 42.07
C ALA A 681 -10.08 -12.07 42.10
N ARG A 682 -10.71 -12.10 43.27
CA ARG A 682 -11.99 -11.44 43.40
C ARG A 682 -11.84 -9.92 43.44
N ARG A 683 -10.74 -9.41 43.97
CA ARG A 683 -10.55 -7.98 44.18
C ARG A 683 -9.26 -7.52 43.50
N GLN A 684 -9.33 -6.42 42.75
CA GLN A 684 -8.18 -5.80 42.11
C GLN A 684 -8.40 -4.30 42.07
N ALA A 685 -7.30 -3.54 42.14
CA ALA A 685 -7.41 -2.09 42.17
C ALA A 685 -6.12 -1.46 41.69
N ASN A 686 -6.25 -0.25 41.12
CA ASN A 686 -5.11 0.53 40.63
C ASN A 686 -5.31 1.99 41.02
N LEU A 687 -4.22 2.67 41.36
CA LEU A 687 -4.26 4.11 41.60
C LEU A 687 -3.01 4.71 40.99
N GLY A 688 -3.19 5.59 40.02
CA GLY A 688 -2.09 6.33 39.43
C GLY A 688 -2.21 7.83 39.61
N VAL A 689 -1.13 8.48 40.04
CA VAL A 689 -1.11 9.92 40.18
C VAL A 689 0.07 10.45 39.39
N SER A 690 -0.15 11.48 38.58
CA SER A 690 0.93 12.22 37.92
C SER A 690 0.79 13.69 38.28
N TRP A 691 1.85 14.24 38.84
CA TRP A 691 1.78 15.55 39.49
C TRP A 691 2.83 16.48 38.88
N ASP A 692 2.36 17.54 38.23
CA ASP A 692 3.24 18.61 37.84
C ASP A 692 3.51 19.48 39.06
N THR A 693 4.77 19.51 39.48
CA THR A 693 5.16 20.25 40.66
C THR A 693 5.10 21.74 40.35
N PRO A 694 4.24 22.51 41.02
CA PRO A 694 4.29 23.97 40.85
C PRO A 694 5.60 24.58 41.35
N PHE A 695 6.43 23.83 42.05
CA PHE A 695 7.60 24.40 42.70
C PHE A 695 8.92 24.13 41.98
N VAL A 696 8.93 23.24 40.99
CA VAL A 696 10.04 23.16 40.04
C VAL A 696 9.47 23.23 38.63
N ASP A 697 10.11 24.01 37.77
CA ASP A 697 9.63 24.21 36.41
C ASP A 697 10.01 23.00 35.55
N GLY A 698 9.02 22.44 34.84
CA GLY A 698 9.23 21.29 34.00
C GLY A 698 9.31 19.94 34.70
N LEU A 699 9.13 19.90 36.01
CA LEU A 699 9.30 18.65 36.76
C LEU A 699 7.95 18.03 37.07
N THR A 700 7.85 16.74 36.79
CA THR A 700 6.64 15.95 36.99
C THR A 700 6.98 14.68 37.76
N LEU A 701 6.15 14.33 38.74
CA LEU A 701 6.35 13.18 39.59
C LEU A 701 5.15 12.27 39.49
N ASP A 702 5.41 10.97 39.50
CA ASP A 702 4.41 9.94 39.23
C ASP A 702 4.53 8.87 40.28
N SER A 703 3.40 8.26 40.60
CA SER A 703 3.37 7.13 41.52
C SER A 703 2.19 6.28 41.12
N ARG A 704 2.32 4.99 41.35
CA ARG A 704 1.27 4.04 41.01
C ARG A 704 1.26 2.97 42.08
N TRP A 705 0.07 2.48 42.38
CA TRP A 705 -0.12 1.39 43.31
C TRP A 705 -0.99 0.37 42.60
N ILE A 706 -0.51 -0.86 42.50
CA ILE A 706 -1.24 -1.94 41.84
C ILE A 706 -1.53 -3.00 42.90
N TYR A 707 -2.80 -3.35 43.01
CA TYR A 707 -3.27 -4.29 44.02
C TYR A 707 -3.97 -5.46 43.35
N THR A 708 -3.69 -6.66 43.84
CA THR A 708 -4.32 -7.87 43.33
C THR A 708 -4.57 -8.75 44.53
N GLY A 709 -5.84 -9.09 44.77
CA GLY A 709 -6.20 -9.93 45.89
C GLY A 709 -5.64 -11.34 45.78
N SER A 710 -5.96 -12.14 46.81
CA SER A 710 -5.61 -13.55 46.79
C SER A 710 -6.40 -14.28 45.71
N ALA A 711 -5.83 -15.36 45.21
CA ALA A 711 -6.43 -16.14 44.14
C ALA A 711 -6.03 -17.59 44.31
N TYR A 712 -6.63 -18.48 43.52
CA TYR A 712 -6.35 -19.90 43.63
C TYR A 712 -5.75 -20.42 42.33
N VAL A 713 -4.91 -21.44 42.46
CA VAL A 713 -4.29 -22.06 41.29
C VAL A 713 -5.01 -23.34 40.86
N ASP A 714 -5.86 -23.90 41.73
CA ASP A 714 -6.53 -25.17 41.48
C ASP A 714 -8.04 -24.99 41.51
N SER A 715 -8.74 -25.94 40.89
CA SER A 715 -10.18 -25.84 40.76
C SER A 715 -10.92 -26.16 42.06
N ALA A 716 -10.31 -26.98 42.92
CA ALA A 716 -10.90 -27.22 44.23
C ALA A 716 -10.58 -26.11 45.24
N ASN A 717 -9.76 -25.15 44.85
CA ASN A 717 -9.41 -24.00 45.70
C ASN A 717 -8.70 -24.43 46.98
N ALA A 718 -7.92 -25.50 46.93
CA ALA A 718 -7.12 -25.88 48.10
C ALA A 718 -5.76 -25.21 48.11
N LEU A 719 -5.36 -24.60 46.99
CA LEU A 719 -4.05 -23.98 46.84
C LEU A 719 -4.26 -22.49 46.58
N ALA A 720 -4.16 -21.68 47.61
CA ALA A 720 -4.28 -20.24 47.50
C ALA A 720 -2.90 -19.61 47.38
N VAL A 721 -2.83 -18.53 46.60
CA VAL A 721 -1.62 -17.72 46.62
C VAL A 721 -2.00 -16.37 47.23
N PRO A 722 -1.06 -15.70 47.89
CA PRO A 722 -1.39 -14.45 48.57
C PRO A 722 -1.72 -13.34 47.58
N HIS A 723 -2.43 -12.35 48.10
CA HIS A 723 -2.57 -11.06 47.43
C HIS A 723 -1.19 -10.42 47.29
N TRP A 724 -1.10 -9.43 46.41
CA TRP A 724 0.17 -8.74 46.26
C TRP A 724 -0.06 -7.26 45.95
N ASN A 725 0.96 -6.46 46.27
CA ASN A 725 0.97 -5.03 46.04
C ASN A 725 2.22 -4.67 45.25
N ARG A 726 2.07 -3.80 44.26
CA ARG A 726 3.22 -3.26 43.56
C ARG A 726 3.15 -1.74 43.56
N VAL A 727 4.32 -1.11 43.72
CA VAL A 727 4.44 0.34 43.76
C VAL A 727 5.47 0.75 42.71
N ASP A 728 5.09 1.68 41.84
CA ASP A 728 5.99 2.27 40.86
C ASP A 728 6.23 3.74 41.21
N LEU A 729 7.43 4.24 40.94
CA LEU A 729 7.71 5.66 41.08
C LEU A 729 8.35 6.19 39.81
N GLY A 730 7.98 7.41 39.44
CA GLY A 730 8.47 7.98 38.19
C GLY A 730 8.69 9.47 38.30
N ALA A 731 9.54 9.97 37.40
CA ALA A 731 9.90 11.38 37.37
C ALA A 731 10.25 11.74 35.95
N ALA A 732 9.81 12.90 35.51
CA ALA A 732 10.13 13.44 34.20
C ALA A 732 10.56 14.88 34.37
N TYR A 733 11.68 15.24 33.75
CA TYR A 733 12.20 16.60 33.81
C TYR A 733 12.38 17.16 32.39
N ALA A 734 11.62 18.21 32.07
CA ALA A 734 11.61 18.83 30.75
C ALA A 734 12.42 20.13 30.78
N PHE A 735 13.32 20.29 29.82
CA PHE A 735 14.20 21.45 29.78
C PHE A 735 14.66 21.68 28.35
N GLN A 736 15.25 22.86 28.13
CA GLN A 736 15.73 23.27 26.82
C GLN A 736 17.24 23.37 26.81
N VAL A 737 17.86 22.89 25.73
CA VAL A 737 19.28 23.12 25.48
C VAL A 737 19.41 23.57 24.02
N ALA A 738 20.10 24.68 23.80
CA ALA A 738 20.30 25.23 22.47
C ALA A 738 18.98 25.39 21.73
N GLY A 739 17.91 25.69 22.47
CA GLY A 739 16.59 25.86 21.90
C GLY A 739 15.79 24.59 21.72
N LYS A 740 16.42 23.34 21.96
CA LYS A 740 15.70 22.11 21.72
C LYS A 740 15.01 21.62 23.00
N PRO A 741 13.82 21.04 22.87
CA PRO A 741 13.16 20.41 24.03
C PRO A 741 13.79 19.06 24.33
N LEU A 742 14.14 18.85 25.59
CA LEU A 742 14.65 17.58 26.06
C LEU A 742 13.84 17.15 27.26
N VAL A 743 13.74 15.84 27.46
CA VAL A 743 13.01 15.33 28.62
C VAL A 743 13.81 14.16 29.18
N ALA A 744 14.30 14.33 30.41
CA ALA A 744 14.92 13.26 31.17
C ALA A 744 13.85 12.56 32.00
N ARG A 745 13.84 11.23 31.96
CA ARG A 745 12.81 10.45 32.62
C ARG A 745 13.41 9.32 33.44
N ALA A 746 12.73 9.00 34.54
CA ALA A 746 13.09 7.86 35.38
C ALA A 746 11.82 7.12 35.74
N ASN A 747 11.87 5.81 35.64
CA ASN A 747 10.77 4.96 36.06
C ASN A 747 11.34 3.82 36.88
N LEU A 748 10.76 3.65 38.07
CA LEU A 748 11.17 2.64 39.04
C LEU A 748 9.99 1.70 39.24
N GLU A 749 10.03 0.52 38.62
CA GLU A 749 8.92 -0.40 38.71
C GLU A 749 9.14 -1.36 39.88
N ASN A 750 8.06 -1.66 40.59
CA ASN A 750 8.17 -2.52 41.76
C ASN A 750 9.21 -1.93 42.72
N ALA A 751 8.95 -0.66 43.08
CA ALA A 751 9.91 0.12 43.86
C ALA A 751 10.27 -0.56 45.17
N LEU A 752 9.32 -1.25 45.79
CA LEU A 752 9.58 -1.92 47.04
C LEU A 752 10.26 -3.29 46.87
N GLY A 753 10.59 -3.69 45.65
CA GLY A 753 11.19 -5.01 45.46
C GLY A 753 10.33 -6.14 46.01
N LYS A 754 9.02 -6.06 45.83
CA LYS A 754 8.14 -7.13 46.26
C LYS A 754 8.27 -8.36 45.35
N ASP A 755 8.29 -9.54 45.97
CA ASP A 755 8.25 -10.79 45.23
C ASP A 755 6.92 -11.46 45.47
N TYR A 756 6.24 -11.87 44.39
CA TYR A 756 4.91 -12.42 44.50
C TYR A 756 4.63 -13.32 43.30
N TRP A 757 3.65 -14.21 43.49
CA TRP A 757 3.11 -15.05 42.43
C TRP A 757 1.88 -14.42 41.81
N THR A 758 1.80 -14.46 40.49
CA THR A 758 0.53 -14.21 39.82
C THR A 758 -0.10 -15.55 39.48
N ALA A 759 -1.32 -15.77 39.95
CA ALA A 759 -1.98 -17.05 39.82
C ALA A 759 -2.58 -17.24 38.43
N ALA A 760 -2.65 -18.50 38.01
CA ALA A 760 -3.28 -18.91 36.77
C ALA A 760 -3.87 -20.29 37.02
N ASN A 761 -4.35 -20.93 35.96
CA ASN A 761 -5.02 -22.22 36.07
C ASN A 761 -3.98 -23.33 36.02
N GLY A 762 -3.49 -23.72 37.20
CA GLY A 762 -2.55 -24.80 37.30
C GLY A 762 -1.10 -24.38 37.34
N TYR A 763 -0.81 -23.08 37.23
CA TYR A 763 0.56 -22.60 37.30
C TYR A 763 0.60 -21.15 37.80
N LEU A 764 1.82 -20.71 38.14
CA LEU A 764 2.10 -19.38 38.68
C LEU A 764 3.26 -18.74 37.93
N SER A 765 3.18 -17.42 37.72
CA SER A 765 4.27 -16.67 37.10
C SER A 765 4.94 -15.87 38.20
N ILE A 766 6.26 -15.90 38.23
CA ILE A 766 7.02 -15.11 39.18
C ILE A 766 7.03 -13.66 38.73
N SER A 767 6.96 -12.75 39.69
CA SER A 767 7.04 -11.33 39.40
C SER A 767 8.43 -10.95 38.86
N SER A 768 8.48 -9.79 38.23
CA SER A 768 9.70 -9.13 37.82
C SER A 768 10.30 -8.37 39.00
N PRO A 769 11.62 -8.26 39.06
CA PRO A 769 12.27 -7.55 40.17
C PRO A 769 12.08 -6.04 40.06
N ARG A 770 12.54 -5.35 41.11
CA ARG A 770 12.71 -3.90 41.04
C ARG A 770 13.50 -3.54 39.80
N THR A 771 13.00 -2.59 39.03
CA THR A 771 13.54 -2.34 37.69
C THR A 771 13.54 -0.85 37.42
N LEU A 772 14.72 -0.25 37.40
CA LEU A 772 14.86 1.17 37.11
C LEU A 772 15.22 1.38 35.63
N SER A 773 14.55 2.33 35.01
CA SER A 773 14.81 2.69 33.63
C SER A 773 15.05 4.19 33.55
N LEU A 774 16.06 4.60 32.81
CA LEU A 774 16.43 6.00 32.69
C LEU A 774 16.48 6.35 31.22
N SER A 775 15.93 7.51 30.84
CA SER A 775 15.95 7.88 29.44
C SER A 775 16.12 9.39 29.28
N LEU A 776 16.66 9.76 28.12
CA LEU A 776 16.77 11.15 27.68
C LEU A 776 16.22 11.23 26.26
N THR A 777 15.33 12.21 26.02
CA THR A 777 14.63 12.34 24.75
C THR A 777 14.86 13.75 24.22
N ALA A 778 15.22 13.89 22.94
CA ALA A 778 15.44 15.20 22.36
C ALA A 778 14.68 15.34 21.05
N ASP A 779 13.99 16.45 20.87
CA ASP A 779 13.29 16.77 19.63
C ASP A 779 14.12 17.74 18.81
N PHE A 780 14.58 17.30 17.65
CA PHE A 780 15.27 18.20 16.73
C PHE A 780 14.30 18.66 15.64
N GLY B 111 -4.81 -15.98 -19.86
CA GLY B 111 -6.03 -15.21 -19.62
C GLY B 111 -5.90 -13.81 -20.19
N ALA B 112 -6.99 -13.03 -20.11
CA ALA B 112 -6.98 -11.70 -20.71
C ALA B 112 -5.93 -10.81 -20.09
N GLU B 113 -5.63 -10.99 -18.81
CA GLU B 113 -4.66 -10.14 -18.12
C GLU B 113 -3.33 -10.83 -17.89
N THR B 114 -3.14 -12.04 -18.43
CA THR B 114 -1.88 -12.75 -18.22
C THR B 114 -0.74 -12.01 -18.90
N LEU B 115 0.29 -11.70 -18.14
CA LEU B 115 1.48 -11.08 -18.69
C LEU B 115 2.04 -11.91 -19.86
N PRO B 116 2.10 -11.37 -21.07
CA PRO B 116 2.62 -12.14 -22.20
C PRO B 116 4.11 -12.41 -22.07
N ALA B 117 4.54 -13.52 -22.65
CA ALA B 117 5.90 -13.99 -22.45
C ALA B 117 6.90 -13.12 -23.21
N GLU B 118 8.12 -13.10 -22.69
CA GLU B 118 9.21 -12.44 -23.39
C GLU B 118 9.56 -13.21 -24.66
N TYR B 119 9.76 -12.48 -25.75
CA TYR B 119 10.26 -13.07 -26.99
C TYR B 119 11.74 -13.37 -26.86
N ALA B 120 12.23 -14.24 -27.75
CA ALA B 120 13.64 -14.58 -27.82
C ALA B 120 14.48 -13.32 -27.71
N GLY B 121 15.48 -13.37 -26.84
CA GLY B 121 16.31 -12.22 -26.55
C GLY B 121 15.85 -11.40 -25.36
N GLY B 122 14.57 -11.46 -24.99
CA GLY B 122 14.09 -10.71 -23.86
C GLY B 122 14.05 -9.22 -24.03
N GLN B 123 14.27 -8.72 -25.25
CA GLN B 123 14.21 -7.28 -25.44
C GLN B 123 12.79 -6.79 -25.68
N VAL B 124 11.97 -7.59 -26.33
CA VAL B 124 10.56 -7.32 -26.54
C VAL B 124 9.76 -8.53 -26.04
N ALA B 125 8.43 -8.43 -26.05
CA ALA B 125 7.55 -9.50 -25.62
C ALA B 125 6.72 -10.02 -26.78
N ARG B 126 6.14 -11.22 -26.57
CA ARG B 126 5.35 -11.98 -27.56
C ARG B 126 3.92 -11.47 -27.75
N GLY B 127 3.48 -10.50 -26.94
CA GLY B 127 2.09 -10.08 -26.96
C GLY B 127 1.91 -8.77 -26.23
N ALA B 128 0.73 -8.17 -26.42
CA ALA B 128 0.44 -6.87 -25.85
C ALA B 128 -1.08 -6.73 -25.75
N ARG B 129 -1.53 -5.63 -25.16
CA ARG B 129 -2.95 -5.47 -24.87
C ARG B 129 -3.69 -4.91 -26.08
N LEU B 130 -4.88 -5.43 -26.33
CA LEU B 130 -5.69 -4.86 -27.39
C LEU B 130 -6.89 -4.19 -26.76
N GLY B 131 -6.63 -3.21 -25.89
CA GLY B 131 -7.70 -2.52 -25.18
C GLY B 131 -8.65 -3.47 -24.47
N MET B 132 -9.94 -3.31 -24.78
CA MET B 132 -11.01 -4.10 -24.14
C MET B 132 -10.87 -5.60 -24.40
N LEU B 133 -10.17 -6.00 -25.45
CA LEU B 133 -10.01 -7.42 -25.71
C LEU B 133 -8.96 -8.08 -24.82
N GLY B 134 -8.24 -7.33 -23.99
CA GLY B 134 -7.20 -8.03 -23.25
C GLY B 134 -5.95 -8.29 -24.09
N ASN B 135 -5.07 -9.11 -23.54
CA ASN B 135 -3.76 -9.36 -24.17
C ASN B 135 -3.88 -10.34 -25.33
N ALA B 136 -3.15 -10.08 -26.40
CA ALA B 136 -3.11 -11.04 -27.51
C ALA B 136 -1.67 -11.25 -27.96
N ASP B 137 -1.36 -12.48 -28.36
CA ASP B 137 -0.06 -12.77 -28.96
C ASP B 137 0.10 -11.97 -30.25
N VAL B 138 1.34 -11.56 -30.53
CA VAL B 138 1.62 -10.76 -31.72
C VAL B 138 1.09 -11.44 -32.98
N MET B 139 1.22 -12.76 -33.04
CA MET B 139 0.80 -13.49 -34.22
C MET B 139 -0.72 -13.64 -34.31
N ASP B 140 -1.46 -13.32 -33.24
CA ASP B 140 -2.92 -13.36 -33.24
C ASP B 140 -3.52 -11.96 -33.23
N ALA B 141 -2.71 -10.92 -33.38
CA ALA B 141 -3.20 -9.56 -33.29
C ALA B 141 -3.23 -8.94 -34.68
N PRO B 142 -4.40 -8.56 -35.20
CA PRO B 142 -4.47 -7.92 -36.53
C PRO B 142 -4.14 -6.43 -36.47
N PHE B 143 -3.11 -6.08 -35.71
CA PHE B 143 -2.57 -4.73 -35.61
C PHE B 143 -1.05 -4.83 -35.43
N SER B 144 -0.37 -3.72 -35.63
CA SER B 144 1.06 -3.65 -35.31
C SER B 144 1.21 -3.31 -33.84
N ILE B 145 1.66 -4.28 -33.05
CA ILE B 145 1.94 -4.09 -31.64
C ILE B 145 3.39 -4.48 -31.36
N THR B 146 4.03 -3.69 -30.51
CA THR B 146 5.33 -4.03 -29.94
C THR B 146 5.23 -3.82 -28.43
N SER B 147 5.93 -4.67 -27.68
CA SER B 147 5.98 -4.56 -26.23
C SER B 147 7.44 -4.59 -25.82
N TYR B 148 7.94 -3.48 -25.29
CA TYR B 148 9.31 -3.44 -24.79
C TYR B 148 9.35 -3.88 -23.34
N THR B 149 10.39 -4.61 -22.96
CA THR B 149 10.40 -5.25 -21.65
C THR B 149 11.17 -4.43 -20.61
N ALA B 150 11.00 -4.83 -19.34
CA ALA B 150 11.80 -4.25 -18.26
C ALA B 150 13.30 -4.47 -18.50
N ARG B 151 13.66 -5.62 -19.07
CA ARG B 151 15.06 -5.91 -19.35
C ARG B 151 15.68 -4.81 -20.21
N THR B 152 14.98 -4.42 -21.28
CA THR B 152 15.45 -3.36 -22.16
C THR B 152 15.54 -2.04 -21.41
N ILE B 153 14.52 -1.74 -20.60
CA ILE B 153 14.49 -0.50 -19.84
C ILE B 153 15.72 -0.39 -18.96
N GLU B 154 16.01 -1.45 -18.20
CA GLU B 154 17.17 -1.44 -17.31
C GLU B 154 18.47 -1.43 -18.11
N GLN B 155 18.52 -2.16 -19.25
CA GLN B 155 19.77 -2.26 -20.00
C GLN B 155 20.17 -0.92 -20.62
N GLN B 156 19.19 -0.12 -21.03
CA GLN B 156 19.46 1.16 -21.66
C GLN B 156 19.39 2.30 -20.66
N GLN B 157 19.09 1.99 -19.41
CA GLN B 157 18.90 3.01 -18.37
C GLN B 157 17.88 4.07 -18.82
N ALA B 158 16.84 3.62 -19.53
CA ALA B 158 15.78 4.55 -19.93
C ALA B 158 14.94 4.95 -18.73
N ARG B 159 14.74 6.25 -18.54
CA ARG B 159 14.01 6.75 -17.38
C ARG B 159 12.56 7.13 -17.67
N SER B 160 12.21 7.37 -18.93
CA SER B 160 10.85 7.76 -19.32
C SER B 160 10.43 7.00 -20.58
N VAL B 161 9.12 7.00 -20.85
CA VAL B 161 8.59 6.48 -22.11
C VAL B 161 9.35 7.07 -23.28
N ALA B 162 9.60 8.39 -23.25
CA ALA B 162 10.32 9.02 -24.35
C ALA B 162 11.72 8.44 -24.54
N ASP B 163 12.48 8.25 -23.43
CA ASP B 163 13.81 7.67 -23.54
C ASP B 163 13.78 6.31 -24.21
N LEU B 164 12.79 5.49 -23.82
CA LEU B 164 12.73 4.15 -24.37
C LEU B 164 12.30 4.17 -25.82
N LEU B 165 11.24 4.92 -26.14
CA LEU B 165 10.58 4.79 -27.42
C LEU B 165 11.39 5.42 -28.55
N GLN B 166 11.94 6.62 -28.33
CA GLN B 166 12.74 7.22 -29.41
C GLN B 166 13.99 6.38 -29.69
N ALA B 167 14.54 5.71 -28.68
CA ALA B 167 15.80 4.98 -28.90
C ALA B 167 15.59 3.71 -29.70
N ASN B 168 14.43 3.06 -29.60
CA ASN B 168 14.30 1.72 -30.15
C ASN B 168 13.26 1.55 -31.25
N ASP B 169 12.24 2.45 -31.36
CA ASP B 169 11.08 2.18 -32.22
C ASP B 169 11.12 3.02 -33.48
N PRO B 170 10.99 2.38 -34.66
CA PRO B 170 11.00 3.16 -35.92
C PRO B 170 9.83 4.11 -36.06
N SER B 171 8.68 3.78 -35.48
CA SER B 171 7.48 4.61 -35.66
C SER B 171 7.31 5.75 -34.66
N VAL B 172 8.11 5.84 -33.60
CA VAL B 172 7.84 6.85 -32.58
C VAL B 172 8.99 7.84 -32.51
N ARG B 173 8.68 9.12 -32.69
CA ARG B 173 9.63 10.21 -32.48
C ARG B 173 9.05 11.16 -31.44
N VAL B 174 9.94 11.71 -30.61
CA VAL B 174 9.57 12.52 -29.45
C VAL B 174 9.67 14.00 -29.83
N VAL B 175 8.64 14.77 -29.52
CA VAL B 175 8.69 16.22 -29.55
C VAL B 175 8.72 16.70 -28.10
N GLY B 176 9.55 17.69 -27.82
CA GLY B 176 9.79 18.09 -26.45
C GLY B 176 11.14 17.60 -26.01
N GLY B 177 11.17 16.58 -25.17
CA GLY B 177 12.42 16.01 -24.69
C GLY B 177 12.65 16.28 -23.21
N ARG B 178 13.68 15.63 -22.70
CA ARG B 178 13.87 15.54 -21.26
C ARG B 178 14.28 16.85 -20.61
N GLY B 179 14.74 17.83 -21.40
CA GLY B 179 14.97 19.14 -20.82
C GLY B 179 13.73 19.99 -20.69
N ASP B 180 12.65 19.58 -21.37
CA ASP B 180 11.36 20.25 -21.39
C ASP B 180 10.46 19.68 -20.30
N LEU B 181 9.35 20.36 -20.03
CA LEU B 181 8.43 19.86 -19.02
C LEU B 181 7.52 18.76 -19.56
N VAL B 182 7.39 18.62 -20.88
CA VAL B 182 6.46 17.69 -21.49
C VAL B 182 7.14 16.93 -22.63
N ASP B 183 6.80 15.64 -22.76
CA ASP B 183 7.06 14.86 -23.96
C ASP B 183 5.74 14.64 -24.70
N SER B 184 5.76 14.77 -26.03
CA SER B 184 4.71 14.26 -26.89
C SER B 184 5.32 13.37 -27.97
N TYR B 185 4.50 12.52 -28.58
CA TYR B 185 5.03 11.47 -29.45
C TYR B 185 4.37 11.50 -30.83
N THR B 186 5.18 11.36 -31.85
CA THR B 186 4.67 11.22 -33.20
C THR B 186 4.62 9.76 -33.60
N ILE B 187 3.43 9.30 -33.99
CA ILE B 187 3.17 7.94 -34.44
C ILE B 187 2.30 8.01 -35.69
N ARG B 188 2.71 7.27 -36.73
CA ARG B 188 1.98 7.18 -38.01
C ARG B 188 1.58 8.55 -38.52
N GLY B 189 2.47 9.52 -38.32
CA GLY B 189 2.22 10.89 -38.71
C GLY B 189 1.15 11.62 -37.92
N PHE B 190 0.81 11.17 -36.71
CA PHE B 190 -0.12 11.92 -35.86
C PHE B 190 0.45 12.07 -34.45
N SER B 191 0.06 13.16 -33.78
CA SER B 191 0.60 13.50 -32.47
C SER B 191 -0.10 12.71 -31.38
N VAL B 192 0.67 12.08 -30.51
CA VAL B 192 0.12 11.38 -29.36
C VAL B 192 0.56 12.10 -28.10
N GLN B 193 -0.42 12.57 -27.34
CA GLN B 193 -0.14 13.28 -26.08
C GLN B 193 0.34 12.30 -25.02
N ASN B 194 1.30 12.74 -24.21
CA ASN B 194 1.69 11.94 -23.05
C ASN B 194 0.52 11.69 -22.11
N ALA B 195 -0.45 12.60 -22.05
CA ALA B 195 -1.65 12.37 -21.25
C ALA B 195 -2.51 11.24 -21.79
N ASP B 196 -2.29 10.82 -23.03
CA ASP B 196 -3.08 9.76 -23.62
C ASP B 196 -2.42 8.38 -23.47
N VAL B 197 -1.30 8.28 -22.74
CA VAL B 197 -0.69 6.98 -22.45
C VAL B 197 -1.56 6.19 -21.48
N ALA B 198 -1.85 4.94 -21.82
CA ALA B 198 -2.74 4.05 -21.08
C ALA B 198 -2.02 3.26 -19.99
N PHE B 199 -2.79 2.83 -19.00
CA PHE B 199 -2.28 2.16 -17.81
C PHE B 199 -3.04 0.85 -17.73
N ASN B 200 -2.41 -0.25 -18.13
CA ASN B 200 -3.13 -1.51 -18.29
C ASN B 200 -4.41 -1.31 -19.10
N GLY B 201 -4.33 -0.46 -20.13
CA GLY B 201 -5.48 -0.24 -20.99
C GLY B 201 -6.37 0.92 -20.60
N LEU B 202 -6.15 1.53 -19.42
CA LEU B 202 -7.00 2.58 -18.88
C LEU B 202 -6.34 3.95 -19.02
N TYR B 203 -7.16 4.95 -19.36
CA TYR B 203 -6.64 6.31 -19.51
C TYR B 203 -6.77 7.07 -18.19
N GLY B 204 -6.04 8.19 -18.11
CA GLY B 204 -6.24 9.16 -17.04
C GLY B 204 -5.53 8.87 -15.74
N LEU B 205 -4.63 7.87 -15.70
CA LEU B 205 -4.05 7.39 -14.46
C LEU B 205 -2.54 7.56 -14.35
N LEU B 206 -1.87 8.15 -15.33
CA LEU B 206 -0.41 8.22 -15.34
C LEU B 206 0.03 9.67 -15.35
N PRO B 207 1.28 9.97 -15.01
CA PRO B 207 1.72 11.36 -14.91
C PRO B 207 1.50 12.11 -16.21
N PHE B 208 0.99 13.33 -16.09
CA PHE B 208 0.27 13.94 -17.19
C PHE B 208 1.21 14.37 -18.31
N TRP B 209 2.36 14.95 -17.97
CA TRP B 209 3.28 15.53 -18.93
C TRP B 209 4.34 14.54 -19.40
N ARG B 210 4.84 13.69 -18.50
CA ARG B 210 5.91 12.76 -18.87
C ARG B 210 5.81 11.52 -17.99
N VAL B 211 5.65 10.36 -18.60
CA VAL B 211 5.47 9.11 -17.87
C VAL B 211 6.82 8.54 -17.47
N PRO B 212 7.10 8.33 -16.18
CA PRO B 212 8.32 7.62 -15.79
C PRO B 212 8.12 6.12 -15.87
N ILE B 213 9.20 5.39 -16.17
CA ILE B 213 9.02 3.96 -16.42
C ILE B 213 9.88 3.09 -15.50
N GLU B 214 10.45 3.65 -14.43
CA GLU B 214 11.25 2.76 -13.60
C GLU B 214 10.39 1.78 -12.78
N PHE B 215 9.07 1.83 -12.87
CA PHE B 215 8.19 0.82 -12.29
C PHE B 215 7.51 -0.06 -13.35
N ALA B 216 7.89 0.07 -14.61
CA ALA B 216 7.17 -0.55 -15.72
C ALA B 216 7.70 -1.94 -16.03
N GLU B 217 6.84 -2.96 -16.01
CA GLU B 217 7.24 -4.23 -16.58
C GLU B 217 7.20 -4.20 -18.10
N ARG B 218 6.31 -3.43 -18.72
CA ARG B 218 6.22 -3.36 -20.17
C ARG B 218 5.82 -1.97 -20.59
N VAL B 219 6.37 -1.51 -21.71
CA VAL B 219 5.85 -0.38 -22.45
C VAL B 219 5.45 -0.90 -23.82
N GLU B 220 4.16 -0.82 -24.13
CA GLU B 220 3.56 -1.39 -25.33
C GLU B 220 3.10 -0.29 -26.26
N VAL B 221 3.34 -0.46 -27.56
CA VAL B 221 2.90 0.47 -28.60
C VAL B 221 1.92 -0.25 -29.53
N LEU B 222 0.70 0.26 -29.62
CA LEU B 222 -0.26 -0.15 -30.64
C LEU B 222 -0.36 0.98 -31.65
N LYS B 223 0.09 0.74 -32.88
CA LYS B 223 0.17 1.79 -33.88
C LYS B 223 -1.17 1.96 -34.59
N GLY B 224 -1.55 3.21 -34.84
CA GLY B 224 -2.83 3.53 -35.44
C GLY B 224 -3.89 3.82 -34.40
N PRO B 225 -5.03 4.36 -34.83
CA PRO B 225 -6.13 4.62 -33.90
C PRO B 225 -6.78 3.32 -33.44
N ASN B 226 -7.57 3.43 -32.37
CA ASN B 226 -8.12 2.25 -31.71
C ASN B 226 -9.30 2.61 -30.82
N ALA B 227 -10.15 3.50 -31.30
CA ALA B 227 -11.26 4.00 -30.48
C ALA B 227 -12.23 2.89 -30.10
N LEU B 228 -12.38 1.86 -30.94
CA LEU B 228 -13.23 0.73 -30.56
C LEU B 228 -12.65 0.00 -29.34
N LEU B 229 -11.34 -0.29 -29.35
CA LEU B 229 -10.78 -1.12 -28.27
C LEU B 229 -10.76 -0.39 -26.93
N GLY B 230 -10.46 0.91 -26.92
CA GLY B 230 -10.22 1.59 -25.66
C GLY B 230 -11.06 2.82 -25.39
N GLY B 231 -11.87 3.26 -26.35
CA GLY B 231 -12.58 4.51 -26.20
C GLY B 231 -11.76 5.68 -26.69
N ILE B 232 -12.31 6.88 -26.54
CA ILE B 232 -11.56 8.08 -26.85
C ILE B 232 -10.45 8.30 -25.81
N SER B 233 -9.37 8.80 -26.25
CA SER B 233 -8.44 9.08 -25.17
C SER B 233 -8.63 10.51 -24.71
N PRO B 234 -8.27 10.84 -23.46
CA PRO B 234 -8.55 12.20 -22.93
C PRO B 234 -8.07 13.34 -23.81
N GLY B 235 -6.86 13.26 -24.35
CA GLY B 235 -6.34 14.30 -25.22
C GLY B 235 -6.72 14.19 -26.68
N GLY B 236 -7.54 13.19 -27.06
CA GLY B 236 -8.00 13.04 -28.43
C GLY B 236 -7.01 12.45 -29.43
N SER B 237 -5.90 11.86 -28.98
CA SER B 237 -4.86 11.35 -29.89
C SER B 237 -5.35 10.17 -30.72
N VAL B 238 -4.78 10.04 -31.93
CA VAL B 238 -5.19 8.99 -32.87
C VAL B 238 -4.01 8.27 -33.51
N GLY B 239 -2.76 8.68 -33.24
CA GLY B 239 -1.64 8.05 -33.91
C GLY B 239 -1.35 6.66 -33.38
N GLY B 240 -1.72 6.38 -32.15
CA GLY B 240 -1.43 5.10 -31.53
C GLY B 240 -1.57 5.22 -30.03
N THR B 241 -1.72 4.07 -29.39
CA THR B 241 -1.91 4.01 -27.94
C THR B 241 -0.68 3.35 -27.32
N ILE B 242 -0.03 4.09 -26.41
CA ILE B 242 1.05 3.54 -25.61
C ILE B 242 0.46 3.01 -24.31
N ASN B 243 0.81 1.78 -23.96
CA ASN B 243 0.24 1.12 -22.78
C ASN B 243 1.39 0.69 -21.89
N LEU B 244 1.32 1.07 -20.63
CA LEU B 244 2.29 0.67 -19.64
C LEU B 244 1.66 -0.42 -18.79
N VAL B 245 2.45 -1.45 -18.49
CA VAL B 245 2.05 -2.55 -17.62
C VAL B 245 2.94 -2.46 -16.37
N PRO B 246 2.36 -2.34 -15.17
CA PRO B 246 3.19 -2.19 -13.96
C PRO B 246 3.91 -3.48 -13.59
N LYS B 247 4.96 -3.33 -12.81
CA LYS B 247 5.62 -4.48 -12.21
C LYS B 247 4.73 -5.18 -11.20
N ARG B 248 4.89 -6.49 -11.15
CA ARG B 248 4.29 -7.36 -10.15
C ARG B 248 5.41 -8.18 -9.53
N ALA B 249 5.18 -8.66 -8.31
CA ALA B 249 6.16 -9.48 -7.63
C ALA B 249 6.21 -10.85 -8.30
N ASP B 250 7.42 -11.24 -8.73
CA ASP B 250 7.68 -12.58 -9.24
C ASP B 250 7.77 -13.57 -8.08
N ASP B 251 7.72 -14.86 -8.40
CA ASP B 251 7.82 -15.88 -7.37
C ASP B 251 9.14 -15.76 -6.61
N GLN B 252 10.24 -15.64 -7.35
CA GLN B 252 11.56 -15.53 -6.72
C GLN B 252 11.71 -14.16 -6.07
N PRO B 253 12.13 -14.10 -4.80
CA PRO B 253 12.23 -12.80 -4.12
C PRO B 253 13.24 -11.89 -4.80
N LEU B 254 12.91 -10.61 -4.85
CA LEU B 254 13.76 -9.60 -5.45
C LEU B 254 14.07 -8.54 -4.42
N THR B 255 15.36 -8.37 -4.11
CA THR B 255 15.83 -7.28 -3.25
C THR B 255 16.95 -6.61 -4.03
N ARG B 256 16.57 -5.68 -4.89
CA ARG B 256 17.47 -5.09 -5.87
C ARG B 256 17.72 -3.63 -5.50
N VAL B 257 18.98 -3.24 -5.49
CA VAL B 257 19.38 -1.86 -5.26
C VAL B 257 20.28 -1.41 -6.40
N SER B 258 20.08 -0.19 -6.87
CA SER B 258 21.03 0.33 -7.83
C SER B 258 21.30 1.79 -7.50
N VAL B 259 22.53 2.23 -7.79
CA VAL B 259 22.90 3.64 -7.73
C VAL B 259 23.36 4.03 -9.13
N ASP B 260 23.18 5.30 -9.46
CA ASP B 260 23.43 5.74 -10.81
C ASP B 260 23.90 7.19 -10.81
N TRP B 261 24.64 7.55 -11.85
CA TRP B 261 25.14 8.90 -12.09
C TRP B 261 24.82 9.25 -13.54
N THR B 262 24.38 10.48 -13.77
CA THR B 262 24.08 10.99 -15.11
C THR B 262 24.66 12.38 -15.24
N GLN B 263 25.38 12.61 -16.33
CA GLN B 263 25.87 13.94 -16.69
C GLN B 263 24.79 15.01 -16.47
N ARG B 264 25.16 16.16 -15.90
CA ARG B 264 26.51 16.51 -15.46
C ARG B 264 26.71 16.15 -13.98
N GLY B 265 25.62 16.08 -13.21
CA GLY B 265 25.75 15.71 -11.82
C GLY B 265 24.52 15.16 -11.13
N GLN B 266 23.74 14.33 -11.80
CA GLN B 266 22.53 13.77 -11.19
C GLN B 266 22.88 12.45 -10.52
N LEU B 267 22.67 12.38 -9.21
CA LEU B 267 22.90 11.17 -8.45
C LEU B 267 21.58 10.50 -8.17
N GLY B 268 21.48 9.19 -8.42
CA GLY B 268 20.23 8.48 -8.23
C GLY B 268 20.38 7.22 -7.40
N THR B 269 19.25 6.78 -6.84
CA THR B 269 19.15 5.50 -6.14
C THR B 269 17.80 4.86 -6.44
N HIS B 270 17.79 3.55 -6.71
CA HIS B 270 16.56 2.85 -7.08
C HIS B 270 16.47 1.56 -6.30
N LEU B 271 15.38 1.38 -5.55
CA LEU B 271 15.09 0.12 -4.87
C LEU B 271 13.93 -0.55 -5.59
N ASP B 272 14.12 -1.83 -5.91
CA ASP B 272 13.07 -2.66 -6.48
C ASP B 272 13.01 -3.89 -5.58
N ILE B 273 11.96 -3.97 -4.76
CA ILE B 273 11.78 -5.06 -3.82
C ILE B 273 10.49 -5.75 -4.17
N GLY B 274 10.54 -7.07 -4.32
CA GLY B 274 9.35 -7.83 -4.63
C GLY B 274 9.26 -9.04 -3.73
N ARG B 275 8.06 -9.39 -3.29
CA ARG B 275 7.87 -10.58 -2.48
C ARG B 275 6.51 -11.18 -2.83
N ARG B 276 6.47 -12.48 -2.98
CA ARG B 276 5.21 -13.20 -3.10
C ARG B 276 5.02 -14.04 -1.85
N PHE B 277 3.76 -14.21 -1.47
CA PHE B 277 3.43 -14.70 -0.15
C PHE B 277 2.29 -15.69 -0.21
N GLY B 278 2.28 -16.60 0.74
CA GLY B 278 1.08 -17.35 1.03
C GLY B 278 0.87 -18.59 0.18
N GLU B 279 -0.34 -19.13 0.34
CA GLU B 279 -0.81 -20.33 -0.32
C GLU B 279 -0.54 -20.26 -1.83
N ASN B 280 0.40 -21.07 -2.31
CA ASN B 280 0.74 -21.11 -3.74
C ASN B 280 1.17 -19.74 -4.27
N ASN B 281 1.78 -18.94 -3.39
CA ASN B 281 2.26 -17.59 -3.74
C ASN B 281 1.10 -16.71 -4.23
N ALA B 282 0.03 -16.66 -3.44
CA ALA B 282 -1.19 -15.97 -3.88
C ALA B 282 -1.01 -14.46 -3.89
N PHE B 283 -0.28 -13.91 -2.92
CA PHE B 283 -0.16 -12.47 -2.77
C PHE B 283 1.15 -11.98 -3.35
N GLY B 284 1.09 -10.83 -4.03
CA GLY B 284 2.29 -10.21 -4.54
C GLY B 284 2.42 -8.78 -4.07
N VAL B 285 3.61 -8.38 -3.65
CA VAL B 285 3.91 -7.02 -3.27
C VAL B 285 5.19 -6.63 -3.97
N ARG B 286 5.14 -5.58 -4.78
CA ARG B 286 6.36 -5.07 -5.39
C ARG B 286 6.43 -3.57 -5.18
N PHE B 287 7.52 -3.13 -4.55
CA PHE B 287 7.76 -1.72 -4.28
C PHE B 287 8.94 -1.22 -5.11
N ASN B 288 8.79 -0.05 -5.72
CA ASN B 288 9.88 0.66 -6.36
C ASN B 288 10.00 2.03 -5.75
N GLY B 289 11.21 2.42 -5.40
CA GLY B 289 11.47 3.79 -4.97
C GLY B 289 12.67 4.30 -5.72
N VAL B 290 12.56 5.53 -6.22
CA VAL B 290 13.66 6.21 -6.88
C VAL B 290 13.82 7.59 -6.27
N TYR B 291 15.06 7.99 -6.02
CA TYR B 291 15.35 9.40 -5.80
C TYR B 291 16.53 9.76 -6.69
N ARG B 292 16.34 10.75 -7.57
CA ARG B 292 17.38 11.18 -8.49
C ARG B 292 17.43 12.70 -8.46
N ASN B 293 18.60 13.28 -8.25
CA ASN B 293 18.71 14.73 -8.10
C ASN B 293 20.06 15.22 -8.56
N GLY B 294 20.10 16.29 -9.36
CA GLY B 294 21.37 16.89 -9.71
C GLY B 294 21.29 17.73 -10.98
N ASP B 295 22.44 18.28 -11.35
CA ASP B 295 22.56 19.08 -12.57
C ASP B 295 22.44 18.20 -13.81
N THR B 296 21.65 18.62 -14.78
CA THR B 296 21.48 17.85 -16.00
C THR B 296 22.61 18.16 -16.98
N ALA B 297 22.49 17.66 -18.21
CA ALA B 297 23.51 17.91 -19.22
C ALA B 297 23.34 19.27 -19.89
N VAL B 298 22.22 19.94 -19.67
CA VAL B 298 21.94 21.22 -20.29
C VAL B 298 22.41 22.35 -19.38
N ASP B 299 22.81 23.47 -19.97
CA ASP B 299 23.34 24.59 -19.21
C ASP B 299 22.35 25.07 -18.15
N HIS B 300 22.86 25.23 -16.92
CA HIS B 300 22.12 25.86 -15.83
C HIS B 300 20.76 25.19 -15.62
N GLN B 301 20.76 23.87 -15.66
CA GLN B 301 19.55 23.12 -15.39
C GLN B 301 19.87 22.09 -14.32
N SER B 302 18.92 21.88 -13.42
CA SER B 302 19.01 20.85 -12.42
C SER B 302 17.62 20.25 -12.24
N ARG B 303 17.57 19.04 -11.72
CA ARG B 303 16.33 18.29 -11.69
C ARG B 303 16.31 17.42 -10.46
N GLU B 304 15.19 17.43 -9.74
CA GLU B 304 14.96 16.53 -8.62
C GLU B 304 13.78 15.62 -8.94
N PHE B 305 13.95 14.32 -8.75
CA PHE B 305 12.93 13.34 -9.11
C PHE B 305 12.77 12.29 -8.02
N PRO B 306 11.71 12.39 -7.20
CA PRO B 306 11.33 11.26 -6.35
C PRO B 306 10.20 10.45 -6.95
N MET B 307 10.21 9.14 -6.75
CA MET B 307 9.14 8.30 -7.24
C MET B 307 8.94 7.13 -6.29
N LEU B 308 7.67 6.79 -6.05
CA LEU B 308 7.30 5.65 -5.22
C LEU B 308 6.21 4.90 -5.96
N SER B 309 6.34 3.58 -6.05
CA SER B 309 5.27 2.80 -6.65
C SER B 309 5.05 1.52 -5.86
N LEU B 310 3.80 1.08 -5.85
CA LEU B 310 3.42 -0.14 -5.18
C LEU B 310 2.57 -0.94 -6.16
N GLY B 311 2.98 -2.16 -6.46
CA GLY B 311 2.18 -3.04 -7.26
C GLY B 311 1.79 -4.24 -6.42
N LEU B 312 0.50 -4.42 -6.21
CA LEU B 312 -0.02 -5.41 -5.28
C LEU B 312 -1.02 -6.28 -6.01
N ASP B 313 -1.03 -7.56 -5.72
CA ASP B 313 -1.92 -8.43 -6.45
C ASP B 313 -2.26 -9.62 -5.59
N PHE B 314 -3.43 -10.17 -5.84
CA PHE B 314 -3.87 -11.44 -5.27
C PHE B 314 -4.18 -12.35 -6.44
N ARG B 315 -3.65 -13.57 -6.38
CA ARG B 315 -3.79 -14.55 -7.44
C ARG B 315 -4.60 -15.72 -6.86
N GLY B 316 -5.92 -15.66 -7.00
CA GLY B 316 -6.79 -16.70 -6.49
C GLY B 316 -7.26 -17.66 -7.58
N GLU B 317 -8.09 -18.61 -7.15
CA GLU B 317 -8.57 -19.62 -8.07
C GLU B 317 -9.47 -19.00 -9.14
N ARG B 318 -10.57 -18.39 -8.73
CA ARG B 318 -11.46 -17.70 -9.64
C ARG B 318 -11.39 -16.19 -9.53
N LEU B 319 -10.70 -15.67 -8.51
CA LEU B 319 -10.64 -14.24 -8.22
C LEU B 319 -9.21 -13.75 -8.35
N ARG B 320 -9.00 -12.77 -9.21
CA ARG B 320 -7.73 -12.06 -9.29
C ARG B 320 -7.97 -10.61 -8.91
N LEU B 321 -7.08 -10.05 -8.08
CA LEU B 321 -7.19 -8.65 -7.67
C LEU B 321 -5.84 -7.97 -7.82
N SER B 322 -5.88 -6.65 -7.99
CA SER B 322 -4.62 -5.92 -8.06
C SER B 322 -4.83 -4.46 -7.72
N SER B 323 -3.78 -3.86 -7.17
CA SER B 323 -3.76 -2.45 -6.80
C SER B 323 -2.45 -1.83 -7.29
N ASP B 324 -2.54 -0.67 -7.92
CA ASP B 324 -1.36 0.03 -8.37
C ASP B 324 -1.38 1.43 -7.79
N LEU B 325 -0.32 1.79 -7.05
CA LEU B 325 -0.17 3.12 -6.49
C LEU B 325 1.13 3.73 -7.00
N LEU B 326 1.09 5.01 -7.32
CA LEU B 326 2.26 5.69 -7.85
C LEU B 326 2.32 7.11 -7.29
N TYR B 327 3.50 7.54 -6.87
CA TYR B 327 3.74 8.93 -6.57
C TYR B 327 4.97 9.35 -7.36
N GLN B 328 4.92 10.50 -7.98
CA GLN B 328 6.11 10.99 -8.65
C GLN B 328 6.04 12.50 -8.65
N LYS B 329 7.21 13.11 -8.71
CA LYS B 329 7.31 14.56 -8.79
C LYS B 329 8.55 14.88 -9.61
N GLU B 330 8.39 15.76 -10.58
CA GLU B 330 9.54 16.25 -11.33
C GLU B 330 9.65 17.74 -11.09
N SER B 331 10.77 18.16 -10.51
CA SER B 331 11.07 19.57 -10.28
C SER B 331 12.30 19.95 -11.09
N LEU B 332 12.11 20.88 -12.02
CA LEU B 332 13.16 21.40 -12.88
C LEU B 332 13.48 22.82 -12.46
N GLU B 333 14.78 23.15 -12.43
CA GLU B 333 15.26 24.53 -12.40
C GLU B 333 15.85 24.77 -13.77
N GLY B 334 15.20 25.62 -14.57
CA GLY B 334 15.50 25.73 -15.98
C GLY B 334 14.64 24.77 -16.80
N VAL B 335 13.83 25.32 -17.70
CA VAL B 335 12.87 24.56 -18.50
C VAL B 335 13.16 24.86 -19.96
N VAL B 336 13.63 23.85 -20.71
CA VAL B 336 13.81 23.99 -22.14
C VAL B 336 12.45 23.98 -22.83
N ARG B 337 12.25 24.89 -23.77
CA ARG B 337 10.95 25.04 -24.39
C ARG B 337 11.08 25.10 -25.90
N PRO B 338 9.98 24.84 -26.63
CA PRO B 338 10.03 24.89 -28.10
C PRO B 338 10.51 26.22 -28.67
N LEU B 339 10.86 26.20 -29.94
CA LEU B 339 11.15 27.40 -30.71
C LEU B 339 10.07 27.52 -31.78
N LEU B 340 9.34 28.62 -31.78
CA LEU B 340 8.21 28.84 -32.67
C LEU B 340 8.65 29.66 -33.87
N THR B 341 7.98 29.43 -35.00
CA THR B 341 8.24 30.24 -36.17
C THR B 341 7.66 31.63 -36.00
N GLY B 342 8.31 32.61 -36.63
CA GLY B 342 7.84 33.98 -36.64
C GLY B 342 7.27 34.37 -37.99
N PRO B 343 6.55 35.50 -38.05
CA PRO B 343 5.96 35.92 -39.32
C PRO B 343 6.95 36.03 -40.46
N GLY B 344 8.13 36.61 -40.21
CA GLY B 344 9.09 36.80 -41.28
C GLY B 344 10.16 35.73 -41.38
N THR B 345 9.83 34.52 -40.94
CA THR B 345 10.80 33.43 -40.95
C THR B 345 10.89 32.84 -42.35
N THR B 346 12.06 32.96 -42.96
CA THR B 346 12.28 32.43 -44.29
C THR B 346 13.02 31.12 -44.29
N HIS B 347 13.75 30.81 -43.22
CA HIS B 347 14.54 29.60 -43.15
C HIS B 347 14.82 29.29 -41.68
N ILE B 348 14.85 28.00 -41.35
CA ILE B 348 15.11 27.56 -39.99
C ILE B 348 16.62 27.63 -39.78
N PRO B 349 17.09 28.34 -38.77
CA PRO B 349 18.53 28.47 -38.56
C PRO B 349 19.11 27.17 -38.01
N HIS B 350 20.42 27.05 -38.15
CA HIS B 350 21.13 25.85 -37.70
C HIS B 350 20.91 25.65 -36.21
N ALA B 351 20.69 24.39 -35.81
CA ALA B 351 20.47 24.06 -34.42
C ALA B 351 21.69 24.47 -33.58
N PRO B 352 21.50 25.20 -32.48
CA PRO B 352 22.62 25.47 -31.58
C PRO B 352 23.13 24.18 -30.97
N ASP B 353 24.23 24.31 -30.25
CA ASP B 353 24.72 23.22 -29.43
C ASP B 353 23.69 22.88 -28.36
N SER B 354 23.41 21.59 -28.22
CA SER B 354 22.31 21.15 -27.36
C SER B 354 22.52 21.48 -25.90
N LYS B 355 23.75 21.78 -25.48
CA LYS B 355 23.98 22.20 -24.10
C LYS B 355 23.47 23.62 -23.85
N THR B 356 23.42 24.47 -24.89
CA THR B 356 22.93 25.84 -24.73
C THR B 356 21.46 25.82 -24.31
N ARG B 357 21.08 26.77 -23.48
CA ARG B 357 19.70 26.89 -23.00
C ARG B 357 19.24 28.32 -23.30
N PHE B 358 18.51 28.49 -24.42
CA PHE B 358 18.20 29.81 -24.93
C PHE B 358 16.83 30.33 -24.50
N GLY B 359 16.10 29.59 -23.66
CA GLY B 359 14.83 30.05 -23.13
C GLY B 359 14.98 30.91 -21.88
N LEU B 360 14.03 30.78 -20.96
CA LEU B 360 14.01 31.64 -19.79
C LEU B 360 14.96 31.07 -18.75
N ARG B 361 15.96 31.86 -18.33
CA ARG B 361 16.99 31.31 -17.46
C ARG B 361 16.40 30.83 -16.16
N ASP B 362 15.56 31.66 -15.52
CA ASP B 362 14.98 31.33 -14.23
C ASP B 362 13.60 30.71 -14.37
N SER B 363 13.37 29.95 -15.43
CA SER B 363 12.19 29.12 -15.49
C SER B 363 12.26 28.03 -14.43
N TYR B 364 11.10 27.53 -14.03
CA TYR B 364 11.06 26.39 -13.14
C TYR B 364 9.84 25.55 -13.46
N LEU B 365 9.89 24.29 -13.05
CA LEU B 365 8.74 23.40 -13.15
C LEU B 365 8.62 22.64 -11.83
N ASP B 366 7.41 22.60 -11.29
CA ASP B 366 7.06 21.69 -10.19
C ASP B 366 5.87 20.89 -10.67
N GLN B 367 6.07 19.62 -11.00
CA GLN B 367 5.01 18.79 -11.53
C GLN B 367 4.87 17.57 -10.63
N GLU B 368 3.69 17.38 -10.05
CA GLU B 368 3.43 16.27 -9.17
C GLU B 368 2.24 15.46 -9.69
N ASP B 369 2.33 14.15 -9.58
CA ASP B 369 1.24 13.26 -9.95
C ASP B 369 1.25 12.11 -8.98
N TYR B 370 0.07 11.72 -8.55
CA TYR B 370 -0.04 10.47 -7.81
C TYR B 370 -1.38 9.87 -8.17
N SER B 371 -1.43 8.54 -8.18
CA SER B 371 -2.62 7.84 -8.64
C SER B 371 -2.68 6.48 -7.98
N MET B 372 -3.88 5.93 -7.97
CA MET B 372 -4.17 4.59 -7.47
C MET B 372 -5.23 3.97 -8.37
N VAL B 373 -5.12 2.67 -8.63
CA VAL B 373 -6.12 1.97 -9.43
C VAL B 373 -6.24 0.53 -8.92
N ASN B 374 -7.47 0.12 -8.64
CA ASN B 374 -7.75 -1.23 -8.19
C ASN B 374 -8.41 -1.97 -9.35
N ARG B 375 -7.97 -3.19 -9.60
CA ARG B 375 -8.48 -3.95 -10.72
C ARG B 375 -8.82 -5.36 -10.25
N GLY B 376 -9.74 -6.00 -10.95
CA GLY B 376 -10.17 -7.31 -10.52
C GLY B 376 -10.84 -8.07 -11.63
N GLU B 377 -10.78 -9.40 -11.52
CA GLU B 377 -11.54 -10.30 -12.36
C GLU B 377 -12.13 -11.36 -11.46
N TYR B 378 -13.31 -11.88 -11.85
CA TYR B 378 -13.88 -13.03 -11.18
C TYR B 378 -14.50 -13.97 -12.22
N ASP B 379 -14.09 -15.24 -12.20
CA ASP B 379 -14.60 -16.21 -13.16
C ASP B 379 -15.92 -16.76 -12.63
N LEU B 380 -17.03 -16.30 -13.24
CA LEU B 380 -18.36 -16.77 -12.86
C LEU B 380 -18.65 -18.17 -13.40
N ALA B 381 -17.91 -18.59 -14.41
CA ALA B 381 -18.03 -19.92 -14.99
C ALA B 381 -16.81 -20.13 -15.87
N ASP B 382 -16.62 -21.36 -16.34
CA ASP B 382 -15.46 -21.60 -17.18
C ASP B 382 -15.55 -20.89 -18.53
N ASN B 383 -16.71 -20.32 -18.85
CA ASN B 383 -16.89 -19.55 -20.09
C ASN B 383 -17.42 -18.15 -19.84
N LEU B 384 -17.27 -17.62 -18.63
CA LEU B 384 -17.77 -16.28 -18.35
C LEU B 384 -16.89 -15.66 -17.26
N THR B 385 -16.43 -14.44 -17.50
CA THR B 385 -15.55 -13.76 -16.56
C THR B 385 -15.93 -12.29 -16.43
N ALA B 386 -16.14 -11.83 -15.19
CA ALA B 386 -16.42 -10.43 -14.91
C ALA B 386 -15.14 -9.70 -14.55
N PHE B 387 -15.01 -8.46 -15.03
CA PHE B 387 -13.90 -7.61 -14.64
C PHE B 387 -14.41 -6.23 -14.24
N ALA B 388 -13.58 -5.53 -13.48
CA ALA B 388 -13.85 -4.15 -13.09
C ALA B 388 -12.56 -3.49 -12.62
N SER B 389 -12.42 -2.20 -12.93
CA SER B 389 -11.33 -1.37 -12.47
C SER B 389 -11.91 -0.04 -11.99
N ILE B 390 -11.33 0.51 -10.92
CA ILE B 390 -11.58 1.89 -10.50
C ILE B 390 -10.26 2.52 -10.08
N GLY B 391 -9.96 3.71 -10.61
CA GLY B 391 -8.77 4.43 -10.21
C GLY B 391 -9.01 5.92 -10.21
N GLY B 392 -8.03 6.65 -9.68
CA GLY B 392 -8.05 8.10 -9.75
C GLY B 392 -6.64 8.65 -9.74
N ARG B 393 -6.51 9.89 -10.22
CA ARG B 393 -5.20 10.55 -10.30
C ARG B 393 -5.35 11.99 -9.85
N GLN B 394 -4.38 12.46 -9.07
CA GLN B 394 -4.20 13.87 -8.77
C GLN B 394 -2.97 14.36 -9.49
N SER B 395 -3.04 15.57 -10.06
CA SER B 395 -1.94 16.12 -10.84
C SER B 395 -1.82 17.61 -10.54
N ASN B 396 -0.68 18.02 -9.99
CA ASN B 396 -0.45 19.39 -9.54
C ASN B 396 0.68 20.00 -10.37
N TYR B 397 0.40 21.11 -11.03
CA TYR B 397 1.23 21.68 -12.07
C TYR B 397 1.56 23.11 -11.69
N GLU B 398 2.86 23.44 -11.67
CA GLU B 398 3.32 24.81 -11.43
C GLU B 398 4.50 25.08 -12.33
N THR B 399 4.46 26.20 -13.06
CA THR B 399 5.60 26.55 -13.88
C THR B 399 5.63 28.05 -14.14
N ILE B 400 6.83 28.55 -14.37
CA ILE B 400 7.07 29.77 -15.12
C ILE B 400 8.13 29.43 -16.15
N ALA B 401 7.83 29.66 -17.42
CA ALA B 401 8.77 29.37 -18.49
C ALA B 401 8.40 30.27 -19.66
N ALA B 402 9.21 30.19 -20.72
CA ALA B 402 9.00 31.00 -21.91
C ALA B 402 9.20 30.12 -23.15
N ASN B 403 8.27 30.22 -24.09
CA ASN B 403 8.52 29.76 -25.45
C ASN B 403 9.41 30.77 -26.16
N SER B 404 10.33 30.27 -26.97
CA SER B 404 11.17 31.14 -27.78
C SER B 404 10.53 31.31 -29.17
N ILE B 405 10.64 32.52 -29.71
CA ILE B 405 10.04 32.87 -31.00
C ILE B 405 11.10 33.49 -31.90
N LEU B 406 11.25 32.93 -33.10
CA LEU B 406 12.25 33.43 -34.05
C LEU B 406 11.96 34.86 -34.45
N VAL B 407 12.99 35.70 -34.40
CA VAL B 407 12.90 37.10 -34.82
C VAL B 407 13.97 37.32 -35.88
N GLY B 408 13.54 37.72 -37.08
CA GLY B 408 14.51 37.72 -38.16
C GLY B 408 14.89 36.30 -38.52
N ASN B 409 16.14 36.12 -38.94
CA ASN B 409 16.57 34.81 -39.42
C ASN B 409 18.00 34.43 -39.05
N GLN B 410 18.75 35.28 -38.35
CA GLN B 410 20.12 34.95 -37.96
C GLN B 410 20.19 34.37 -36.56
N GLY B 411 19.09 33.89 -36.02
CA GLY B 411 19.08 33.28 -34.71
C GLY B 411 18.66 34.17 -33.57
N ASP B 412 18.14 35.37 -33.84
CA ASP B 412 17.58 36.18 -32.77
C ASP B 412 16.21 35.67 -32.38
N ILE B 413 15.92 35.69 -31.08
CA ILE B 413 14.62 35.23 -30.59
C ILE B 413 14.05 36.25 -29.62
N VAL B 414 12.76 36.11 -29.38
CA VAL B 414 12.08 36.74 -28.25
C VAL B 414 11.49 35.64 -27.41
N ASN B 415 11.73 35.70 -26.11
CA ASN B 415 11.16 34.72 -25.20
C ASN B 415 9.89 35.31 -24.60
N SER B 416 8.77 34.61 -24.79
CA SER B 416 7.47 35.07 -24.32
C SER B 416 7.14 34.32 -23.03
N LEU B 417 7.19 35.05 -21.92
CA LEU B 417 7.13 34.44 -20.60
C LEU B 417 5.69 34.17 -20.21
N ALA B 418 5.51 33.19 -19.33
CA ALA B 418 4.18 32.78 -18.92
C ALA B 418 4.27 32.05 -17.58
N ARG B 419 3.29 32.28 -16.73
CA ARG B 419 3.08 31.45 -15.56
C ARG B 419 1.84 30.60 -15.79
N GLN B 420 1.89 29.34 -15.35
CA GLN B 420 0.77 28.42 -15.45
C GLN B 420 0.69 27.62 -14.17
N ARG B 421 -0.52 27.37 -13.71
CA ARG B 421 -0.74 26.51 -12.57
C ARG B 421 -1.89 25.58 -12.92
N GLY B 422 -1.83 24.35 -12.42
CA GLY B 422 -2.89 23.42 -12.71
C GLY B 422 -3.17 22.49 -11.55
N ASP B 423 -4.45 22.21 -11.33
CA ASP B 423 -4.91 21.27 -10.33
C ASP B 423 -5.90 20.38 -11.07
N ARG B 424 -5.54 19.11 -11.27
CA ARG B 424 -6.30 18.21 -12.12
C ARG B 424 -6.64 16.94 -11.36
N ARG B 425 -7.90 16.53 -11.42
CA ARG B 425 -8.43 15.45 -10.62
C ARG B 425 -9.21 14.55 -11.55
N THR B 426 -8.75 13.31 -11.69
CA THR B 426 -9.28 12.38 -12.68
C THR B 426 -9.78 11.12 -12.01
N TYR B 427 -10.91 10.62 -12.48
CA TYR B 427 -11.45 9.33 -12.11
C TYR B 427 -11.58 8.52 -13.38
N SER B 428 -11.34 7.21 -13.27
CA SER B 428 -11.24 6.37 -14.44
C SER B 428 -11.66 4.99 -14.01
N ALA B 429 -12.58 4.39 -14.75
CA ALA B 429 -13.17 3.14 -14.33
C ALA B 429 -13.55 2.35 -15.56
N GLU B 430 -13.81 1.06 -15.35
CA GLU B 430 -14.31 0.20 -16.41
C GLU B 430 -14.93 -1.00 -15.71
N VAL B 431 -15.82 -1.68 -16.42
CA VAL B 431 -16.51 -2.85 -15.89
C VAL B 431 -17.02 -3.63 -17.09
N GLY B 432 -17.07 -4.95 -16.96
CA GLY B 432 -17.58 -5.73 -18.07
C GLY B 432 -17.51 -7.22 -17.84
N LEU B 433 -17.86 -7.95 -18.91
CA LEU B 433 -17.83 -9.41 -18.94
C LEU B 433 -17.15 -9.87 -20.23
N ARG B 434 -16.43 -10.99 -20.13
CA ARG B 434 -15.81 -11.70 -21.25
C ARG B 434 -16.31 -13.14 -21.20
N GLY B 435 -16.70 -13.68 -22.35
CA GLY B 435 -17.21 -15.04 -22.40
C GLY B 435 -16.88 -15.77 -23.70
N ASN B 436 -17.39 -16.98 -23.81
CA ASN B 436 -17.18 -17.78 -25.01
C ASN B 436 -18.29 -18.80 -25.17
N PHE B 437 -18.63 -19.06 -26.43
CA PHE B 437 -19.56 -20.11 -26.81
C PHE B 437 -19.26 -20.48 -28.25
N ASP B 438 -19.93 -21.52 -28.74
CA ASP B 438 -19.78 -21.97 -30.12
C ASP B 438 -21.11 -22.00 -30.83
N THR B 439 -21.09 -21.66 -32.11
CA THR B 439 -22.23 -21.83 -33.01
C THR B 439 -21.75 -22.73 -34.15
N GLY B 440 -21.54 -24.00 -33.83
CA GLY B 440 -21.07 -24.98 -34.79
C GLY B 440 -19.57 -25.02 -34.88
N PRO B 441 -19.03 -24.81 -36.08
CA PRO B 441 -17.58 -24.71 -36.24
C PRO B 441 -17.03 -23.39 -35.75
N LEU B 442 -17.88 -22.42 -35.48
CA LEU B 442 -17.45 -21.12 -34.99
C LEU B 442 -17.16 -21.17 -33.50
N ARG B 443 -16.10 -20.48 -33.08
CA ARG B 443 -15.90 -20.15 -31.68
C ARG B 443 -16.02 -18.64 -31.52
N HIS B 444 -16.79 -18.22 -30.53
CA HIS B 444 -17.01 -16.82 -30.20
C HIS B 444 -16.29 -16.49 -28.90
N ASP B 445 -15.43 -15.47 -28.93
CA ASP B 445 -14.83 -14.90 -27.73
C ASP B 445 -15.28 -13.45 -27.69
N TRP B 446 -16.25 -13.16 -26.83
CA TRP B 446 -16.91 -11.87 -26.85
C TRP B 446 -16.56 -11.09 -25.58
N THR B 447 -16.50 -9.77 -25.73
CA THR B 447 -16.25 -8.89 -24.60
C THR B 447 -17.29 -7.79 -24.61
N LEU B 448 -17.96 -7.60 -23.50
CA LEU B 448 -18.87 -6.49 -23.30
C LEU B 448 -18.23 -5.59 -22.23
N SER B 449 -18.00 -4.33 -22.57
CA SER B 449 -17.25 -3.46 -21.68
C SER B 449 -17.88 -2.08 -21.60
N ALA B 450 -17.78 -1.47 -20.41
CA ALA B 450 -18.20 -0.09 -20.22
C ALA B 450 -17.14 0.63 -19.41
N ASN B 451 -16.80 1.85 -19.83
CA ASN B 451 -15.77 2.62 -19.15
C ASN B 451 -16.29 4.02 -18.85
N ARG B 452 -15.65 4.67 -17.89
CA ARG B 452 -16.07 5.99 -17.42
C ARG B 452 -14.85 6.78 -16.99
N LEU B 453 -14.63 7.94 -17.60
CA LEU B 453 -13.59 8.87 -17.20
C LEU B 453 -14.25 10.18 -16.82
N HIS B 454 -13.97 10.66 -15.61
CA HIS B 454 -14.46 11.96 -15.16
C HIS B 454 -13.30 12.77 -14.65
N GLU B 455 -13.14 14.00 -15.16
CA GLU B 455 -12.02 14.83 -14.77
C GLU B 455 -12.49 16.25 -14.46
N ARG B 456 -11.96 16.80 -13.39
CA ARG B 456 -12.13 18.20 -13.01
C ARG B 456 -10.78 18.88 -13.07
N LEU B 457 -10.73 20.08 -13.64
CA LEU B 457 -9.45 20.73 -13.87
C LEU B 457 -9.57 22.21 -13.56
N GLY B 458 -8.69 22.70 -12.66
CA GLY B 458 -8.42 24.10 -12.55
C GLY B 458 -7.10 24.40 -13.24
N MET B 459 -7.13 25.30 -14.23
CA MET B 459 -5.93 25.64 -15.00
C MET B 459 -5.93 27.14 -15.25
N VAL B 460 -5.04 27.87 -14.58
CA VAL B 460 -4.89 29.30 -14.77
C VAL B 460 -3.53 29.60 -15.39
N TYR B 461 -3.44 30.76 -16.04
CA TYR B 461 -2.25 31.14 -16.78
C TYR B 461 -2.28 32.64 -17.06
N ALA B 462 -1.10 33.18 -17.37
CA ALA B 462 -0.97 34.58 -17.75
C ALA B 462 0.32 34.71 -18.56
N PHE B 463 0.21 35.31 -19.75
CA PHE B 463 1.35 35.63 -20.58
C PHE B 463 1.77 37.07 -20.33
N THR B 464 3.04 37.27 -19.98
CA THR B 464 3.52 38.61 -19.67
C THR B 464 5.03 38.62 -19.80
N GLY B 465 5.56 39.54 -20.59
CA GLY B 465 7.00 39.60 -20.79
C GLY B 465 7.46 39.04 -22.12
N MET B 466 8.13 39.88 -22.90
CA MET B 466 8.75 39.52 -24.18
C MET B 466 10.21 39.92 -24.07
N GLN B 467 11.10 38.95 -23.81
CA GLN B 467 12.51 39.23 -23.58
C GLN B 467 13.35 38.73 -24.74
N SER B 468 14.30 39.56 -25.18
CA SER B 468 15.14 39.24 -26.31
C SER B 468 16.24 38.27 -25.92
N GLY B 469 16.62 37.41 -26.87
CA GLY B 469 17.69 36.46 -26.66
C GLY B 469 18.24 35.99 -27.99
N ASN B 470 19.15 35.02 -27.93
CA ASN B 470 19.78 34.47 -29.13
C ASN B 470 19.92 32.95 -29.01
N LEU B 471 19.56 32.25 -30.09
CA LEU B 471 19.61 30.78 -30.11
C LEU B 471 20.96 30.23 -29.66
N TYR B 472 22.04 30.96 -29.92
CA TYR B 472 23.39 30.44 -29.69
C TYR B 472 23.99 30.95 -28.40
N GLN B 473 23.17 31.47 -27.49
CA GLN B 473 23.64 32.01 -26.22
C GLN B 473 22.71 31.54 -25.11
N THR B 474 23.27 30.82 -24.14
CA THR B 474 22.49 30.51 -22.96
C THR B 474 22.02 31.81 -22.32
N SER B 475 20.71 31.93 -22.10
CA SER B 475 20.17 33.22 -21.65
C SER B 475 20.70 33.60 -20.27
N PRO B 476 20.90 34.89 -20.03
CA PRO B 476 21.25 35.34 -18.68
C PRO B 476 20.00 35.35 -17.80
N HIS B 477 20.22 35.55 -16.50
CA HIS B 477 19.12 35.91 -15.61
C HIS B 477 18.43 37.15 -16.15
N THR B 478 17.11 37.06 -16.32
CA THR B 478 16.26 38.13 -16.82
C THR B 478 15.09 38.31 -15.86
N PRO B 479 14.35 39.42 -15.98
CA PRO B 479 13.26 39.66 -15.02
C PRO B 479 12.18 38.57 -15.08
N LEU B 480 11.68 38.21 -13.91
CA LEU B 480 10.45 37.44 -13.80
C LEU B 480 9.30 38.42 -13.56
N PRO B 481 8.33 38.55 -14.47
CA PRO B 481 7.20 39.44 -14.20
C PRO B 481 6.44 39.00 -12.96
N ASP B 482 5.77 39.96 -12.33
CA ASP B 482 4.96 39.66 -11.16
C ASP B 482 3.70 38.92 -11.60
N PHE B 483 3.61 37.65 -11.22
CA PHE B 483 2.48 36.78 -11.55
C PHE B 483 1.65 36.44 -10.32
N SER B 484 1.49 37.40 -9.39
CA SER B 484 0.76 37.10 -8.16
C SER B 484 -0.75 37.02 -8.38
N SER B 485 -1.27 37.61 -9.47
CA SER B 485 -2.69 37.48 -9.75
C SER B 485 -3.16 36.03 -9.71
N LEU B 486 -2.29 35.11 -10.11
CA LEU B 486 -2.61 33.69 -10.12
C LEU B 486 -2.38 33.02 -8.76
N ASP B 487 -1.91 33.77 -7.77
CA ASP B 487 -1.68 33.18 -6.46
C ASP B 487 -3.00 32.74 -5.83
N GLY B 488 -2.90 31.79 -4.91
CA GLY B 488 -4.03 31.36 -4.13
C GLY B 488 -4.73 30.13 -4.65
N SER B 489 -6.03 30.05 -4.38
CA SER B 489 -6.83 28.94 -4.86
C SER B 489 -6.92 28.96 -6.38
N ILE B 490 -6.97 27.78 -6.97
CA ILE B 490 -7.11 27.63 -8.42
C ILE B 490 -8.59 27.39 -8.71
N PRO B 491 -9.24 28.27 -9.45
CA PRO B 491 -10.66 28.04 -9.77
C PRO B 491 -10.81 26.90 -10.76
N LYS B 492 -11.96 26.22 -10.69
CA LYS B 492 -12.30 25.22 -11.68
C LYS B 492 -12.51 25.86 -13.05
N THR B 493 -11.82 25.37 -14.06
CA THR B 493 -11.97 25.90 -15.40
C THR B 493 -12.47 24.88 -16.41
N ASN B 494 -12.57 23.61 -16.04
CA ASN B 494 -12.96 22.57 -16.97
C ASN B 494 -13.42 21.34 -16.21
N GLU B 495 -14.44 20.69 -16.76
CA GLU B 495 -14.93 19.40 -16.30
C GLU B 495 -15.15 18.55 -17.52
N THR B 496 -14.77 17.28 -17.44
CA THR B 496 -14.88 16.40 -18.59
C THR B 496 -15.44 15.07 -18.11
N ASP B 497 -16.34 14.50 -18.91
CA ASP B 497 -16.85 13.16 -18.72
C ASP B 497 -16.80 12.44 -20.05
N LEU B 498 -16.09 11.32 -20.09
CA LEU B 498 -16.08 10.41 -21.22
C LEU B 498 -16.59 9.08 -20.72
N GLY B 499 -17.51 8.49 -21.46
CA GLY B 499 -18.09 7.22 -21.06
C GLY B 499 -18.51 6.48 -22.30
N GLY B 500 -18.39 5.15 -22.27
CA GLY B 500 -18.71 4.37 -23.44
C GLY B 500 -19.13 2.96 -23.06
N VAL B 501 -19.81 2.31 -23.99
CA VAL B 501 -20.15 0.91 -23.85
C VAL B 501 -19.81 0.24 -25.17
N ALA B 502 -19.15 -0.92 -25.10
CA ALA B 502 -18.70 -1.57 -26.31
C ALA B 502 -18.97 -3.06 -26.22
N LEU B 503 -19.28 -3.64 -27.38
CA LEU B 503 -19.41 -5.07 -27.53
C LEU B 503 -18.49 -5.47 -28.69
N ALA B 504 -17.70 -6.53 -28.48
CA ALA B 504 -16.81 -7.01 -29.52
C ALA B 504 -16.82 -8.52 -29.53
N ASP B 505 -16.72 -9.09 -30.73
CA ASP B 505 -16.79 -10.53 -30.91
C ASP B 505 -15.66 -10.99 -31.80
N ARG B 506 -14.84 -11.91 -31.30
CA ARG B 506 -13.76 -12.51 -32.04
C ARG B 506 -14.18 -13.91 -32.46
N LEU B 507 -14.32 -14.11 -33.76
CA LEU B 507 -14.73 -15.40 -34.27
C LEU B 507 -13.51 -16.16 -34.80
N SER B 508 -13.35 -17.39 -34.35
CA SER B 508 -12.30 -18.27 -34.82
C SER B 508 -12.94 -19.40 -35.60
N PHE B 509 -12.51 -19.58 -36.84
CA PHE B 509 -12.85 -20.75 -37.62
C PHE B 509 -11.59 -21.55 -37.87
N LEU B 510 -11.78 -22.82 -38.21
CA LEU B 510 -10.70 -23.67 -38.73
C LEU B 510 -9.53 -23.73 -37.76
N GLU B 511 -9.84 -24.08 -36.51
CA GLU B 511 -8.82 -24.31 -35.48
C GLU B 511 -7.90 -23.10 -35.29
N ASP B 512 -8.51 -21.91 -35.24
CA ASP B 512 -7.83 -20.63 -35.00
C ASP B 512 -6.95 -20.15 -36.15
N ARG B 513 -7.02 -20.78 -37.33
CA ARG B 513 -6.23 -20.26 -38.44
C ARG B 513 -6.91 -19.08 -39.13
N VAL B 514 -8.21 -18.89 -38.89
CA VAL B 514 -8.96 -17.75 -39.40
C VAL B 514 -9.64 -17.06 -38.22
N GLN B 515 -9.41 -15.75 -38.09
CA GLN B 515 -9.91 -14.98 -36.96
C GLN B 515 -10.56 -13.72 -37.51
N VAL B 516 -11.84 -13.53 -37.21
CA VAL B 516 -12.58 -12.35 -37.60
C VAL B 516 -13.04 -11.63 -36.33
N THR B 517 -12.65 -10.37 -36.18
CA THR B 517 -13.04 -9.58 -35.02
C THR B 517 -13.92 -8.45 -35.49
N LEU B 518 -15.08 -8.30 -34.84
CA LEU B 518 -16.00 -7.21 -35.09
C LEU B 518 -16.42 -6.61 -33.75
N GLY B 519 -16.58 -5.29 -33.73
CA GLY B 519 -16.98 -4.62 -32.51
C GLY B 519 -17.60 -3.28 -32.81
N VAL B 520 -18.51 -2.85 -31.93
CA VAL B 520 -19.09 -1.52 -32.03
C VAL B 520 -19.08 -0.90 -30.64
N ARG B 521 -18.85 0.41 -30.58
CA ARG B 521 -18.80 1.15 -29.32
C ARG B 521 -19.59 2.43 -29.49
N ARG B 522 -20.43 2.73 -28.50
CA ARG B 522 -21.07 4.04 -28.42
C ARG B 522 -20.27 4.88 -27.45
N GLN B 523 -19.66 5.96 -27.95
CA GLN B 523 -18.85 6.85 -27.12
C GLN B 523 -19.61 8.13 -26.81
N GLN B 524 -19.69 8.47 -25.53
CA GLN B 524 -20.25 9.75 -25.11
C GLN B 524 -19.14 10.70 -24.67
N ILE B 525 -19.24 11.95 -25.07
CA ILE B 525 -18.26 12.98 -24.78
C ILE B 525 -18.97 14.17 -24.17
N GLU B 526 -18.47 14.67 -23.04
CA GLU B 526 -19.06 15.86 -22.43
C GLU B 526 -17.99 16.69 -21.73
N SER B 527 -17.95 17.98 -22.04
CA SER B 527 -17.05 18.89 -21.36
C SER B 527 -17.74 20.22 -21.11
N ARG B 528 -17.41 20.85 -19.99
CA ARG B 528 -17.82 22.21 -19.69
C ARG B 528 -16.59 23.05 -19.40
N ASN B 529 -16.65 24.32 -19.79
CA ASN B 529 -15.53 25.23 -19.62
C ASN B 529 -15.98 26.53 -18.98
N TYR B 530 -15.14 27.04 -18.07
CA TYR B 530 -15.39 28.25 -17.31
C TYR B 530 -14.20 29.17 -17.43
N ASP B 531 -14.46 30.48 -17.50
CA ASP B 531 -13.38 31.44 -17.69
C ASP B 531 -12.57 31.58 -16.41
N GLN B 532 -11.24 31.68 -16.55
CA GLN B 532 -10.37 31.64 -15.37
C GLN B 532 -10.48 32.92 -14.53
N THR B 533 -10.74 34.06 -15.17
CA THR B 533 -10.87 35.32 -14.43
C THR B 533 -12.28 35.49 -13.88
N SER B 534 -13.30 35.36 -14.75
CA SER B 534 -14.70 35.65 -14.40
C SER B 534 -15.45 34.45 -13.86
N GLY B 535 -15.07 33.22 -14.24
CA GLY B 535 -15.86 32.06 -13.86
C GLY B 535 -17.07 31.81 -14.73
N ALA B 536 -17.32 32.66 -15.72
CA ALA B 536 -18.46 32.47 -16.62
C ALA B 536 -18.38 31.13 -17.33
N ARG B 537 -19.54 30.48 -17.46
CA ARG B 537 -19.63 29.27 -18.29
C ARG B 537 -19.49 29.66 -19.74
N THR B 538 -18.47 29.12 -20.41
CA THR B 538 -18.15 29.54 -21.77
C THR B 538 -18.44 28.48 -22.83
N SER B 539 -18.41 27.21 -22.49
CA SER B 539 -18.74 26.20 -23.48
C SER B 539 -19.24 24.96 -22.77
N HIS B 540 -20.12 24.23 -23.45
CA HIS B 540 -20.64 22.96 -22.94
C HIS B 540 -20.82 22.04 -24.15
N ASP B 541 -19.74 21.37 -24.53
CA ASP B 541 -19.82 20.40 -25.62
C ASP B 541 -20.42 19.11 -25.10
N LYS B 542 -21.36 18.54 -25.86
CA LYS B 542 -21.87 17.22 -25.51
C LYS B 542 -22.23 16.47 -26.78
N ARG B 543 -21.74 15.23 -26.89
CA ARG B 543 -21.80 14.48 -28.13
C ARG B 543 -21.87 13.00 -27.80
N HIS B 544 -22.39 12.22 -28.74
CA HIS B 544 -22.21 10.78 -28.72
C HIS B 544 -21.90 10.32 -30.14
N VAL B 545 -21.03 9.31 -30.24
CA VAL B 545 -20.56 8.80 -31.52
C VAL B 545 -20.55 7.28 -31.46
N TRP B 546 -20.96 6.64 -32.54
CA TRP B 546 -20.78 5.20 -32.70
C TRP B 546 -19.52 4.94 -33.53
N THR B 547 -18.71 3.98 -33.07
CA THR B 547 -17.44 3.73 -33.75
C THR B 547 -17.14 2.24 -33.73
N PRO B 548 -16.89 1.63 -34.90
CA PRO B 548 -16.71 0.17 -34.95
C PRO B 548 -15.28 -0.25 -35.31
N MET B 549 -15.06 -1.56 -35.30
CA MET B 549 -13.85 -2.14 -35.88
C MET B 549 -14.24 -3.42 -36.60
N ALA B 550 -13.36 -3.84 -37.48
CA ALA B 550 -13.50 -5.08 -38.23
C ALA B 550 -12.09 -5.52 -38.59
N SER B 551 -11.74 -6.75 -38.23
CA SER B 551 -10.45 -7.25 -38.64
C SER B 551 -10.62 -8.68 -39.09
N VAL B 552 -9.61 -9.14 -39.83
CA VAL B 552 -9.50 -10.53 -40.27
C VAL B 552 -8.02 -10.89 -40.23
N LEU B 553 -7.72 -12.04 -39.63
CA LEU B 553 -6.35 -12.55 -39.58
C LEU B 553 -6.39 -14.00 -40.01
N VAL B 554 -5.45 -14.38 -40.87
CA VAL B 554 -5.38 -15.72 -41.44
C VAL B 554 -3.96 -16.22 -41.28
N LYS B 555 -3.82 -17.48 -40.90
CA LYS B 555 -2.51 -18.07 -40.63
C LYS B 555 -2.20 -19.12 -41.67
N PRO B 556 -1.77 -18.73 -42.87
CA PRO B 556 -1.44 -19.76 -43.88
C PRO B 556 -0.37 -20.72 -43.42
N LEU B 557 0.56 -20.28 -42.57
CA LEU B 557 1.52 -21.16 -41.92
C LEU B 557 1.47 -20.93 -40.43
N GLN B 558 1.90 -21.96 -39.68
CA GLN B 558 1.89 -21.85 -38.22
C GLN B 558 2.70 -20.67 -37.73
N ASP B 559 3.66 -20.19 -38.51
CA ASP B 559 4.49 -19.06 -38.12
C ASP B 559 4.42 -17.93 -39.14
N LEU B 560 3.28 -17.77 -39.82
CA LEU B 560 3.07 -16.64 -40.71
C LEU B 560 1.64 -16.15 -40.52
N SER B 561 1.48 -14.85 -40.30
CA SER B 561 0.16 -14.25 -40.11
C SER B 561 -0.02 -13.11 -41.08
N LEU B 562 -1.14 -13.12 -41.79
CA LEU B 562 -1.55 -12.06 -42.70
C LEU B 562 -2.82 -11.47 -42.13
N TYR B 563 -2.96 -10.14 -42.22
CA TYR B 563 -4.08 -9.53 -41.52
C TYR B 563 -4.53 -8.25 -42.21
N ALA B 564 -5.74 -7.83 -41.89
CA ALA B 564 -6.29 -6.55 -42.29
C ALA B 564 -7.14 -6.01 -41.14
N ASN B 565 -7.14 -4.69 -40.95
CA ASN B 565 -8.10 -4.12 -40.00
C ASN B 565 -8.73 -2.87 -40.59
N TYR B 566 -9.90 -2.53 -40.06
CA TYR B 566 -10.50 -1.21 -40.16
C TYR B 566 -10.85 -0.75 -38.75
N ILE B 567 -10.46 0.48 -38.39
CA ILE B 567 -10.72 0.99 -37.06
C ILE B 567 -10.65 2.51 -37.11
N GLN B 568 -11.31 3.17 -36.16
CA GLN B 568 -11.46 4.62 -36.20
C GLN B 568 -10.74 5.30 -35.04
N GLY B 569 -10.42 6.57 -35.25
CA GLY B 569 -9.95 7.44 -34.19
C GLY B 569 -10.95 8.55 -33.95
N LEU B 570 -11.04 8.98 -32.68
CA LEU B 570 -11.91 10.08 -32.30
C LEU B 570 -11.09 11.16 -31.57
N SER B 571 -11.41 12.42 -31.88
CA SER B 571 -10.92 13.57 -31.15
C SER B 571 -12.09 14.52 -30.88
N GLN B 572 -12.07 15.16 -29.71
CA GLN B 572 -13.05 16.20 -29.45
C GLN B 572 -12.87 17.35 -30.44
N GLY B 573 -13.98 17.93 -30.89
CA GLY B 573 -13.89 19.06 -31.80
C GLY B 573 -13.21 20.25 -31.15
N GLU B 574 -12.62 21.10 -32.00
CA GLU B 574 -12.01 22.34 -31.54
C GLU B 574 -13.04 23.46 -31.42
N ALA B 575 -12.73 24.44 -30.57
CA ALA B 575 -13.50 25.65 -30.49
C ALA B 575 -12.94 26.68 -31.47
N ALA B 576 -13.84 27.36 -32.18
CA ALA B 576 -13.41 28.39 -33.11
C ALA B 576 -12.70 29.52 -32.37
N PRO B 577 -11.52 29.94 -32.80
CA PRO B 577 -10.77 30.96 -32.06
C PRO B 577 -11.52 32.29 -32.02
N MET B 578 -11.16 33.12 -31.03
CA MET B 578 -11.86 34.39 -30.88
C MET B 578 -11.64 35.31 -32.08
N THR B 579 -10.59 35.09 -32.86
CA THR B 579 -10.41 35.86 -34.08
C THR B 579 -11.54 35.56 -35.08
N ALA B 580 -11.97 34.30 -35.17
CA ALA B 580 -12.87 33.90 -36.24
C ALA B 580 -14.29 34.43 -35.98
N ALA B 581 -15.13 34.29 -37.01
CA ALA B 581 -16.52 34.69 -36.91
C ALA B 581 -17.20 33.93 -35.79
N ASN B 582 -17.34 32.60 -35.95
CA ASN B 582 -18.05 31.75 -34.99
C ASN B 582 -17.23 31.47 -33.72
N ALA B 583 -16.56 32.49 -33.18
CA ALA B 583 -15.68 32.34 -32.02
C ALA B 583 -16.35 31.60 -30.88
N GLY B 584 -15.63 30.64 -30.31
CA GLY B 584 -16.12 29.87 -29.19
C GLY B 584 -16.93 28.66 -29.55
N GLN B 585 -17.48 28.62 -30.77
CA GLN B 585 -18.31 27.49 -31.17
C GLN B 585 -17.46 26.22 -31.22
N VAL B 586 -17.90 25.16 -30.54
CA VAL B 586 -17.17 23.89 -30.59
C VAL B 586 -17.72 23.08 -31.76
N LEU B 587 -16.82 22.44 -32.49
CA LEU B 587 -17.19 21.64 -33.65
C LEU B 587 -17.43 20.20 -33.23
N ALA B 588 -18.12 19.46 -34.10
CA ALA B 588 -18.38 18.06 -33.84
C ALA B 588 -17.06 17.28 -33.79
N PRO B 589 -17.06 16.08 -33.22
CA PRO B 589 -15.80 15.34 -33.09
C PRO B 589 -15.22 14.97 -34.46
N TYR B 590 -13.89 14.84 -34.48
CA TYR B 590 -13.16 14.41 -35.67
C TYR B 590 -13.07 12.88 -35.65
N LYS B 591 -13.52 12.27 -36.74
CA LYS B 591 -13.56 10.82 -36.87
C LYS B 591 -12.46 10.43 -37.83
N ALA B 592 -11.34 9.92 -37.31
CA ALA B 592 -10.29 9.36 -38.17
C ALA B 592 -10.60 7.92 -38.49
N GLU B 593 -10.24 7.50 -39.70
CA GLU B 593 -10.51 6.14 -40.15
C GLU B 593 -9.22 5.50 -40.62
N GLN B 594 -8.95 4.29 -40.14
CA GLN B 594 -7.76 3.57 -40.52
C GLN B 594 -8.11 2.31 -41.30
N TYR B 595 -7.40 2.09 -42.40
CA TYR B 595 -7.29 0.77 -43.02
C TYR B 595 -5.85 0.31 -42.92
N GLU B 596 -5.65 -0.95 -42.56
CA GLU B 596 -4.32 -1.52 -42.49
C GLU B 596 -4.33 -2.94 -43.00
N ILE B 597 -3.21 -3.35 -43.61
CA ILE B 597 -2.92 -4.75 -43.92
C ILE B 597 -1.46 -4.99 -43.61
N GLY B 598 -1.12 -6.26 -43.37
CA GLY B 598 0.29 -6.56 -43.19
C GLY B 598 0.49 -8.01 -42.92
N ALA B 599 1.76 -8.36 -42.69
CA ALA B 599 2.20 -9.74 -42.62
C ALA B 599 3.24 -9.86 -41.52
N LYS B 600 3.19 -10.96 -40.76
CA LYS B 600 4.15 -11.25 -39.71
C LYS B 600 4.72 -12.66 -39.91
N TYR B 601 6.04 -12.78 -39.89
CA TYR B 601 6.71 -14.07 -40.07
C TYR B 601 7.63 -14.33 -38.88
N ASP B 602 7.39 -15.43 -38.17
CA ASP B 602 8.09 -15.77 -36.92
C ASP B 602 8.96 -17.01 -37.13
N LEU B 603 10.27 -16.79 -37.35
CA LEU B 603 11.19 -17.88 -37.61
C LEU B 603 11.82 -18.45 -36.36
N GLY B 604 11.10 -18.45 -35.23
CA GLY B 604 11.65 -18.97 -34.00
C GLY B 604 12.54 -17.97 -33.27
N GLY B 605 13.76 -17.74 -33.76
CA GLY B 605 14.66 -16.81 -33.10
C GLY B 605 14.35 -15.35 -33.35
N PHE B 606 13.57 -15.03 -34.36
CA PHE B 606 13.32 -13.63 -34.68
C PHE B 606 12.14 -13.52 -35.63
N THR B 607 11.59 -12.32 -35.67
CA THR B 607 10.35 -12.03 -36.36
C THR B 607 10.59 -10.88 -37.33
N THR B 608 10.00 -10.97 -38.52
CA THR B 608 9.88 -9.81 -39.40
C THR B 608 8.40 -9.53 -39.63
N THR B 609 8.04 -8.25 -39.61
CA THR B 609 6.69 -7.84 -39.91
C THR B 609 6.73 -6.79 -41.03
N LEU B 610 5.60 -6.65 -41.69
CA LEU B 610 5.41 -5.57 -42.64
C LEU B 610 3.97 -5.12 -42.53
N ALA B 611 3.71 -3.87 -42.87
CA ALA B 611 2.36 -3.33 -42.75
C ALA B 611 2.23 -2.16 -43.71
N LEU B 612 1.02 -1.97 -44.23
CA LEU B 612 0.66 -0.81 -45.04
C LEU B 612 -0.60 -0.22 -44.42
N PHE B 613 -0.65 1.11 -44.28
CA PHE B 613 -1.82 1.72 -43.66
C PHE B 613 -2.21 3.03 -44.34
N GLU B 614 -3.50 3.35 -44.24
CA GLU B 614 -3.99 4.70 -44.51
C GLU B 614 -4.80 5.17 -43.31
N ILE B 615 -4.51 6.39 -42.86
CA ILE B 615 -5.30 7.01 -41.81
C ILE B 615 -5.75 8.37 -42.32
N ARG B 616 -7.07 8.53 -42.50
CA ARG B 616 -7.67 9.79 -42.90
C ARG B 616 -8.27 10.49 -41.69
N LYS B 617 -8.02 11.79 -41.54
CA LYS B 617 -8.55 12.52 -40.40
C LYS B 617 -9.03 13.91 -40.81
N PRO B 618 -10.23 14.30 -40.39
CA PRO B 618 -10.68 15.68 -40.64
C PRO B 618 -9.75 16.68 -39.99
N ASN B 619 -9.69 17.86 -40.59
CA ASN B 619 -8.81 18.92 -40.15
C ASN B 619 -9.60 20.22 -40.06
N ALA B 620 -9.30 21.04 -39.05
CA ALA B 620 -10.01 22.29 -38.86
C ALA B 620 -9.12 23.49 -39.18
N TYR B 621 -9.73 24.53 -39.75
CA TYR B 621 -9.06 25.77 -40.08
C TYR B 621 -10.11 26.85 -40.39
N THR B 622 -9.67 28.10 -40.30
CA THR B 622 -10.49 29.26 -40.65
C THR B 622 -10.31 29.56 -42.13
N ASP B 623 -11.43 29.67 -42.86
CA ASP B 623 -11.38 29.85 -44.30
C ASP B 623 -11.32 31.34 -44.65
N ALA B 624 -11.48 31.64 -45.94
CA ALA B 624 -11.42 33.04 -46.39
C ALA B 624 -12.62 33.83 -45.87
N SER B 625 -13.75 33.18 -45.64
CA SER B 625 -14.93 33.80 -45.05
C SER B 625 -14.80 33.98 -43.54
N ASN B 626 -13.60 33.79 -42.98
CA ASN B 626 -13.34 33.87 -41.54
C ASN B 626 -14.23 32.92 -40.74
N VAL B 627 -14.64 31.82 -41.37
CA VAL B 627 -15.46 30.79 -40.73
C VAL B 627 -14.55 29.63 -40.35
N PHE B 628 -14.48 29.35 -39.05
CA PHE B 628 -13.81 28.14 -38.59
C PHE B 628 -14.65 26.94 -38.97
N ARG B 629 -13.99 25.91 -39.49
CA ARG B 629 -14.73 24.77 -40.01
C ARG B 629 -13.78 23.60 -40.15
N ALA B 630 -14.30 22.40 -39.92
CA ALA B 630 -13.53 21.17 -40.00
C ALA B 630 -13.58 20.57 -41.41
N ASP B 631 -13.32 21.40 -42.41
CA ASP B 631 -13.38 20.97 -43.79
C ASP B 631 -12.05 20.42 -44.31
N GLY B 632 -10.98 20.53 -43.54
CA GLY B 632 -9.72 19.95 -43.96
C GLY B 632 -9.70 18.45 -43.82
N GLU B 633 -8.74 17.82 -44.47
CA GLU B 633 -8.50 16.41 -44.24
C GLU B 633 -7.02 16.10 -44.36
N GLN B 634 -6.53 15.29 -43.45
CA GLN B 634 -5.19 14.75 -43.49
C GLN B 634 -5.27 13.30 -43.94
N ARG B 635 -4.37 12.90 -44.84
CA ARG B 635 -4.35 11.54 -45.35
C ARG B 635 -2.93 11.01 -45.28
N ASN B 636 -2.69 10.09 -44.35
CA ASN B 636 -1.37 9.53 -44.08
C ASN B 636 -1.37 8.10 -44.59
N ARG B 637 -0.51 7.83 -45.56
CA ARG B 637 -0.36 6.49 -46.11
C ARG B 637 1.07 6.06 -45.86
N GLY B 638 1.25 4.85 -45.34
CA GLY B 638 2.58 4.48 -44.95
C GLY B 638 2.81 2.99 -45.01
N VAL B 639 4.10 2.63 -44.98
CA VAL B 639 4.57 1.25 -44.94
C VAL B 639 5.59 1.15 -43.84
N GLU B 640 5.50 0.10 -43.04
CA GLU B 640 6.39 -0.12 -41.92
C GLU B 640 7.02 -1.50 -42.07
N LEU B 641 8.31 -1.58 -41.75
CA LEU B 641 9.08 -2.83 -41.77
C LEU B 641 9.78 -3.00 -40.44
N SER B 642 9.80 -4.22 -39.91
CA SER B 642 10.38 -4.50 -38.60
C SER B 642 11.07 -5.85 -38.60
N LEU B 643 12.19 -5.93 -37.88
CA LEU B 643 12.86 -7.17 -37.56
C LEU B 643 13.28 -7.06 -36.11
N TYR B 644 13.06 -8.12 -35.34
CA TYR B 644 13.51 -8.09 -33.96
C TYR B 644 13.73 -9.51 -33.48
N GLY B 645 14.63 -9.65 -32.52
CA GLY B 645 14.82 -10.93 -31.86
C GLY B 645 16.29 -11.23 -31.65
N GLU B 646 16.62 -12.53 -31.67
CA GLU B 646 18.00 -13.00 -31.50
C GLU B 646 18.35 -13.90 -32.69
N PRO B 647 18.77 -13.31 -33.80
CA PRO B 647 18.96 -14.14 -35.01
C PRO B 647 20.18 -15.04 -34.93
N LEU B 648 21.21 -14.63 -34.17
CA LEU B 648 22.38 -15.45 -33.87
C LEU B 648 22.53 -15.50 -32.36
N ASP B 649 23.20 -16.52 -31.87
CA ASP B 649 23.39 -16.62 -30.43
C ASP B 649 24.21 -15.43 -29.92
N GLY B 650 23.71 -14.80 -28.86
CA GLY B 650 24.33 -13.66 -28.22
C GLY B 650 24.18 -12.34 -28.95
N VAL B 651 23.38 -12.28 -30.02
CA VAL B 651 23.27 -11.09 -30.86
C VAL B 651 21.79 -10.79 -31.00
N ARG B 652 21.30 -9.83 -30.20
CA ARG B 652 19.91 -9.41 -30.25
C ARG B 652 19.81 -8.17 -31.13
N VAL B 653 18.72 -8.07 -31.89
CA VAL B 653 18.58 -7.02 -32.90
C VAL B 653 17.15 -6.50 -32.85
N MET B 654 17.00 -5.18 -32.85
CA MET B 654 15.71 -4.52 -33.09
C MET B 654 15.94 -3.51 -34.20
N ALA B 655 15.36 -3.75 -35.38
CA ALA B 655 15.53 -2.88 -36.53
C ALA B 655 14.20 -2.66 -37.21
N GLY B 656 13.96 -1.43 -37.66
CA GLY B 656 12.80 -1.22 -38.49
C GLY B 656 12.91 0.07 -39.25
N ALA B 657 11.95 0.28 -40.15
CA ALA B 657 11.93 1.50 -40.93
C ALA B 657 10.50 1.79 -41.34
N THR B 658 10.21 3.07 -41.51
CA THR B 658 8.87 3.50 -41.89
C THR B 658 8.97 4.51 -43.03
N TYR B 659 8.02 4.43 -43.95
CA TYR B 659 7.89 5.45 -44.97
C TYR B 659 6.44 5.90 -44.97
N ILE B 660 6.23 7.19 -44.96
CA ILE B 660 4.87 7.73 -44.92
C ILE B 660 4.76 8.92 -45.86
N LYS B 661 3.62 9.03 -46.54
CA LYS B 661 3.28 10.19 -47.34
C LYS B 661 2.22 10.98 -46.58
N PRO B 662 2.59 12.01 -45.83
CA PRO B 662 1.62 12.68 -44.94
C PRO B 662 0.93 13.86 -45.60
N GLU B 663 -0.19 13.60 -46.26
CA GLU B 663 -0.84 14.53 -47.18
C GLU B 663 -1.81 15.46 -46.48
N GLN B 664 -1.69 16.77 -46.73
CA GLN B 664 -2.75 17.72 -46.41
C GLN B 664 -3.66 17.84 -47.63
N ASN B 665 -4.55 16.86 -47.79
CA ASN B 665 -5.23 16.66 -49.07
C ASN B 665 -6.52 17.47 -49.21
N LYS B 666 -6.94 18.18 -48.17
CA LYS B 666 -7.89 19.28 -48.35
C LYS B 666 -7.52 20.36 -47.34
N THR B 667 -7.22 21.55 -47.85
CA THR B 667 -6.90 22.72 -47.04
C THR B 667 -7.78 23.88 -47.52
N GLY B 668 -7.20 25.07 -47.59
CA GLY B 668 -7.91 26.21 -48.15
C GLY B 668 -7.00 27.02 -49.05
N ASP B 669 -5.74 27.19 -48.64
CA ASP B 669 -4.76 27.85 -49.47
C ASP B 669 -4.21 26.86 -50.49
N PRO B 670 -4.12 27.25 -51.77
CA PRO B 670 -3.33 26.44 -52.71
C PRO B 670 -1.85 26.41 -52.37
N ALA B 671 -1.40 27.26 -51.44
CA ALA B 671 -0.03 27.24 -50.98
C ALA B 671 0.32 25.96 -50.22
N SER B 672 -0.68 25.30 -49.64
CA SER B 672 -0.46 24.13 -48.80
C SER B 672 -1.20 22.88 -49.26
N GLU B 673 -2.07 22.97 -50.27
CA GLU B 673 -2.90 21.85 -50.67
C GLU B 673 -2.04 20.73 -51.22
N GLY B 674 -2.26 19.51 -50.73
CA GLY B 674 -1.45 18.38 -51.13
C GLY B 674 -0.02 18.39 -50.63
N LYS B 675 0.40 19.42 -49.90
CA LYS B 675 1.71 19.42 -49.29
C LYS B 675 1.77 18.42 -48.13
N ASP B 676 2.98 18.27 -47.57
CA ASP B 676 3.21 17.39 -46.44
C ASP B 676 2.76 18.05 -45.13
N ALA B 677 2.19 17.26 -44.24
CA ALA B 677 1.81 17.78 -42.93
C ALA B 677 3.06 18.18 -42.15
N PRO B 678 3.09 19.34 -41.52
CA PRO B 678 4.29 19.73 -40.76
C PRO B 678 4.65 18.71 -39.69
N GLY B 679 5.95 18.66 -39.37
CA GLY B 679 6.44 17.77 -38.31
C GLY B 679 6.26 16.29 -38.56
N VAL B 680 6.17 15.86 -39.82
CA VAL B 680 6.03 14.45 -40.16
C VAL B 680 7.10 14.11 -41.19
N ALA B 681 8.19 13.50 -40.74
CA ALA B 681 9.22 13.08 -41.69
C ALA B 681 8.71 11.93 -42.54
N ARG B 682 9.04 11.96 -43.83
CA ARG B 682 8.62 10.86 -44.70
C ARG B 682 9.39 9.58 -44.40
N ARG B 683 10.64 9.68 -43.93
CA ARG B 683 11.49 8.51 -43.75
C ARG B 683 12.04 8.46 -42.33
N GLN B 684 11.92 7.30 -41.69
CA GLN B 684 12.39 7.09 -40.34
C GLN B 684 12.99 5.70 -40.26
N ALA B 685 13.98 5.52 -39.39
CA ALA B 685 14.58 4.21 -39.23
C ALA B 685 15.34 4.14 -37.91
N ASN B 686 15.39 2.92 -37.37
CA ASN B 686 16.16 2.60 -36.17
C ASN B 686 16.87 1.28 -36.43
N LEU B 687 18.10 1.15 -35.92
CA LEU B 687 18.79 -0.13 -35.84
C LEU B 687 19.42 -0.26 -34.47
N GLY B 688 19.06 -1.32 -33.76
CA GLY B 688 19.59 -1.60 -32.44
C GLY B 688 20.27 -2.96 -32.39
N VAL B 689 21.44 -3.01 -31.77
CA VAL B 689 22.19 -4.25 -31.63
C VAL B 689 22.64 -4.38 -30.19
N SER B 690 22.40 -5.55 -29.59
CA SER B 690 22.91 -5.88 -28.26
C SER B 690 23.63 -7.23 -28.35
N TRP B 691 24.90 -7.23 -28.02
CA TRP B 691 25.78 -8.35 -28.28
C TRP B 691 26.39 -8.83 -26.97
N ASP B 692 26.08 -10.07 -26.59
CA ASP B 692 26.82 -10.73 -25.52
C ASP B 692 28.14 -11.20 -26.09
N THR B 693 29.23 -10.61 -25.63
CA THR B 693 30.53 -10.97 -26.14
C THR B 693 30.86 -12.40 -25.77
N PRO B 694 31.21 -13.27 -26.73
CA PRO B 694 31.81 -14.55 -26.33
C PRO B 694 33.20 -14.38 -25.71
N PHE B 695 33.80 -13.19 -25.80
CA PHE B 695 35.22 -13.03 -25.45
C PHE B 695 35.48 -12.25 -24.16
N VAL B 696 34.47 -11.94 -23.36
CA VAL B 696 34.61 -11.57 -21.96
C VAL B 696 33.34 -12.03 -21.26
N ASP B 697 33.51 -12.69 -20.12
CA ASP B 697 32.41 -13.33 -19.43
C ASP B 697 31.50 -12.28 -18.79
N GLY B 698 30.25 -12.25 -19.21
CA GLY B 698 29.26 -11.34 -18.68
C GLY B 698 29.27 -9.95 -19.29
N LEU B 699 30.02 -9.74 -20.35
CA LEU B 699 30.13 -8.41 -20.95
C LEU B 699 29.23 -8.33 -22.15
N THR B 700 28.35 -7.33 -22.15
CA THR B 700 27.38 -7.10 -23.22
C THR B 700 27.61 -5.69 -23.77
N LEU B 701 27.65 -5.57 -25.09
CA LEU B 701 27.87 -4.30 -25.75
C LEU B 701 26.66 -3.98 -26.61
N ASP B 702 26.27 -2.72 -26.59
CA ASP B 702 25.07 -2.25 -27.26
C ASP B 702 25.42 -1.03 -28.10
N SER B 703 24.76 -0.94 -29.25
CA SER B 703 24.83 0.24 -30.10
C SER B 703 23.46 0.42 -30.73
N ARG B 704 23.10 1.66 -30.97
CA ARG B 704 21.82 1.99 -31.60
C ARG B 704 22.06 3.12 -32.57
N TRP B 705 21.30 3.10 -33.66
CA TRP B 705 21.37 4.16 -34.66
C TRP B 705 19.94 4.59 -34.97
N ILE B 706 19.65 5.87 -34.74
CA ILE B 706 18.32 6.44 -34.96
C ILE B 706 18.43 7.47 -36.07
N TYR B 707 17.53 7.37 -37.05
CA TYR B 707 17.54 8.23 -38.22
C TYR B 707 16.17 8.86 -38.39
N THR B 708 16.16 10.13 -38.74
CA THR B 708 14.92 10.81 -39.04
C THR B 708 15.17 11.67 -40.26
N GLY B 709 14.37 11.47 -41.31
CA GLY B 709 14.47 12.28 -42.50
C GLY B 709 14.08 13.73 -42.24
N SER B 710 14.21 14.54 -43.30
CA SER B 710 13.83 15.93 -43.20
C SER B 710 12.31 16.05 -43.08
N ALA B 711 11.89 17.19 -42.55
CA ALA B 711 10.47 17.46 -42.32
C ALA B 711 10.25 18.97 -42.37
N TYR B 712 8.99 19.36 -42.38
CA TYR B 712 8.62 20.76 -42.48
C TYR B 712 7.92 21.22 -41.20
N VAL B 713 8.09 22.51 -40.88
CA VAL B 713 7.39 23.11 -39.74
C VAL B 713 6.16 23.91 -40.16
N ASP B 714 5.98 24.18 -41.45
CA ASP B 714 4.86 24.98 -41.93
C ASP B 714 4.04 24.21 -42.94
N SER B 715 2.75 24.56 -43.01
CA SER B 715 1.83 23.89 -43.92
C SER B 715 2.17 24.16 -45.38
N ALA B 716 2.74 25.34 -45.69
CA ALA B 716 3.15 25.60 -47.06
C ALA B 716 4.40 24.84 -47.46
N ASN B 717 5.05 24.18 -46.50
CA ASN B 717 6.28 23.41 -46.74
C ASN B 717 7.42 24.29 -47.22
N ALA B 718 7.42 25.56 -46.82
CA ALA B 718 8.50 26.47 -47.19
C ALA B 718 9.64 26.48 -46.19
N LEU B 719 9.48 25.84 -45.03
CA LEU B 719 10.47 25.85 -43.96
C LEU B 719 10.83 24.40 -43.63
N ALA B 720 11.89 23.90 -44.25
CA ALA B 720 12.34 22.54 -44.03
C ALA B 720 13.40 22.51 -42.93
N VAL B 721 13.37 21.47 -42.12
CA VAL B 721 14.49 21.25 -41.22
C VAL B 721 15.21 20.00 -41.69
N PRO B 722 16.52 19.91 -41.47
CA PRO B 722 17.29 18.79 -42.02
C PRO B 722 16.95 17.48 -41.33
N HIS B 723 17.37 16.39 -41.98
CA HIS B 723 17.34 15.06 -41.39
C HIS B 723 18.34 14.98 -40.26
N TRP B 724 18.26 13.92 -39.46
CA TRP B 724 19.26 13.78 -38.41
C TRP B 724 19.48 12.32 -38.06
N ASN B 725 20.63 12.09 -37.42
CA ASN B 725 21.11 10.80 -36.99
C ASN B 725 21.52 10.91 -35.53
N ARG B 726 21.16 9.90 -34.75
CA ARG B 726 21.66 9.79 -33.38
C ARG B 726 22.27 8.41 -33.21
N VAL B 727 23.41 8.36 -32.55
CA VAL B 727 24.10 7.12 -32.25
C VAL B 727 24.19 6.99 -30.74
N ASP B 728 23.72 5.85 -30.21
CA ASP B 728 23.88 5.53 -28.80
C ASP B 728 24.88 4.38 -28.67
N LEU B 729 25.68 4.41 -27.60
CA LEU B 729 26.53 3.27 -27.25
C LEU B 729 26.27 2.88 -25.81
N GLY B 730 26.22 1.58 -25.57
CA GLY B 730 25.97 1.05 -24.24
C GLY B 730 26.86 -0.12 -23.90
N ALA B 731 26.93 -0.40 -22.60
CA ALA B 731 27.70 -1.52 -22.11
C ALA B 731 27.12 -1.94 -20.78
N ALA B 732 27.08 -3.25 -20.55
CA ALA B 732 26.72 -3.82 -19.27
C ALA B 732 27.76 -4.88 -18.93
N TYR B 733 28.26 -4.84 -17.70
CA TYR B 733 29.24 -5.83 -17.25
C TYR B 733 28.70 -6.55 -16.02
N ALA B 734 28.42 -7.84 -16.16
CA ALA B 734 27.76 -8.63 -15.12
C ALA B 734 28.79 -9.44 -14.34
N PHE B 735 28.79 -9.34 -13.02
CA PHE B 735 29.80 -10.03 -12.22
C PHE B 735 29.23 -10.36 -10.84
N GLN B 736 30.07 -10.93 -10.00
CA GLN B 736 29.64 -11.41 -8.70
C GLN B 736 30.57 -10.92 -7.59
N VAL B 737 29.97 -10.60 -6.44
CA VAL B 737 30.68 -10.18 -5.24
C VAL B 737 30.00 -10.84 -4.06
N ALA B 738 30.72 -11.73 -3.38
CA ALA B 738 30.19 -12.44 -2.21
C ALA B 738 28.93 -13.21 -2.55
N GLY B 739 28.95 -13.88 -3.71
CA GLY B 739 27.83 -14.66 -4.17
C GLY B 739 26.65 -13.86 -4.69
N LYS B 740 26.71 -12.52 -4.61
CA LYS B 740 25.61 -11.67 -5.03
C LYS B 740 25.82 -11.18 -6.45
N PRO B 741 24.83 -11.29 -7.33
CA PRO B 741 24.98 -10.74 -8.69
C PRO B 741 25.02 -9.22 -8.67
N LEU B 742 26.01 -8.66 -9.38
CA LEU B 742 26.08 -7.23 -9.60
C LEU B 742 26.18 -6.97 -11.09
N VAL B 743 25.60 -5.87 -11.54
CA VAL B 743 25.73 -5.44 -12.93
C VAL B 743 26.12 -3.99 -12.95
N ALA B 744 27.21 -3.68 -13.67
CA ALA B 744 27.62 -2.31 -13.92
C ALA B 744 27.24 -1.95 -15.34
N ARG B 745 26.66 -0.77 -15.52
CA ARG B 745 26.14 -0.37 -16.82
C ARG B 745 26.63 1.02 -17.19
N ALA B 746 26.76 1.22 -18.50
CA ALA B 746 27.04 2.53 -19.10
C ALA B 746 26.17 2.70 -20.32
N ASN B 747 25.46 3.84 -20.39
CA ASN B 747 24.74 4.23 -21.59
C ASN B 747 25.24 5.60 -22.03
N LEU B 748 25.62 5.70 -23.31
CA LEU B 748 26.05 6.96 -23.91
C LEU B 748 25.02 7.30 -24.97
N GLU B 749 24.13 8.24 -24.66
CA GLU B 749 23.12 8.64 -25.61
C GLU B 749 23.64 9.79 -26.46
N ASN B 750 23.33 9.73 -27.76
CA ASN B 750 23.81 10.73 -28.71
C ASN B 750 25.35 10.81 -28.67
N ALA B 751 26.00 9.66 -28.87
CA ALA B 751 27.44 9.56 -28.66
C ALA B 751 28.24 10.58 -29.46
N LEU B 752 27.76 10.96 -30.63
CA LEU B 752 28.50 11.90 -31.47
C LEU B 752 28.25 13.35 -31.10
N GLY B 753 27.35 13.65 -30.17
CA GLY B 753 27.09 15.03 -29.87
C GLY B 753 26.43 15.79 -31.00
N LYS B 754 25.53 15.14 -31.73
CA LYS B 754 24.81 15.80 -32.81
C LYS B 754 23.78 16.78 -32.26
N ASP B 755 23.63 17.92 -32.94
CA ASP B 755 22.64 18.92 -32.58
C ASP B 755 21.62 18.98 -33.71
N TYR B 756 20.35 18.76 -33.38
CA TYR B 756 19.32 18.71 -34.40
C TYR B 756 18.01 19.27 -33.85
N TRP B 757 17.16 19.72 -34.78
CA TRP B 757 15.78 20.08 -34.51
C TRP B 757 14.87 18.89 -34.78
N THR B 758 13.88 18.68 -33.91
CA THR B 758 12.76 17.79 -34.21
C THR B 758 11.56 18.65 -34.59
N ALA B 759 11.00 18.42 -35.77
CA ALA B 759 9.98 19.34 -36.26
C ALA B 759 8.59 19.03 -35.73
N ALA B 760 7.82 20.09 -35.55
CA ALA B 760 6.44 20.02 -35.14
C ALA B 760 5.65 21.00 -36.00
N ASN B 761 4.33 21.03 -35.79
CA ASN B 761 3.45 21.95 -36.50
C ASN B 761 3.59 23.33 -35.86
N GLY B 762 4.51 24.11 -36.42
CA GLY B 762 4.70 25.48 -36.00
C GLY B 762 5.83 25.69 -35.02
N TYR B 763 6.48 24.62 -34.55
CA TYR B 763 7.61 24.77 -33.64
C TYR B 763 8.59 23.61 -33.78
N LEU B 764 9.74 23.77 -33.13
CA LEU B 764 10.85 22.85 -33.18
C LEU B 764 11.35 22.57 -31.77
N SER B 765 11.68 21.31 -31.49
CA SER B 765 12.26 20.90 -30.22
C SER B 765 13.77 20.71 -30.40
N ILE B 766 14.56 21.35 -29.56
CA ILE B 766 16.01 21.18 -29.63
C ILE B 766 16.37 19.79 -29.09
N SER B 767 17.40 19.17 -29.69
CA SER B 767 17.87 17.88 -29.25
C SER B 767 18.47 17.98 -27.84
N SER B 768 18.56 16.82 -27.16
CA SER B 768 19.35 16.64 -25.95
C SER B 768 20.83 16.42 -26.28
N PRO B 769 21.73 16.88 -25.41
CA PRO B 769 23.17 16.73 -25.66
C PRO B 769 23.64 15.31 -25.43
N ARG B 770 24.88 15.06 -25.83
CA ARG B 770 25.59 13.85 -25.40
C ARG B 770 25.38 13.64 -23.90
N THR B 771 24.94 12.45 -23.54
CA THR B 771 24.47 12.21 -22.17
C THR B 771 24.95 10.83 -21.73
N LEU B 772 25.89 10.80 -20.79
CA LEU B 772 26.43 9.54 -20.29
C LEU B 772 25.75 9.19 -18.98
N SER B 773 25.41 7.93 -18.83
CA SER B 773 24.77 7.44 -17.61
C SER B 773 25.53 6.20 -17.17
N LEU B 774 25.83 6.12 -15.87
CA LEU B 774 26.54 5.00 -15.26
C LEU B 774 25.74 4.48 -14.08
N SER B 775 25.72 3.17 -13.90
CA SER B 775 24.96 2.62 -12.80
C SER B 775 25.58 1.31 -12.35
N LEU B 776 25.27 0.94 -11.12
CA LEU B 776 25.62 -0.35 -10.55
C LEU B 776 24.39 -0.89 -9.83
N THR B 777 24.08 -2.15 -10.08
CA THR B 777 22.91 -2.81 -9.56
C THR B 777 23.34 -4.06 -8.81
N ALA B 778 22.80 -4.27 -7.62
CA ALA B 778 23.08 -5.47 -6.84
C ALA B 778 21.78 -6.15 -6.44
N ASP B 779 21.78 -7.48 -6.48
CA ASP B 779 20.63 -8.29 -6.10
C ASP B 779 20.96 -9.04 -4.83
N PHE B 780 20.31 -8.68 -3.74
CA PHE B 780 20.50 -9.38 -2.48
C PHE B 780 19.48 -10.52 -2.34
C1 EDO C . 0.11 21.22 43.35
O1 EDO C . -0.31 21.20 41.98
C2 EDO C . -1.10 21.27 44.27
O2 EDO C . -1.90 20.09 44.10
C ACT D . 4.14 11.06 43.98
O ACT D . 5.27 11.46 43.59
OXT ACT D . 3.88 10.25 44.91
CH3 ACT D . 2.87 11.65 43.24
C1 C8E E . 2.33 7.00 2.01
C2 C8E E . 1.22 6.62 1.02
C3 C8E E . 0.20 5.65 1.63
C4 C8E E . 0.19 4.30 0.91
C5 C8E E . -0.92 3.42 1.46
C6 C8E E . -1.06 2.12 0.69
C7 C8E E . -2.55 1.84 0.43
C8 C8E E . -2.77 0.41 -0.08
O9 C8E E . -4.06 -0.05 0.31
C10 C8E E . -4.63 -0.94 -0.62
C11 C8E E . -5.77 -1.72 0.04
O12 C8E E . -6.83 -0.83 0.31
C1 C8E F . 23.58 5.18 27.14
C2 C8E F . 22.20 5.40 27.77
C3 C8E F . 22.11 6.78 28.40
C4 C8E F . 20.68 7.12 28.81
C5 C8E F . 20.63 7.54 30.27
C6 C8E F . 19.91 8.87 30.42
C7 C8E F . 19.23 8.93 31.78
C8 C8E F . 19.74 10.07 32.64
O9 C8E F . 18.66 10.94 32.97
C10 C8E F . 18.06 10.68 34.23
C11 C8E F . 17.54 12.00 34.80
O12 C8E F . 16.69 11.82 35.92
C13 C8E F . 15.40 11.41 35.54
C14 C8E F . 14.46 12.61 35.62
O15 C8E F . 15.01 13.49 36.58
C6 C8E G . 1.98 -25.66 31.07
C7 C8E G . 1.11 -24.40 31.16
C8 C8E G . 1.99 -23.16 31.01
O9 C8E G . 1.47 -22.35 29.98
C10 C8E G . 2.20 -21.14 29.88
C11 C8E G . 1.79 -20.36 28.63
O12 C8E G . 2.76 -20.49 27.62
C13 C8E G . 2.40 -21.51 26.71
C14 C8E G . 3.63 -22.33 26.40
O15 C8E G . 4.64 -21.43 25.98
C16 C8E G . 5.62 -22.09 25.20
C17 C8E G . 6.85 -22.32 26.06
O18 C8E G . 6.90 -23.62 26.58
C19 C8E G . 8.16 -24.21 26.33
C20 C8E G . 8.65 -24.92 27.59
O21 C8E G . 8.42 -24.11 28.72
C1 C8E H . -13.42 3.13 47.68
C2 C8E H . -14.06 1.89 47.06
C3 C8E H . -13.08 0.72 46.95
C4 C8E H . -11.89 0.84 47.91
C5 C8E H . -11.00 -0.40 47.91
C6 C8E H . -11.07 -1.18 46.60
C7 C8E H . -10.03 -2.30 46.50
C8 C8E H . -8.90 -2.12 47.51
O9 C8E H . -8.93 -3.19 48.45
C10 C8E H . -7.77 -3.22 49.26
C11 C8E H . -8.19 -3.43 50.71
O12 C8E H . -8.07 -4.78 51.09
C13 C8E H . -7.05 -4.99 52.06
C14 C8E H . -6.53 -6.42 52.01
O15 C8E H . -5.27 -6.49 51.36
C1 EDO I . -0.61 15.53 -35.49
O1 EDO I . -1.97 15.99 -35.48
C2 EDO I . 0.35 16.57 -36.08
O2 EDO I . 1.63 15.93 -36.21
C ACT J . 25.83 1.78 -34.62
O ACT J . 26.93 1.78 -34.02
OXT ACT J . 24.91 0.91 -34.59
CH3 ACT J . 25.55 3.04 -35.53
C1 EDO K . -15.75 -8.38 -10.69
O1 EDO K . -16.08 -7.05 -10.29
C2 EDO K . -14.25 -8.51 -10.45
O2 EDO K . -13.97 -8.08 -9.12
C ACT L . 28.73 -2.65 -30.75
O ACT L . 29.07 -1.93 -29.76
OXT ACT L . 27.57 -2.96 -31.14
CH3 ACT L . 29.92 -3.25 -31.62
C1 C8E M . 3.40 2.98 -1.00
C2 C8E M . 4.25 4.17 -1.40
C3 C8E M . 3.78 4.70 -2.75
C4 C8E M . 2.90 5.93 -2.57
C5 C8E M . 1.54 5.62 -3.18
C6 C8E M . 0.88 6.85 -3.75
C7 C8E M . -0.58 6.67 -3.43
C8 C8E M . -1.48 7.32 -4.47
O9 C8E M . -2.45 8.09 -3.81
C10 C8E M . -3.73 7.76 -4.31
C11 C8E M . -4.10 8.70 -5.45
O12 C8E M . -5.25 9.39 -5.06
C13 C8E M . -6.24 9.46 -6.07
C14 C8E M . -7.25 10.51 -5.63
O15 C8E M . -7.54 11.35 -6.72
C1 C8E N . 30.56 -0.48 -17.55
C2 C8E N . 30.82 0.91 -16.95
C3 C8E N . 31.35 0.85 -15.51
C4 C8E N . 30.78 1.98 -14.64
C5 C8E N . 30.05 1.50 -13.38
C6 C8E N . 30.19 2.54 -12.25
C7 C8E N . 28.86 2.90 -11.60
C8 C8E N . 28.89 4.31 -11.01
O9 C8E N . 27.69 4.60 -10.31
C10 C8E N . 27.95 5.40 -9.16
C11 C8E N . 26.64 5.98 -8.64
O12 C8E N . 26.84 7.16 -7.88
C13 C8E N . 27.52 6.93 -6.67
C14 C8E N . 26.52 6.30 -5.69
O15 C8E N . 26.54 6.99 -4.47
C1 C8E O . -1.03 27.08 -25.53
C2 C8E O . -0.82 25.94 -26.53
C3 C8E O . -0.74 26.44 -27.98
C4 C8E O . 0.33 27.50 -28.18
C5 C8E O . 1.39 27.07 -29.19
C6 C8E O . 2.72 26.76 -28.52
C7 C8E O . 3.31 25.48 -29.09
C8 C8E O . 4.26 24.84 -28.09
O9 C8E O . 3.74 23.58 -27.68
C10 C8E O . 4.51 23.03 -26.63
C11 C8E O . 3.81 21.84 -25.98
O12 C8E O . 3.35 22.16 -24.68
C13 C8E O . 2.27 23.04 -24.74
C14 C8E O . 2.47 24.04 -23.62
O15 C8E O . 2.96 23.30 -22.54
C16 C8E O . 2.71 23.95 -21.32
C17 C8E O . 3.94 24.79 -20.97
O18 C8E O . 3.89 25.98 -21.70
C19 C8E O . 4.44 27.07 -20.99
C20 C8E O . 4.86 28.12 -22.02
O21 C8E O . 6.24 28.38 -21.89
#